data_6X46
#
_entry.id   6X46
#
loop_
_entity.id
_entity.type
_entity.pdbx_description
1 polymer 'Gametocyte-specific factor 1'
2 non-polymer 'ZINC ION'
#
_entity_poly.entity_id   1
_entity_poly.type   'polypeptide(L)'
_entity_poly.pdbx_seq_one_letter_code
;MEDTYIDSLDPEKLLQCPYDKNHQIRASRFPYHLIKCRKNHPDVANKLATCPFNARHQVPRAEISHHISSCDDKSSIEQD
VVNQTRNLGQETLAESTWQSPPSDEDWDKDLWEQTENLYFQ
;
_entity_poly.pdbx_strand_id   A
#
loop_
_chem_comp.id
_chem_comp.type
_chem_comp.name
_chem_comp.formula
ZN non-polymer 'ZINC ION' 'Zn 2'
#
# COMPACT_ATOMS: atom_id res chain seq x y z
N MET A 1 3.50 -8.93 -31.53
CA MET A 1 2.42 -9.03 -30.51
C MET A 1 1.14 -9.58 -31.15
N GLU A 2 1.24 -9.94 -32.42
CA GLU A 2 0.17 -10.62 -33.12
C GLU A 2 0.75 -11.85 -33.82
N ASP A 3 1.68 -12.48 -33.13
CA ASP A 3 2.45 -13.57 -33.68
C ASP A 3 1.74 -14.90 -33.44
N THR A 4 2.22 -15.94 -34.10
CA THR A 4 1.61 -17.25 -34.01
C THR A 4 2.16 -18.05 -32.83
N TYR A 5 2.93 -17.37 -31.99
CA TYR A 5 3.49 -17.98 -30.79
C TYR A 5 3.22 -17.09 -29.58
N ILE A 6 2.22 -17.48 -28.80
CA ILE A 6 1.82 -16.71 -27.64
C ILE A 6 2.79 -16.93 -26.47
N ASP A 7 3.04 -15.86 -25.73
CA ASP A 7 3.92 -15.91 -24.57
C ASP A 7 3.14 -16.29 -23.32
N SER A 8 3.85 -16.67 -22.27
CA SER A 8 3.24 -17.08 -21.00
C SER A 8 2.49 -18.40 -21.15
N LEU A 9 3.18 -19.50 -20.90
CA LEU A 9 2.58 -20.83 -20.99
C LEU A 9 1.80 -21.14 -19.72
N ASP A 10 2.02 -20.34 -18.69
CA ASP A 10 1.24 -20.42 -17.46
C ASP A 10 -0.17 -19.90 -17.73
N PRO A 11 -1.17 -20.41 -16.99
CA PRO A 11 -2.57 -19.96 -17.12
C PRO A 11 -2.80 -18.59 -16.48
N GLU A 12 -1.81 -17.71 -16.63
CA GLU A 12 -1.83 -16.37 -16.03
C GLU A 12 -1.80 -16.45 -14.51
N LYS A 13 -0.69 -16.06 -13.92
CA LYS A 13 -0.49 -16.15 -12.49
C LYS A 13 -1.31 -15.09 -11.75
N LEU A 14 -1.65 -15.40 -10.50
CA LEU A 14 -2.42 -14.51 -9.66
C LEU A 14 -1.49 -13.76 -8.73
N LEU A 15 -1.51 -12.44 -8.81
CA LEU A 15 -0.68 -11.61 -7.96
C LEU A 15 -1.48 -11.14 -6.75
N GLN A 16 -0.84 -11.18 -5.59
CA GLN A 16 -1.49 -10.81 -4.35
C GLN A 16 -1.55 -9.29 -4.23
N CYS A 17 -2.66 -8.80 -3.67
CA CYS A 17 -2.88 -7.37 -3.54
C CYS A 17 -2.31 -6.84 -2.23
N PRO A 18 -1.46 -5.81 -2.30
CA PRO A 18 -0.87 -5.18 -1.11
C PRO A 18 -1.91 -4.43 -0.28
N TYR A 19 -3.04 -4.10 -0.91
CA TYR A 19 -4.09 -3.36 -0.24
C TYR A 19 -4.97 -4.29 0.58
N ASP A 20 -5.19 -5.49 0.05
CA ASP A 20 -6.01 -6.48 0.73
C ASP A 20 -5.63 -7.87 0.25
N LYS A 21 -5.39 -8.76 1.20
CA LYS A 21 -4.87 -10.09 0.89
C LYS A 21 -5.96 -10.98 0.28
N ASN A 22 -7.20 -10.52 0.30
CA ASN A 22 -8.30 -11.28 -0.27
C ASN A 22 -8.44 -11.00 -1.75
N HIS A 23 -7.54 -10.20 -2.31
CA HIS A 23 -7.57 -9.90 -3.73
C HIS A 23 -6.44 -10.63 -4.43
N GLN A 24 -6.80 -11.53 -5.33
CA GLN A 24 -5.83 -12.22 -6.17
C GLN A 24 -6.17 -11.96 -7.62
N ILE A 25 -5.44 -11.05 -8.24
CA ILE A 25 -5.74 -10.60 -9.59
C ILE A 25 -4.67 -11.06 -10.56
N ARG A 26 -5.12 -11.47 -11.75
CA ARG A 26 -4.22 -11.96 -12.80
C ARG A 26 -3.17 -10.91 -13.16
N ALA A 27 -1.96 -11.38 -13.48
CA ALA A 27 -0.81 -10.50 -13.68
C ALA A 27 -1.12 -9.33 -14.62
N SER A 28 -1.71 -9.62 -15.77
CA SER A 28 -1.97 -8.60 -16.78
C SER A 28 -2.99 -7.57 -16.30
N ARG A 29 -3.84 -7.95 -15.36
CA ARG A 29 -4.88 -7.06 -14.87
C ARG A 29 -4.50 -6.46 -13.52
N PHE A 30 -3.34 -6.88 -13.01
CA PHE A 30 -2.89 -6.44 -11.69
C PHE A 30 -2.61 -4.94 -11.65
N PRO A 31 -1.86 -4.37 -12.61
CA PRO A 31 -1.57 -2.93 -12.66
C PRO A 31 -2.84 -2.09 -12.56
N TYR A 32 -3.89 -2.54 -13.25
CA TYR A 32 -5.17 -1.83 -13.24
C TYR A 32 -5.81 -1.93 -11.85
N HIS A 33 -5.70 -3.10 -11.23
CA HIS A 33 -6.24 -3.30 -9.89
C HIS A 33 -5.44 -2.48 -8.89
N LEU A 34 -4.16 -2.31 -9.18
CA LEU A 34 -3.28 -1.53 -8.33
C LEU A 34 -3.73 -0.07 -8.29
N ILE A 35 -4.22 0.40 -9.42
CA ILE A 35 -4.68 1.77 -9.56
C ILE A 35 -6.03 1.98 -8.85
N LYS A 36 -7.00 1.14 -9.15
CA LYS A 36 -8.34 1.31 -8.62
C LYS A 36 -8.41 0.98 -7.12
N CYS A 37 -7.69 -0.05 -6.71
CA CYS A 37 -7.79 -0.55 -5.34
C CYS A 37 -7.25 0.46 -4.33
N ARG A 38 -6.25 1.25 -4.72
CA ARG A 38 -5.72 2.26 -3.82
C ARG A 38 -6.69 3.43 -3.67
N LYS A 39 -7.50 3.65 -4.71
CA LYS A 39 -8.50 4.71 -4.67
C LYS A 39 -9.60 4.37 -3.68
N ASN A 40 -9.76 3.08 -3.40
CA ASN A 40 -10.73 2.62 -2.41
C ASN A 40 -10.11 2.58 -1.02
N HIS A 41 -8.84 2.95 -0.95
CA HIS A 41 -8.11 2.93 0.32
C HIS A 41 -7.27 4.21 0.44
N PRO A 42 -7.91 5.32 0.85
CA PRO A 42 -7.27 6.63 0.94
C PRO A 42 -6.04 6.64 1.85
N ASP A 43 -5.99 5.70 2.77
CA ASP A 43 -4.88 5.56 3.71
C ASP A 43 -3.58 5.27 2.96
N VAL A 44 -3.68 4.46 1.92
CA VAL A 44 -2.52 4.08 1.13
C VAL A 44 -2.41 4.94 -0.13
N ALA A 45 -3.55 5.48 -0.56
CA ALA A 45 -3.58 6.35 -1.73
C ALA A 45 -2.76 7.61 -1.50
N ASN A 46 -2.81 8.13 -0.28
CA ASN A 46 -2.06 9.33 0.09
C ASN A 46 -0.63 8.97 0.48
N LYS A 47 -0.27 7.70 0.24
CA LYS A 47 1.08 7.19 0.51
C LYS A 47 1.39 7.16 2.01
N LEU A 48 2.42 6.42 2.35
CA LEU A 48 2.82 6.26 3.75
C LEU A 48 4.06 7.09 4.04
N ALA A 49 4.08 7.70 5.21
CA ALA A 49 5.20 8.49 5.65
C ALA A 49 5.91 7.79 6.81
N THR A 50 7.21 7.99 6.90
CA THR A 50 8.01 7.33 7.93
C THR A 50 8.14 8.22 9.16
N CYS A 51 7.79 7.66 10.31
CA CYS A 51 7.91 8.37 11.58
C CYS A 51 9.37 8.66 11.89
N PRO A 52 9.69 9.93 12.19
CA PRO A 52 11.05 10.33 12.56
C PRO A 52 11.47 9.81 13.93
N PHE A 53 10.52 9.17 14.62
CA PHE A 53 10.78 8.63 15.94
C PHE A 53 10.97 7.11 15.87
N ASN A 54 10.51 6.51 14.78
CA ASN A 54 10.52 5.05 14.65
C ASN A 54 10.14 4.64 13.23
N ALA A 55 10.94 3.77 12.63
CA ALA A 55 10.76 3.40 11.22
C ALA A 55 9.62 2.42 11.03
N ARG A 56 9.18 1.79 12.11
CA ARG A 56 8.07 0.85 12.04
C ARG A 56 6.73 1.58 11.98
N HIS A 57 6.76 2.88 12.30
CA HIS A 57 5.54 3.66 12.29
C HIS A 57 5.31 4.31 10.93
N GLN A 58 4.82 3.53 9.98
CA GLN A 58 4.45 4.08 8.69
C GLN A 58 2.97 4.41 8.71
N VAL A 59 2.66 5.68 8.56
CA VAL A 59 1.28 6.14 8.62
C VAL A 59 0.93 6.93 7.37
N PRO A 60 -0.35 7.01 7.02
CA PRO A 60 -0.79 7.84 5.89
C PRO A 60 -0.30 9.28 6.03
N ARG A 61 0.15 9.86 4.92
CA ARG A 61 0.70 11.22 4.92
C ARG A 61 -0.28 12.25 5.46
N ALA A 62 -1.56 11.89 5.51
CA ALA A 62 -2.57 12.79 6.06
C ALA A 62 -2.61 12.70 7.59
N GLU A 63 -2.10 11.60 8.13
CA GLU A 63 -2.12 11.36 9.57
C GLU A 63 -0.75 11.53 10.20
N ILE A 64 0.28 11.73 9.37
CA ILE A 64 1.65 11.87 9.86
C ILE A 64 1.76 13.04 10.84
N SER A 65 1.04 14.11 10.57
CA SER A 65 1.05 15.29 11.40
C SER A 65 0.50 14.98 12.79
N HIS A 66 -0.62 14.27 12.83
CA HIS A 66 -1.24 13.88 14.09
C HIS A 66 -0.36 12.87 14.82
N HIS A 67 0.29 11.99 14.07
CA HIS A 67 1.12 10.96 14.66
C HIS A 67 2.34 11.57 15.34
N ILE A 68 2.88 12.65 14.76
CA ILE A 68 4.06 13.30 15.33
C ILE A 68 3.78 13.82 16.74
N SER A 69 2.63 14.44 16.93
CA SER A 69 2.25 14.96 18.24
C SER A 69 1.89 13.83 19.19
N SER A 70 1.41 12.73 18.63
CA SER A 70 1.01 11.56 19.41
C SER A 70 2.20 10.60 19.58
N CYS A 71 3.35 11.00 19.07
CA CYS A 71 4.55 10.17 19.14
C CYS A 71 5.73 11.02 19.61
N ASP A 72 5.43 12.03 20.42
CA ASP A 72 6.44 12.96 20.89
C ASP A 72 7.39 12.28 21.86
N ASP A 73 6.82 11.55 22.80
CA ASP A 73 7.60 10.76 23.75
C ASP A 73 7.67 9.32 23.27
N LYS A 74 7.28 9.12 22.01
CA LYS A 74 7.29 7.81 21.38
C LYS A 74 6.28 6.86 22.03
N SER A 75 6.42 5.57 21.71
CA SER A 75 5.56 4.53 22.28
C SER A 75 4.10 4.76 21.90
N SER A 76 3.86 5.19 20.67
CA SER A 76 2.52 5.39 20.18
C SER A 76 1.85 4.05 19.91
N ILE A 77 0.96 3.65 20.79
CA ILE A 77 0.34 2.34 20.71
C ILE A 77 -0.91 2.38 19.83
N GLU A 78 -0.80 1.80 18.65
CA GLU A 78 -1.91 1.72 17.72
C GLU A 78 -2.20 0.27 17.37
N GLN A 79 -3.34 -0.24 17.87
CA GLN A 79 -3.75 -1.61 17.63
C GLN A 79 -2.72 -2.60 18.17
N ASP A 80 -2.24 -2.33 19.37
CA ASP A 80 -1.20 -3.15 19.99
C ASP A 80 -1.41 -3.27 21.48
ZN ZN B . -7.04 -5.08 -4.14
ZN ZN C . 5.77 7.15 15.64
N MET A 1 -22.58 -26.86 -32.45
CA MET A 1 -21.23 -27.33 -32.81
C MET A 1 -20.24 -26.17 -32.75
N GLU A 2 -20.35 -25.35 -31.71
CA GLU A 2 -19.48 -24.19 -31.55
C GLU A 2 -19.46 -23.76 -30.09
N ASP A 3 -18.79 -24.56 -29.27
CA ASP A 3 -18.63 -24.26 -27.85
C ASP A 3 -17.46 -23.31 -27.64
N THR A 4 -16.34 -23.64 -28.26
CA THR A 4 -15.14 -22.83 -28.14
C THR A 4 -15.08 -21.80 -29.28
N TYR A 5 -14.52 -20.64 -28.98
CA TYR A 5 -14.40 -19.58 -29.95
C TYR A 5 -12.94 -19.19 -30.10
N ILE A 6 -12.12 -20.17 -30.47
CA ILE A 6 -10.66 -20.02 -30.53
C ILE A 6 -10.08 -19.95 -29.12
N ASP A 7 -10.54 -18.97 -28.33
CA ASP A 7 -10.16 -18.85 -26.92
C ASP A 7 -8.65 -18.85 -26.75
N SER A 8 -7.97 -18.07 -27.57
CA SER A 8 -6.52 -18.00 -27.54
C SER A 8 -6.05 -17.16 -26.35
N LEU A 9 -5.76 -17.83 -25.25
CA LEU A 9 -5.29 -17.18 -24.04
C LEU A 9 -4.64 -18.19 -23.12
N ASP A 10 -3.60 -17.77 -22.42
CA ASP A 10 -2.88 -18.65 -21.51
C ASP A 10 -3.24 -18.33 -20.07
N PRO A 11 -3.35 -19.36 -19.21
CA PRO A 11 -3.63 -19.18 -17.78
C PRO A 11 -2.54 -18.38 -17.09
N GLU A 12 -2.87 -17.17 -16.67
CA GLU A 12 -1.89 -16.25 -16.09
C GLU A 12 -1.49 -16.66 -14.70
N LYS A 13 -0.49 -15.96 -14.18
CA LYS A 13 -0.10 -16.11 -12.78
C LYS A 13 -0.92 -15.15 -11.94
N LEU A 14 -1.32 -15.62 -10.76
CA LEU A 14 -2.16 -14.83 -9.88
C LEU A 14 -1.32 -14.09 -8.85
N LEU A 15 -1.54 -12.79 -8.74
CA LEU A 15 -0.76 -11.94 -7.85
C LEU A 15 -1.61 -11.48 -6.68
N GLN A 16 -0.96 -11.21 -5.56
CA GLN A 16 -1.64 -10.76 -4.36
C GLN A 16 -1.68 -9.24 -4.28
N CYS A 17 -2.76 -8.71 -3.73
CA CYS A 17 -2.95 -7.28 -3.62
C CYS A 17 -2.32 -6.75 -2.33
N PRO A 18 -1.50 -5.69 -2.43
CA PRO A 18 -0.80 -5.10 -1.29
C PRO A 18 -1.73 -4.30 -0.38
N TYR A 19 -2.96 -4.08 -0.82
CA TYR A 19 -3.92 -3.34 -0.03
C TYR A 19 -4.87 -4.28 0.71
N ASP A 20 -4.96 -5.51 0.21
CA ASP A 20 -5.86 -6.50 0.78
C ASP A 20 -5.52 -7.88 0.23
N LYS A 21 -5.15 -8.80 1.10
CA LYS A 21 -4.69 -10.13 0.69
C LYS A 21 -5.84 -10.99 0.15
N ASN A 22 -7.07 -10.52 0.28
CA ASN A 22 -8.21 -11.27 -0.24
C ASN A 22 -8.40 -10.99 -1.72
N HIS A 23 -7.56 -10.14 -2.28
CA HIS A 23 -7.65 -9.82 -3.70
C HIS A 23 -6.56 -10.56 -4.45
N GLN A 24 -6.99 -11.46 -5.32
CA GLN A 24 -6.08 -12.24 -6.15
C GLN A 24 -6.41 -11.98 -7.62
N ILE A 25 -5.55 -11.22 -8.28
CA ILE A 25 -5.83 -10.75 -9.63
C ILE A 25 -4.76 -11.24 -10.62
N ARG A 26 -5.20 -11.59 -11.82
CA ARG A 26 -4.31 -12.03 -12.89
C ARG A 26 -3.28 -10.95 -13.22
N ALA A 27 -2.05 -11.37 -13.52
CA ALA A 27 -0.92 -10.46 -13.65
C ALA A 27 -1.20 -9.25 -14.54
N SER A 28 -1.77 -9.46 -15.72
CA SER A 28 -1.97 -8.39 -16.68
C SER A 28 -2.96 -7.33 -16.16
N ARG A 29 -3.79 -7.73 -15.21
CA ARG A 29 -4.82 -6.85 -14.70
C ARG A 29 -4.44 -6.31 -13.33
N PHE A 30 -3.34 -6.82 -12.78
CA PHE A 30 -2.86 -6.41 -11.47
C PHE A 30 -2.50 -4.92 -11.42
N PRO A 31 -1.72 -4.38 -12.38
CA PRO A 31 -1.39 -2.94 -12.41
C PRO A 31 -2.63 -2.07 -12.43
N TYR A 32 -3.67 -2.56 -13.07
CA TYR A 32 -4.94 -1.83 -13.15
C TYR A 32 -5.68 -1.91 -11.82
N HIS A 33 -5.65 -3.09 -11.20
CA HIS A 33 -6.26 -3.28 -9.89
C HIS A 33 -5.52 -2.44 -8.86
N LEU A 34 -4.22 -2.25 -9.09
CA LEU A 34 -3.40 -1.43 -8.20
C LEU A 34 -3.96 0.00 -8.15
N ILE A 35 -4.25 0.55 -9.31
CA ILE A 35 -4.78 1.92 -9.40
C ILE A 35 -6.20 1.99 -8.83
N LYS A 36 -7.02 1.04 -9.25
CA LYS A 36 -8.42 0.99 -8.86
C LYS A 36 -8.58 0.79 -7.35
N CYS A 37 -7.81 -0.14 -6.81
CA CYS A 37 -7.91 -0.51 -5.40
C CYS A 37 -7.34 0.62 -4.52
N ARG A 38 -6.35 1.32 -5.08
CA ARG A 38 -5.68 2.41 -4.37
C ARG A 38 -6.65 3.52 -4.01
N LYS A 39 -7.60 3.80 -4.89
CA LYS A 39 -8.57 4.86 -4.65
C LYS A 39 -9.66 4.38 -3.68
N ASN A 40 -9.73 3.08 -3.48
CA ASN A 40 -10.69 2.51 -2.54
C ASN A 40 -10.07 2.36 -1.15
N HIS A 41 -8.75 2.55 -1.07
CA HIS A 41 -8.05 2.47 0.20
C HIS A 41 -7.00 3.57 0.33
N PRO A 42 -7.41 4.86 0.24
CA PRO A 42 -6.48 5.99 0.28
C PRO A 42 -5.86 6.17 1.65
N ASP A 43 -6.60 5.74 2.67
CA ASP A 43 -6.17 5.89 4.05
C ASP A 43 -4.86 5.16 4.31
N VAL A 44 -4.65 4.06 3.61
CA VAL A 44 -3.42 3.29 3.75
C VAL A 44 -2.47 3.58 2.59
N ALA A 45 -3.04 3.73 1.40
CA ALA A 45 -2.24 3.99 0.20
C ALA A 45 -1.46 5.30 0.31
N ASN A 46 -2.08 6.30 0.91
CA ASN A 46 -1.45 7.61 1.05
C ASN A 46 -0.81 7.75 2.42
N LYS A 47 -0.90 6.66 3.21
CA LYS A 47 -0.35 6.60 4.56
C LYS A 47 -0.94 7.71 5.43
N LEU A 48 -2.26 7.79 5.48
CA LEU A 48 -2.94 8.87 6.16
C LEU A 48 -3.26 8.51 7.60
N ALA A 49 -3.34 9.54 8.43
CA ALA A 49 -3.73 9.40 9.83
C ALA A 49 -4.78 10.43 10.17
N THR A 50 -5.58 10.15 11.18
CA THR A 50 -6.67 11.01 11.56
C THR A 50 -6.26 11.98 12.66
N CYS A 51 -6.55 13.26 12.44
CA CYS A 51 -6.30 14.30 13.44
C CYS A 51 -7.20 14.08 14.65
N PRO A 52 -6.63 14.12 15.85
CA PRO A 52 -7.39 13.91 17.10
C PRO A 52 -8.28 15.09 17.43
N PHE A 53 -8.15 16.16 16.65
CA PHE A 53 -8.96 17.35 16.86
C PHE A 53 -10.13 17.40 15.88
N ASN A 54 -9.95 16.76 14.72
CA ASN A 54 -10.94 16.81 13.66
C ASN A 54 -10.68 15.70 12.65
N ALA A 55 -11.74 14.98 12.29
CA ALA A 55 -11.62 13.78 11.46
C ALA A 55 -11.40 14.13 9.99
N ARG A 56 -11.62 15.39 9.63
CA ARG A 56 -11.46 15.81 8.24
C ARG A 56 -10.01 16.17 7.96
N HIS A 57 -9.18 16.17 9.00
CA HIS A 57 -7.76 16.45 8.85
C HIS A 57 -6.98 15.15 8.70
N GLN A 58 -7.04 14.57 7.53
CA GLN A 58 -6.27 13.36 7.27
C GLN A 58 -4.94 13.74 6.62
N VAL A 59 -3.86 13.45 7.31
CA VAL A 59 -2.52 13.78 6.84
C VAL A 59 -1.61 12.57 6.95
N PRO A 60 -0.56 12.50 6.12
CA PRO A 60 0.41 11.40 6.17
C PRO A 60 0.97 11.19 7.58
N ARG A 61 1.13 9.93 7.96
CA ARG A 61 1.56 9.57 9.31
C ARG A 61 2.94 10.13 9.64
N ALA A 62 3.68 10.47 8.61
CA ALA A 62 4.99 11.08 8.79
C ALA A 62 4.87 12.55 9.21
N GLU A 63 3.68 13.12 9.03
CA GLU A 63 3.45 14.52 9.37
C GLU A 63 2.30 14.69 10.35
N ILE A 64 1.72 13.58 10.81
CA ILE A 64 0.56 13.63 11.70
C ILE A 64 0.91 14.28 13.04
N SER A 65 2.07 13.95 13.58
CA SER A 65 2.49 14.47 14.87
C SER A 65 2.80 15.96 14.73
N HIS A 66 3.37 16.34 13.60
CA HIS A 66 3.68 17.73 13.33
C HIS A 66 2.40 18.54 13.16
N HIS A 67 1.37 17.90 12.60
CA HIS A 67 0.08 18.54 12.42
C HIS A 67 -0.61 18.75 13.76
N ILE A 68 -0.40 17.82 14.69
CA ILE A 68 -0.97 17.95 16.03
C ILE A 68 -0.47 19.23 16.70
N SER A 69 0.82 19.49 16.60
CA SER A 69 1.42 20.68 17.19
C SER A 69 1.14 21.92 16.34
N SER A 70 0.50 21.71 15.20
CA SER A 70 0.14 22.82 14.32
C SER A 70 -1.37 22.92 14.18
N CYS A 71 -2.09 22.27 15.09
CA CYS A 71 -3.54 22.24 15.04
C CYS A 71 -4.12 22.58 16.42
N ASP A 72 -3.44 23.46 17.15
CA ASP A 72 -3.87 23.85 18.50
C ASP A 72 -5.12 24.72 18.41
N ASP A 73 -5.33 25.32 17.24
CA ASP A 73 -6.48 26.18 16.99
C ASP A 73 -7.80 25.47 17.28
N LYS A 74 -7.80 24.14 17.16
CA LYS A 74 -9.03 23.37 17.33
C LYS A 74 -9.23 23.03 18.80
N SER A 75 -8.21 23.27 19.61
CA SER A 75 -8.27 22.99 21.03
C SER A 75 -8.24 24.29 21.82
N SER A 76 -8.47 25.40 21.13
CA SER A 76 -8.48 26.72 21.75
C SER A 76 -9.46 27.61 21.02
N ILE A 77 -10.06 28.56 21.74
CA ILE A 77 -11.01 29.47 21.14
C ILE A 77 -10.33 30.76 20.70
N GLU A 78 -9.96 30.80 19.42
CA GLU A 78 -9.34 31.98 18.84
C GLU A 78 -10.41 33.04 18.60
N GLN A 79 -10.48 34.01 19.49
CA GLN A 79 -11.47 35.07 19.39
C GLN A 79 -10.82 36.43 19.58
N ASP A 80 -11.29 37.41 18.84
CA ASP A 80 -10.75 38.76 18.92
C ASP A 80 -11.34 39.51 20.10
ZN ZN B . -7.10 -4.97 -4.09
ZN ZN C . -5.98 18.96 12.57
N MET A 1 12.17 -10.48 -22.83
CA MET A 1 12.86 -11.48 -21.99
C MET A 1 12.33 -12.88 -22.27
N GLU A 2 13.22 -13.77 -22.67
CA GLU A 2 12.84 -15.16 -22.92
C GLU A 2 13.01 -15.98 -21.65
N ASP A 3 12.06 -16.86 -21.40
CA ASP A 3 12.05 -17.65 -20.17
C ASP A 3 11.53 -19.05 -20.45
N THR A 4 10.55 -19.15 -21.35
CA THR A 4 10.00 -20.43 -21.76
C THR A 4 9.38 -20.32 -23.16
N TYR A 5 10.19 -20.56 -24.19
CA TYR A 5 9.74 -20.47 -25.57
C TYR A 5 8.71 -21.56 -25.88
N ILE A 6 8.78 -22.66 -25.14
CA ILE A 6 7.88 -23.79 -25.33
C ILE A 6 6.44 -23.38 -25.11
N ASP A 7 6.20 -22.47 -24.17
CA ASP A 7 4.85 -22.01 -23.89
C ASP A 7 4.65 -20.60 -24.42
N SER A 8 5.68 -20.07 -25.08
CA SER A 8 5.67 -18.69 -25.59
C SER A 8 5.38 -17.71 -24.45
N LEU A 9 6.18 -17.82 -23.39
CA LEU A 9 5.94 -17.07 -22.15
C LEU A 9 4.65 -17.55 -21.51
N ASP A 10 4.79 -18.36 -20.46
CA ASP A 10 3.65 -18.96 -19.78
C ASP A 10 2.69 -17.89 -19.27
N PRO A 11 1.39 -18.22 -19.24
CA PRO A 11 0.35 -17.31 -18.74
C PRO A 11 0.59 -16.95 -17.28
N GLU A 12 0.68 -15.66 -17.01
CA GLU A 12 0.90 -15.14 -15.67
C GLU A 12 -0.19 -15.63 -14.72
N LYS A 13 0.19 -15.83 -13.46
CA LYS A 13 -0.70 -16.39 -12.47
C LYS A 13 -1.29 -15.29 -11.60
N LEU A 14 -1.87 -15.69 -10.47
CA LEU A 14 -2.49 -14.75 -9.56
C LEU A 14 -1.46 -14.08 -8.67
N LEU A 15 -1.53 -12.76 -8.60
CA LEU A 15 -0.70 -11.99 -7.70
C LEU A 15 -1.53 -11.50 -6.53
N GLN A 16 -0.87 -11.24 -5.41
CA GLN A 16 -1.56 -10.79 -4.22
C GLN A 16 -1.68 -9.26 -4.22
N CYS A 17 -2.76 -8.76 -3.67
CA CYS A 17 -2.97 -7.33 -3.55
C CYS A 17 -2.36 -6.83 -2.24
N PRO A 18 -1.45 -5.84 -2.32
CA PRO A 18 -0.77 -5.28 -1.16
C PRO A 18 -1.73 -4.60 -0.19
N TYR A 19 -2.84 -4.11 -0.74
CA TYR A 19 -3.84 -3.40 0.07
C TYR A 19 -4.67 -4.40 0.86
N ASP A 20 -4.97 -5.52 0.25
CA ASP A 20 -5.84 -6.51 0.86
C ASP A 20 -5.55 -7.90 0.30
N LYS A 21 -5.32 -8.85 1.20
CA LYS A 21 -4.90 -10.20 0.82
C LYS A 21 -6.01 -10.99 0.14
N ASN A 22 -7.24 -10.51 0.23
CA ASN A 22 -8.38 -11.23 -0.33
C ASN A 22 -8.59 -10.88 -1.79
N HIS A 23 -7.69 -10.09 -2.35
CA HIS A 23 -7.74 -9.74 -3.76
C HIS A 23 -6.64 -10.48 -4.51
N GLN A 24 -7.02 -11.35 -5.43
CA GLN A 24 -6.06 -12.08 -6.24
C GLN A 24 -6.29 -11.81 -7.72
N ILE A 25 -5.37 -11.07 -8.33
CA ILE A 25 -5.51 -10.65 -9.72
C ILE A 25 -4.26 -11.04 -10.52
N ARG A 26 -4.48 -11.64 -11.68
CA ARG A 26 -3.39 -12.01 -12.59
C ARG A 26 -2.69 -10.76 -13.12
N ALA A 27 -1.39 -10.91 -13.36
CA ALA A 27 -0.51 -9.80 -13.75
C ALA A 27 -1.00 -9.06 -14.99
N SER A 28 -1.74 -9.76 -15.83
CA SER A 28 -2.32 -9.16 -17.04
C SER A 28 -3.29 -8.03 -16.69
N ARG A 29 -3.97 -8.15 -15.56
CA ARG A 29 -4.95 -7.15 -15.15
C ARG A 29 -4.61 -6.55 -13.78
N PHE A 30 -3.41 -6.86 -13.31
CA PHE A 30 -2.98 -6.47 -11.96
C PHE A 30 -2.80 -4.95 -11.83
N PRO A 31 -2.03 -4.28 -12.73
CA PRO A 31 -1.76 -2.84 -12.62
C PRO A 31 -3.04 -2.01 -12.49
N TYR A 32 -4.09 -2.43 -13.17
CA TYR A 32 -5.35 -1.71 -13.16
C TYR A 32 -6.03 -1.84 -11.81
N HIS A 33 -5.87 -2.99 -11.16
CA HIS A 33 -6.42 -3.20 -9.83
C HIS A 33 -5.59 -2.44 -8.82
N LEU A 34 -4.29 -2.33 -9.08
CA LEU A 34 -3.39 -1.64 -8.16
C LEU A 34 -3.77 -0.17 -8.05
N ILE A 35 -4.14 0.41 -9.18
CA ILE A 35 -4.53 1.81 -9.24
C ILE A 35 -5.92 2.03 -8.65
N LYS A 36 -6.88 1.21 -9.09
CA LYS A 36 -8.26 1.35 -8.67
C LYS A 36 -8.43 1.03 -7.19
N CYS A 37 -7.74 0.00 -6.73
CA CYS A 37 -7.83 -0.44 -5.34
C CYS A 37 -7.30 0.65 -4.40
N ARG A 38 -6.30 1.41 -4.88
CA ARG A 38 -5.74 2.49 -4.10
C ARG A 38 -6.74 3.64 -3.98
N LYS A 39 -7.61 3.76 -4.97
CA LYS A 39 -8.66 4.78 -4.95
C LYS A 39 -9.74 4.38 -3.94
N ASN A 40 -9.85 3.08 -3.72
CA ASN A 40 -10.80 2.54 -2.75
C ASN A 40 -10.19 2.49 -1.37
N HIS A 41 -8.92 2.86 -1.29
CA HIS A 41 -8.21 2.93 -0.03
C HIS A 41 -7.45 4.25 0.07
N PRO A 42 -8.18 5.36 0.27
CA PRO A 42 -7.60 6.71 0.24
C PRO A 42 -6.53 6.93 1.31
N ASP A 43 -6.59 6.16 2.39
CA ASP A 43 -5.61 6.26 3.46
C ASP A 43 -4.25 5.80 2.96
N VAL A 44 -4.26 4.80 2.10
CA VAL A 44 -3.04 4.23 1.55
C VAL A 44 -2.55 5.09 0.38
N ALA A 45 -3.47 5.80 -0.24
CA ALA A 45 -3.14 6.73 -1.32
C ALA A 45 -2.27 7.87 -0.82
N ASN A 46 -2.28 8.06 0.50
CA ASN A 46 -1.52 9.13 1.13
C ASN A 46 -0.26 8.58 1.79
N LYS A 47 0.27 7.48 1.27
CA LYS A 47 1.49 6.89 1.85
C LYS A 47 2.74 7.63 1.36
N LEU A 48 2.65 8.95 1.34
CA LEU A 48 3.75 9.79 0.92
C LEU A 48 4.50 10.31 2.14
N ALA A 49 5.81 10.42 2.02
CA ALA A 49 6.65 10.90 3.08
C ALA A 49 7.31 12.22 2.68
N THR A 50 7.35 13.14 3.61
CA THR A 50 7.92 14.44 3.35
C THR A 50 9.42 14.44 3.69
N CYS A 51 10.24 14.71 2.69
CA CYS A 51 11.68 14.76 2.85
C CYS A 51 12.05 15.78 3.93
N PRO A 52 12.79 15.35 4.96
CA PRO A 52 13.22 16.24 6.04
C PRO A 52 14.31 17.21 5.60
N PHE A 53 14.78 17.02 4.38
CA PHE A 53 15.81 17.89 3.82
C PHE A 53 15.19 18.92 2.87
N ASN A 54 13.95 18.65 2.44
CA ASN A 54 13.30 19.48 1.43
C ASN A 54 11.83 19.10 1.30
N ALA A 55 10.95 20.06 1.58
CA ALA A 55 9.52 19.80 1.63
C ALA A 55 8.92 19.54 0.24
N ARG A 56 9.67 19.88 -0.79
CA ARG A 56 9.21 19.67 -2.16
C ARG A 56 9.35 18.21 -2.56
N HIS A 57 10.18 17.48 -1.84
CA HIS A 57 10.42 16.07 -2.14
C HIS A 57 9.41 15.19 -1.43
N GLN A 58 8.39 14.77 -2.13
CA GLN A 58 7.40 13.87 -1.57
C GLN A 58 7.47 12.53 -2.30
N VAL A 59 7.81 11.49 -1.56
CA VAL A 59 7.96 10.16 -2.15
C VAL A 59 7.26 9.13 -1.27
N PRO A 60 6.80 8.02 -1.86
CA PRO A 60 6.20 6.92 -1.11
C PRO A 60 7.09 6.47 0.04
N ARG A 61 6.46 6.02 1.13
CA ARG A 61 7.19 5.67 2.34
C ARG A 61 8.12 4.46 2.12
N ALA A 62 7.86 3.73 1.05
CA ALA A 62 8.72 2.62 0.67
C ALA A 62 9.95 3.12 -0.11
N GLU A 63 9.85 4.33 -0.61
CA GLU A 63 10.91 4.93 -1.41
C GLU A 63 11.71 5.96 -0.61
N ILE A 64 11.15 6.39 0.52
CA ILE A 64 11.77 7.42 1.34
C ILE A 64 13.10 6.94 1.92
N SER A 65 13.19 5.65 2.20
CA SER A 65 14.38 5.07 2.82
C SER A 65 15.60 5.28 1.93
N HIS A 66 15.43 5.05 0.62
CA HIS A 66 16.50 5.26 -0.33
C HIS A 66 16.69 6.75 -0.58
N HIS A 67 15.61 7.52 -0.52
CA HIS A 67 15.69 8.95 -0.79
C HIS A 67 16.54 9.66 0.25
N ILE A 68 16.51 9.18 1.48
CA ILE A 68 17.30 9.79 2.55
C ILE A 68 18.80 9.70 2.23
N SER A 69 19.21 8.55 1.73
CA SER A 69 20.62 8.33 1.40
C SER A 69 20.99 9.00 0.07
N SER A 70 20.00 9.20 -0.79
CA SER A 70 20.23 9.80 -2.09
C SER A 70 20.01 11.31 -2.03
N CYS A 71 19.60 11.79 -0.86
CA CYS A 71 19.29 13.21 -0.67
C CYS A 71 20.04 13.72 0.56
N ASP A 72 21.26 13.25 0.72
CA ASP A 72 22.07 13.59 1.87
C ASP A 72 22.76 14.92 1.64
N ASP A 73 23.08 15.19 0.39
CA ASP A 73 23.70 16.45 0.00
C ASP A 73 22.61 17.41 -0.49
N LYS A 74 22.94 18.69 -0.59
CA LYS A 74 21.95 19.68 -0.99
C LYS A 74 21.94 19.86 -2.50
N SER A 75 22.66 19.01 -3.20
CA SER A 75 22.66 19.01 -4.65
C SER A 75 21.92 17.79 -5.17
N SER A 76 20.98 17.29 -4.36
CA SER A 76 20.19 16.13 -4.74
C SER A 76 19.04 16.57 -5.64
N ILE A 77 19.02 16.06 -6.86
CA ILE A 77 18.09 16.51 -7.89
C ILE A 77 18.39 17.97 -8.24
N GLU A 78 19.54 18.15 -8.87
CA GLU A 78 20.04 19.47 -9.22
C GLU A 78 19.50 19.91 -10.57
N GLN A 79 19.12 18.95 -11.39
CA GLN A 79 18.58 19.22 -12.71
C GLN A 79 17.09 19.53 -12.63
N ASP A 80 16.77 20.58 -11.89
CA ASP A 80 15.39 21.02 -11.71
C ASP A 80 15.35 22.50 -11.37
ZN ZN B . -7.07 -4.92 -4.04
ZN ZN C . 14.87 15.00 -0.64
N MET A 1 17.34 -14.94 -15.58
CA MET A 1 17.04 -13.88 -14.59
C MET A 1 16.19 -12.79 -15.23
N GLU A 2 16.83 -11.91 -15.99
CA GLU A 2 16.13 -10.86 -16.72
C GLU A 2 15.85 -11.34 -18.14
N ASP A 3 14.98 -12.35 -18.23
CA ASP A 3 14.73 -13.04 -19.48
C ASP A 3 13.69 -12.30 -20.30
N THR A 4 14.17 -11.46 -21.21
CA THR A 4 13.29 -10.73 -22.11
C THR A 4 12.93 -11.61 -23.31
N TYR A 5 13.70 -12.67 -23.50
CA TYR A 5 13.46 -13.62 -24.57
C TYR A 5 12.48 -14.69 -24.11
N ILE A 6 11.28 -14.66 -24.65
CA ILE A 6 10.23 -15.56 -24.22
C ILE A 6 10.32 -16.91 -24.93
N ASP A 7 10.84 -17.89 -24.21
CA ASP A 7 10.84 -19.27 -24.70
C ASP A 7 9.82 -20.07 -23.92
N SER A 8 9.76 -19.81 -22.62
CA SER A 8 8.78 -20.44 -21.77
C SER A 8 7.46 -19.68 -21.86
N LEU A 9 6.39 -20.38 -22.19
CA LEU A 9 5.09 -19.74 -22.32
C LEU A 9 4.43 -19.64 -20.96
N ASP A 10 4.56 -18.47 -20.34
CA ASP A 10 3.99 -18.26 -19.02
C ASP A 10 2.69 -17.47 -19.10
N PRO A 11 1.61 -18.03 -18.54
CA PRO A 11 0.28 -17.41 -18.57
C PRO A 11 0.14 -16.32 -17.51
N GLU A 12 -1.03 -15.70 -17.46
CA GLU A 12 -1.32 -14.66 -16.49
C GLU A 12 -1.44 -15.25 -15.10
N LYS A 13 -0.34 -15.21 -14.35
CA LYS A 13 -0.30 -15.73 -13.00
C LYS A 13 -0.97 -14.79 -12.02
N LEU A 14 -1.30 -15.30 -10.83
CA LEU A 14 -2.02 -14.53 -9.83
C LEU A 14 -1.05 -13.78 -8.91
N LEU A 15 -1.33 -12.50 -8.71
CA LEU A 15 -0.54 -11.69 -7.78
C LEU A 15 -1.41 -11.27 -6.61
N GLN A 16 -0.79 -11.18 -5.44
CA GLN A 16 -1.50 -10.83 -4.22
C GLN A 16 -1.60 -9.30 -4.08
N CYS A 17 -2.74 -8.83 -3.58
CA CYS A 17 -2.95 -7.42 -3.40
C CYS A 17 -2.47 -6.99 -2.01
N PRO A 18 -1.51 -6.05 -1.95
CA PRO A 18 -0.99 -5.54 -0.67
C PRO A 18 -2.01 -4.69 0.07
N TYR A 19 -3.03 -4.23 -0.64
CA TYR A 19 -4.06 -3.39 -0.05
C TYR A 19 -5.15 -4.26 0.57
N ASP A 20 -5.19 -5.52 0.15
CA ASP A 20 -6.13 -6.50 0.69
C ASP A 20 -5.74 -7.88 0.20
N LYS A 21 -5.35 -8.75 1.13
CA LYS A 21 -4.82 -10.06 0.78
C LYS A 21 -5.88 -10.94 0.14
N ASN A 22 -7.14 -10.55 0.30
CA ASN A 22 -8.25 -11.29 -0.26
C ASN A 22 -8.46 -10.96 -1.74
N HIS A 23 -7.59 -10.10 -2.28
CA HIS A 23 -7.62 -9.83 -3.71
C HIS A 23 -6.45 -10.54 -4.38
N GLN A 24 -6.76 -11.48 -5.26
CA GLN A 24 -5.75 -12.07 -6.11
C GLN A 24 -6.15 -11.86 -7.56
N ILE A 25 -5.41 -11.01 -8.25
CA ILE A 25 -5.71 -10.64 -9.62
C ILE A 25 -4.56 -11.03 -10.52
N ARG A 26 -4.88 -11.52 -11.71
CA ARG A 26 -3.87 -11.97 -12.66
C ARG A 26 -3.06 -10.79 -13.18
N ALA A 27 -1.80 -11.07 -13.51
CA ALA A 27 -0.82 -10.06 -13.92
C ALA A 27 -1.31 -9.16 -15.05
N SER A 28 -2.28 -9.62 -15.81
CA SER A 28 -2.82 -8.86 -16.92
C SER A 28 -3.68 -7.69 -16.44
N ARG A 29 -4.28 -7.84 -15.26
CA ARG A 29 -5.15 -6.80 -14.72
C ARG A 29 -4.64 -6.29 -13.38
N PHE A 30 -3.52 -6.84 -12.92
CA PHE A 30 -2.98 -6.47 -11.61
C PHE A 30 -2.58 -5.00 -11.55
N PRO A 31 -1.82 -4.46 -12.55
CA PRO A 31 -1.50 -3.03 -12.60
C PRO A 31 -2.75 -2.16 -12.53
N TYR A 32 -3.77 -2.56 -13.28
CA TYR A 32 -5.05 -1.86 -13.29
C TYR A 32 -5.70 -1.92 -11.90
N HIS A 33 -5.63 -3.10 -11.28
CA HIS A 33 -6.20 -3.29 -9.97
C HIS A 33 -5.45 -2.47 -8.94
N LEU A 34 -4.15 -2.34 -9.12
CA LEU A 34 -3.31 -1.59 -8.18
C LEU A 34 -3.74 -0.13 -8.12
N ILE A 35 -4.03 0.43 -9.30
CA ILE A 35 -4.44 1.82 -9.41
C ILE A 35 -5.84 2.04 -8.83
N LYS A 36 -6.77 1.18 -9.21
CA LYS A 36 -8.17 1.35 -8.85
C LYS A 36 -8.41 0.96 -7.39
N CYS A 37 -7.74 -0.09 -6.94
CA CYS A 37 -7.87 -0.55 -5.55
C CYS A 37 -7.29 0.49 -4.60
N ARG A 38 -6.30 1.23 -5.08
CA ARG A 38 -5.68 2.31 -4.34
C ARG A 38 -6.70 3.42 -4.08
N LYS A 39 -7.68 3.55 -4.96
CA LYS A 39 -8.71 4.57 -4.82
C LYS A 39 -9.64 4.22 -3.66
N ASN A 40 -9.70 2.95 -3.33
CA ASN A 40 -10.47 2.49 -2.18
C ASN A 40 -9.64 2.55 -0.92
N HIS A 41 -8.35 2.85 -1.09
CA HIS A 41 -7.42 2.95 0.03
C HIS A 41 -6.53 4.17 -0.17
N PRO A 42 -7.12 5.39 -0.15
CA PRO A 42 -6.41 6.63 -0.48
C PRO A 42 -5.28 6.94 0.50
N ASP A 43 -5.36 6.38 1.69
CA ASP A 43 -4.33 6.60 2.71
C ASP A 43 -3.00 5.97 2.27
N VAL A 44 -3.09 5.03 1.34
CA VAL A 44 -1.90 4.43 0.75
C VAL A 44 -1.34 5.36 -0.33
N ALA A 45 -2.23 6.02 -1.06
CA ALA A 45 -1.84 7.00 -2.06
C ALA A 45 -1.25 8.22 -1.37
N ASN A 46 -1.73 8.50 -0.17
CA ASN A 46 -1.19 9.57 0.65
C ASN A 46 -0.08 9.02 1.55
N LYS A 47 0.76 8.16 0.97
CA LYS A 47 1.88 7.58 1.69
C LYS A 47 2.98 8.62 1.90
N LEU A 48 2.99 9.62 1.03
CA LEU A 48 3.99 10.68 1.09
C LEU A 48 3.43 11.89 1.82
N ALA A 49 4.30 12.57 2.54
CA ALA A 49 3.95 13.80 3.24
C ALA A 49 4.65 14.97 2.58
N THR A 50 3.93 16.07 2.44
CA THR A 50 4.47 17.24 1.77
C THR A 50 5.14 18.17 2.77
N CYS A 51 6.38 18.52 2.48
CA CYS A 51 7.16 19.43 3.30
C CYS A 51 6.51 20.82 3.30
N PRO A 52 6.27 21.39 4.49
CA PRO A 52 5.68 22.72 4.61
C PRO A 52 6.64 23.84 4.21
N PHE A 53 7.88 23.45 3.92
CA PHE A 53 8.90 24.41 3.51
C PHE A 53 9.09 24.38 1.99
N ASN A 54 8.80 23.24 1.38
CA ASN A 54 9.01 23.07 -0.05
C ASN A 54 8.20 21.88 -0.56
N ALA A 55 7.45 22.10 -1.63
CA ALA A 55 6.50 21.11 -2.13
C ALA A 55 7.18 19.99 -2.90
N ARG A 56 8.45 20.20 -3.25
CA ARG A 56 9.20 19.17 -3.96
C ARG A 56 9.68 18.10 -2.98
N HIS A 57 9.69 18.45 -1.70
CA HIS A 57 10.16 17.52 -0.67
C HIS A 57 9.02 16.60 -0.23
N GLN A 58 8.86 15.50 -0.93
CA GLN A 58 7.87 14.51 -0.53
C GLN A 58 8.59 13.30 0.07
N VAL A 59 8.33 13.05 1.34
CA VAL A 59 8.97 11.96 2.06
C VAL A 59 7.93 11.10 2.76
N PRO A 60 8.27 9.85 3.09
CA PRO A 60 7.37 8.96 3.84
C PRO A 60 6.89 9.61 5.13
N ARG A 61 5.63 9.38 5.47
CA ARG A 61 4.99 10.02 6.62
C ARG A 61 5.65 9.60 7.94
N ALA A 62 6.35 8.48 7.91
CA ALA A 62 7.09 8.01 9.07
C ALA A 62 8.39 8.79 9.24
N GLU A 63 8.86 9.40 8.16
CA GLU A 63 10.15 10.09 8.17
C GLU A 63 9.98 11.60 8.04
N ILE A 64 8.74 12.06 7.88
CA ILE A 64 8.47 13.49 7.72
C ILE A 64 8.96 14.27 8.93
N SER A 65 8.88 13.65 10.11
CA SER A 65 9.31 14.26 11.34
C SER A 65 10.82 14.49 11.33
N HIS A 66 11.55 13.51 10.84
CA HIS A 66 13.00 13.60 10.71
C HIS A 66 13.39 14.61 9.65
N HIS A 67 12.55 14.74 8.62
CA HIS A 67 12.82 15.67 7.54
C HIS A 67 12.65 17.11 8.02
N ILE A 68 11.68 17.35 8.89
CA ILE A 68 11.42 18.70 9.39
C ILE A 68 12.66 19.25 10.09
N SER A 69 13.24 18.45 10.98
CA SER A 69 14.42 18.87 11.72
C SER A 69 15.64 18.99 10.81
N SER A 70 15.61 18.28 9.69
CA SER A 70 16.73 18.29 8.75
C SER A 70 16.43 19.21 7.57
N CYS A 71 15.39 20.03 7.69
CA CYS A 71 14.99 20.91 6.61
C CYS A 71 14.81 22.33 7.14
N ASP A 72 15.91 22.93 7.59
CA ASP A 72 15.88 24.28 8.13
C ASP A 72 16.95 25.13 7.45
N ASP A 73 17.68 24.49 6.53
CA ASP A 73 18.83 25.12 5.87
C ASP A 73 19.91 25.45 6.89
N LYS A 74 19.87 24.73 8.00
CA LYS A 74 20.82 24.91 9.09
C LYS A 74 22.19 24.41 8.67
N SER A 75 23.24 25.06 9.15
CA SER A 75 24.60 24.65 8.84
C SER A 75 25.54 24.94 10.00
N SER A 76 24.98 25.19 11.18
CA SER A 76 25.79 25.47 12.35
C SER A 76 25.04 25.08 13.62
N ILE A 77 23.95 25.79 13.90
CA ILE A 77 23.16 25.53 15.10
C ILE A 77 21.96 24.67 14.75
N GLU A 78 21.83 23.54 15.44
CA GLU A 78 20.73 22.64 15.21
C GLU A 78 20.10 22.16 16.52
N GLN A 79 20.59 22.71 17.63
CA GLN A 79 20.04 22.39 18.93
C GLN A 79 18.75 23.16 19.15
N ASP A 80 17.63 22.52 18.87
CA ASP A 80 16.33 23.15 19.06
C ASP A 80 15.94 23.16 20.53
ZN ZN B . -7.04 -5.02 -4.18
ZN ZN C . 11.88 19.87 3.18
N MET A 1 15.70 -36.10 -12.38
CA MET A 1 14.62 -37.09 -12.60
C MET A 1 13.28 -36.38 -12.81
N GLU A 2 13.19 -35.14 -12.33
CA GLU A 2 12.03 -34.30 -12.58
C GLU A 2 12.51 -32.94 -13.04
N ASP A 3 13.54 -32.44 -12.37
CA ASP A 3 14.26 -31.26 -12.81
C ASP A 3 13.31 -30.09 -13.07
N THR A 4 12.50 -29.78 -12.07
CA THR A 4 11.57 -28.68 -12.15
C THR A 4 11.84 -27.69 -11.01
N TYR A 5 13.08 -27.26 -10.89
CA TYR A 5 13.49 -26.40 -9.80
C TYR A 5 13.55 -24.94 -10.26
N ILE A 6 14.21 -24.70 -11.39
CA ILE A 6 14.32 -23.36 -11.94
C ILE A 6 13.02 -23.00 -12.68
N ASP A 7 12.29 -24.02 -13.11
CA ASP A 7 10.99 -23.82 -13.74
C ASP A 7 9.93 -23.53 -12.68
N SER A 8 10.03 -22.35 -12.08
CA SER A 8 9.06 -21.93 -11.08
C SER A 8 8.32 -20.68 -11.55
N LEU A 9 8.30 -20.50 -12.86
CA LEU A 9 7.62 -19.36 -13.45
C LEU A 9 6.21 -19.73 -13.86
N ASP A 10 5.26 -18.94 -13.40
CA ASP A 10 3.85 -19.17 -13.73
C ASP A 10 3.40 -18.18 -14.80
N PRO A 11 3.00 -18.69 -15.98
CA PRO A 11 2.49 -17.84 -17.06
C PRO A 11 1.21 -17.12 -16.66
N GLU A 12 1.36 -15.84 -16.31
CA GLU A 12 0.25 -15.01 -15.85
C GLU A 12 -0.36 -15.60 -14.58
N LYS A 13 0.35 -15.44 -13.48
CA LYS A 13 -0.10 -15.94 -12.20
C LYS A 13 -0.97 -14.92 -11.50
N LEU A 14 -1.61 -15.34 -10.41
CA LEU A 14 -2.40 -14.45 -9.59
C LEU A 14 -1.51 -13.71 -8.61
N LEU A 15 -1.52 -12.40 -8.69
CA LEU A 15 -0.71 -11.59 -7.81
C LEU A 15 -1.54 -11.13 -6.62
N GLN A 16 -0.95 -11.25 -5.44
CA GLN A 16 -1.63 -10.88 -4.21
C GLN A 16 -1.57 -9.37 -4.00
N CYS A 17 -2.66 -8.82 -3.52
CA CYS A 17 -2.80 -7.38 -3.38
C CYS A 17 -2.27 -6.92 -2.03
N PRO A 18 -1.33 -5.97 -2.02
CA PRO A 18 -0.77 -5.42 -0.78
C PRO A 18 -1.79 -4.60 0.00
N TYR A 19 -2.86 -4.22 -0.67
CA TYR A 19 -3.93 -3.45 -0.04
C TYR A 19 -4.93 -4.38 0.61
N ASP A 20 -5.02 -5.61 0.13
CA ASP A 20 -5.91 -6.60 0.70
C ASP A 20 -5.55 -7.99 0.21
N LYS A 21 -5.23 -8.87 1.15
CA LYS A 21 -4.79 -10.23 0.85
C LYS A 21 -5.89 -11.03 0.13
N ASN A 22 -7.13 -10.57 0.23
CA ASN A 22 -8.24 -11.30 -0.36
C ASN A 22 -8.41 -10.96 -1.84
N HIS A 23 -7.50 -10.15 -2.37
CA HIS A 23 -7.56 -9.80 -3.78
C HIS A 23 -6.48 -10.57 -4.53
N GLN A 24 -6.91 -11.44 -5.42
CA GLN A 24 -6.01 -12.19 -6.29
C GLN A 24 -6.36 -11.92 -7.75
N ILE A 25 -5.56 -11.08 -8.38
CA ILE A 25 -5.83 -10.65 -9.74
C ILE A 25 -4.72 -11.13 -10.68
N ARG A 26 -5.10 -11.55 -11.88
CA ARG A 26 -4.15 -12.04 -12.87
C ARG A 26 -3.16 -10.93 -13.22
N ALA A 27 -1.90 -11.32 -13.42
CA ALA A 27 -0.79 -10.39 -13.60
C ALA A 27 -1.03 -9.35 -14.68
N SER A 28 -1.84 -9.69 -15.69
CA SER A 28 -2.11 -8.78 -16.79
C SER A 28 -3.08 -7.67 -16.40
N ARG A 29 -3.81 -7.86 -15.30
CA ARG A 29 -4.78 -6.87 -14.85
C ARG A 29 -4.37 -6.27 -13.51
N PHE A 30 -3.28 -6.79 -12.95
CA PHE A 30 -2.84 -6.37 -11.61
C PHE A 30 -2.55 -4.85 -11.55
N PRO A 31 -1.79 -4.29 -12.51
CA PRO A 31 -1.52 -2.83 -12.53
C PRO A 31 -2.80 -2.01 -12.54
N TYR A 32 -3.83 -2.54 -13.18
CA TYR A 32 -5.12 -1.86 -13.27
C TYR A 32 -5.85 -1.95 -11.94
N HIS A 33 -5.70 -3.10 -11.27
CA HIS A 33 -6.29 -3.30 -9.96
C HIS A 33 -5.58 -2.41 -8.95
N LEU A 34 -4.30 -2.18 -9.17
CA LEU A 34 -3.52 -1.32 -8.29
C LEU A 34 -4.07 0.10 -8.32
N ILE A 35 -4.44 0.55 -9.51
CA ILE A 35 -5.00 1.89 -9.67
C ILE A 35 -6.34 2.01 -8.96
N LYS A 36 -7.23 1.06 -9.25
CA LYS A 36 -8.58 1.06 -8.67
C LYS A 36 -8.52 0.89 -7.16
N CYS A 37 -7.75 -0.09 -6.72
CA CYS A 37 -7.71 -0.47 -5.31
C CYS A 37 -7.04 0.60 -4.47
N ARG A 38 -6.09 1.31 -5.06
CA ARG A 38 -5.38 2.37 -4.35
C ARG A 38 -6.29 3.54 -4.04
N LYS A 39 -7.26 3.78 -4.92
CA LYS A 39 -8.21 4.86 -4.71
C LYS A 39 -9.31 4.43 -3.74
N ASN A 40 -9.60 3.14 -3.74
CA ASN A 40 -10.63 2.60 -2.87
C ASN A 40 -9.99 1.70 -1.81
N HIS A 41 -9.50 2.31 -0.74
CA HIS A 41 -8.84 1.57 0.33
C HIS A 41 -9.53 1.77 1.67
N PRO A 42 -10.78 1.27 1.82
CA PRO A 42 -11.58 1.51 3.02
C PRO A 42 -10.91 1.01 4.29
N ASP A 43 -10.34 -0.18 4.22
CA ASP A 43 -9.68 -0.79 5.38
C ASP A 43 -8.39 -0.06 5.73
N VAL A 44 -7.71 0.44 4.72
CA VAL A 44 -6.46 1.16 4.94
C VAL A 44 -6.76 2.54 5.51
N ALA A 45 -7.87 3.11 5.08
CA ALA A 45 -8.31 4.40 5.61
C ALA A 45 -8.81 4.26 7.03
N ASN A 46 -9.36 3.09 7.35
CA ASN A 46 -9.91 2.83 8.67
C ASN A 46 -9.00 1.93 9.48
N LYS A 47 -7.70 2.18 9.44
CA LYS A 47 -6.74 1.41 10.23
C LYS A 47 -6.75 1.86 11.69
N LEU A 48 -7.94 2.05 12.23
CA LEU A 48 -8.11 2.53 13.59
C LEU A 48 -8.78 1.48 14.45
N ALA A 49 -8.45 1.50 15.72
CA ALA A 49 -9.03 0.59 16.68
C ALA A 49 -9.70 1.38 17.79
N THR A 50 -10.86 0.92 18.21
CA THR A 50 -11.62 1.60 19.25
C THR A 50 -11.31 0.99 20.61
N CYS A 51 -10.95 1.86 21.56
CA CYS A 51 -10.58 1.42 22.90
C CYS A 51 -11.77 0.80 23.63
N PRO A 52 -11.61 -0.45 24.11
CA PRO A 52 -12.65 -1.14 24.86
C PRO A 52 -12.76 -0.62 26.30
N PHE A 53 -11.85 0.25 26.68
CA PHE A 53 -11.88 0.86 28.01
C PHE A 53 -12.66 2.16 27.96
N ASN A 54 -12.47 2.91 26.89
CA ASN A 54 -13.14 4.19 26.72
C ASN A 54 -13.26 4.52 25.23
N ALA A 55 -14.48 4.80 24.80
CA ALA A 55 -14.80 4.98 23.39
C ALA A 55 -14.18 6.24 22.80
N ARG A 56 -13.71 7.14 23.65
CA ARG A 56 -13.13 8.39 23.17
C ARG A 56 -11.67 8.20 22.78
N HIS A 57 -11.17 6.98 22.95
CA HIS A 57 -9.80 6.66 22.55
C HIS A 57 -9.78 5.92 21.23
N GLN A 58 -9.35 6.60 20.19
CA GLN A 58 -9.18 5.99 18.89
C GLN A 58 -7.69 5.99 18.53
N VAL A 59 -7.15 4.80 18.34
CA VAL A 59 -5.72 4.66 18.07
C VAL A 59 -5.49 3.78 16.84
N PRO A 60 -4.32 3.88 16.21
CA PRO A 60 -3.94 2.99 15.11
C PRO A 60 -3.95 1.53 15.54
N ARG A 61 -4.37 0.66 14.65
CA ARG A 61 -4.50 -0.78 14.95
C ARG A 61 -3.15 -1.42 15.25
N ALA A 62 -2.08 -0.76 14.84
CA ALA A 62 -0.74 -1.25 15.11
C ALA A 62 -0.29 -0.86 16.51
N GLU A 63 -1.08 -0.02 17.18
CA GLU A 63 -0.75 0.47 18.52
C GLU A 63 -1.88 0.21 19.50
N ILE A 64 -2.83 -0.63 19.12
CA ILE A 64 -3.99 -0.89 19.97
C ILE A 64 -3.59 -1.67 21.22
N SER A 65 -2.75 -2.69 21.05
CA SER A 65 -2.31 -3.51 22.18
C SER A 65 -1.43 -2.69 23.11
N HIS A 66 -0.67 -1.77 22.51
CA HIS A 66 0.17 -0.85 23.26
C HIS A 66 -0.69 0.06 24.12
N HIS A 67 -1.88 0.38 23.62
CA HIS A 67 -2.82 1.22 24.33
C HIS A 67 -3.58 0.42 25.39
N ILE A 68 -3.72 -0.89 25.16
CA ILE A 68 -4.41 -1.76 26.11
C ILE A 68 -3.68 -1.78 27.45
N SER A 69 -2.38 -2.05 27.40
CA SER A 69 -1.57 -2.19 28.60
C SER A 69 -1.54 -0.89 29.41
N SER A 70 -1.58 0.24 28.72
CA SER A 70 -1.48 1.53 29.37
C SER A 70 -2.84 2.06 29.82
N CYS A 71 -3.89 1.58 29.17
CA CYS A 71 -5.23 2.10 29.43
C CYS A 71 -5.98 1.21 30.42
N ASP A 72 -5.31 0.19 30.93
CA ASP A 72 -5.91 -0.69 31.93
C ASP A 72 -5.92 0.03 33.27
N ASP A 73 -6.80 1.01 33.39
CA ASP A 73 -6.92 1.78 34.63
C ASP A 73 -8.05 1.19 35.47
N LYS A 74 -7.78 0.02 36.04
CA LYS A 74 -8.77 -0.71 36.81
C LYS A 74 -8.20 -1.14 38.15
N SER A 75 -8.12 -0.19 39.08
CA SER A 75 -7.64 -0.47 40.42
C SER A 75 -8.81 -0.86 41.32
N SER A 76 -8.50 -1.16 42.58
CA SER A 76 -9.51 -1.50 43.58
C SER A 76 -10.29 -2.76 43.19
N ILE A 77 -9.67 -3.64 42.42
CA ILE A 77 -10.31 -4.87 42.00
C ILE A 77 -10.19 -5.94 43.08
N GLU A 78 -11.17 -6.81 43.14
CA GLU A 78 -11.24 -7.84 44.17
C GLU A 78 -11.62 -9.17 43.54
N GLN A 79 -10.62 -9.83 42.96
CA GLN A 79 -10.84 -11.08 42.21
C GLN A 79 -11.78 -10.81 41.03
N ASP A 80 -11.38 -9.89 40.18
CA ASP A 80 -12.19 -9.51 39.03
C ASP A 80 -11.45 -9.80 37.73
ZN ZN B . -6.87 -4.97 -4.10
ZN ZN C . -8.09 3.87 26.09
N MET A 1 18.02 -0.67 -27.48
CA MET A 1 17.71 0.56 -26.70
C MET A 1 17.37 0.22 -25.25
N GLU A 2 16.50 -0.77 -25.04
CA GLU A 2 16.16 -1.22 -23.70
C GLU A 2 16.25 -2.74 -23.64
N ASP A 3 17.00 -3.27 -24.59
CA ASP A 3 17.12 -4.71 -24.77
C ASP A 3 18.09 -5.30 -23.77
N THR A 4 19.09 -4.50 -23.40
CA THR A 4 20.11 -4.92 -22.47
C THR A 4 19.70 -4.57 -21.04
N TYR A 5 18.53 -3.98 -20.90
CA TYR A 5 18.04 -3.55 -19.60
C TYR A 5 17.07 -4.57 -19.03
N ILE A 6 17.26 -4.91 -17.76
CA ILE A 6 16.42 -5.91 -17.10
C ILE A 6 15.03 -5.32 -16.83
N ASP A 7 14.07 -5.68 -17.65
CA ASP A 7 12.72 -5.17 -17.53
C ASP A 7 11.95 -5.95 -16.46
N SER A 8 11.11 -5.26 -15.72
CA SER A 8 10.29 -5.89 -14.70
C SER A 8 9.04 -6.51 -15.31
N LEU A 9 9.24 -7.48 -16.19
CA LEU A 9 8.15 -8.19 -16.83
C LEU A 9 7.28 -8.90 -15.79
N ASP A 10 5.98 -8.82 -15.97
CA ASP A 10 5.06 -9.45 -15.05
C ASP A 10 4.81 -10.90 -15.46
N PRO A 11 5.00 -11.85 -14.54
CA PRO A 11 4.73 -13.26 -14.79
C PRO A 11 3.23 -13.55 -14.81
N GLU A 12 2.80 -14.32 -15.80
CA GLU A 12 1.37 -14.61 -15.97
C GLU A 12 0.89 -15.58 -14.89
N LYS A 13 0.72 -15.05 -13.70
CA LYS A 13 0.25 -15.81 -12.56
C LYS A 13 -0.66 -14.95 -11.70
N LEU A 14 -1.12 -15.49 -10.59
CA LEU A 14 -1.92 -14.73 -9.65
C LEU A 14 -1.01 -13.90 -8.77
N LEU A 15 -1.25 -12.61 -8.74
CA LEU A 15 -0.46 -11.70 -7.92
C LEU A 15 -1.27 -11.23 -6.72
N GLN A 16 -0.58 -10.99 -5.62
CA GLN A 16 -1.24 -10.65 -4.38
C GLN A 16 -1.40 -9.14 -4.24
N CYS A 17 -2.57 -8.72 -3.78
CA CYS A 17 -2.86 -7.32 -3.55
C CYS A 17 -2.41 -6.90 -2.15
N PRO A 18 -1.62 -5.83 -2.06
CA PRO A 18 -1.08 -5.35 -0.78
C PRO A 18 -2.10 -4.51 0.00
N TYR A 19 -3.11 -4.01 -0.71
CA TYR A 19 -4.15 -3.21 -0.09
C TYR A 19 -5.12 -4.11 0.67
N ASP A 20 -5.31 -5.31 0.13
CA ASP A 20 -6.18 -6.30 0.74
C ASP A 20 -5.81 -7.68 0.22
N LYS A 21 -5.54 -8.61 1.13
CA LYS A 21 -5.00 -9.91 0.76
C LYS A 21 -6.07 -10.84 0.20
N ASN A 22 -7.33 -10.43 0.27
CA ASN A 22 -8.42 -11.24 -0.26
C ASN A 22 -8.56 -11.02 -1.77
N HIS A 23 -7.70 -10.19 -2.32
CA HIS A 23 -7.74 -9.88 -3.75
C HIS A 23 -6.63 -10.62 -4.47
N GLN A 24 -7.02 -11.51 -5.39
CA GLN A 24 -6.07 -12.20 -6.25
C GLN A 24 -6.40 -11.91 -7.70
N ILE A 25 -5.52 -11.18 -8.37
CA ILE A 25 -5.74 -10.79 -9.75
C ILE A 25 -4.53 -11.22 -10.60
N ARG A 26 -4.80 -11.81 -11.75
CA ARG A 26 -3.73 -12.24 -12.64
C ARG A 26 -3.00 -11.04 -13.23
N ALA A 27 -1.72 -11.24 -13.53
CA ALA A 27 -0.79 -10.19 -13.87
C ALA A 27 -1.31 -9.22 -14.93
N SER A 28 -2.08 -9.73 -15.88
CA SER A 28 -2.54 -8.94 -17.01
C SER A 28 -3.41 -7.74 -16.60
N ARG A 29 -4.14 -7.88 -15.49
CA ARG A 29 -4.99 -6.79 -15.02
C ARG A 29 -4.56 -6.32 -13.63
N PHE A 30 -3.44 -6.83 -13.16
CA PHE A 30 -2.94 -6.48 -11.83
C PHE A 30 -2.64 -4.98 -11.72
N PRO A 31 -1.93 -4.36 -12.70
CA PRO A 31 -1.67 -2.91 -12.69
C PRO A 31 -2.94 -2.09 -12.57
N TYR A 32 -4.01 -2.58 -13.20
CA TYR A 32 -5.29 -1.91 -13.18
C TYR A 32 -5.90 -1.98 -11.77
N HIS A 33 -5.74 -3.13 -11.13
CA HIS A 33 -6.25 -3.32 -9.77
C HIS A 33 -5.44 -2.50 -8.79
N LEU A 34 -4.17 -2.32 -9.09
CA LEU A 34 -3.27 -1.58 -8.21
C LEU A 34 -3.66 -0.11 -8.17
N ILE A 35 -4.14 0.38 -9.31
CA ILE A 35 -4.57 1.77 -9.44
C ILE A 35 -5.90 2.00 -8.73
N LYS A 36 -6.86 1.13 -9.01
CA LYS A 36 -8.23 1.29 -8.49
C LYS A 36 -8.27 1.04 -6.98
N CYS A 37 -7.70 -0.09 -6.56
CA CYS A 37 -7.72 -0.51 -5.17
C CYS A 37 -7.04 0.53 -4.28
N ARG A 38 -6.08 1.25 -4.85
CA ARG A 38 -5.37 2.32 -4.17
C ARG A 38 -6.34 3.33 -3.55
N LYS A 39 -7.36 3.71 -4.31
CA LYS A 39 -8.34 4.69 -3.87
C LYS A 39 -9.37 4.07 -2.92
N ASN A 40 -9.47 2.75 -2.96
CA ASN A 40 -10.39 2.03 -2.07
C ASN A 40 -9.76 1.83 -0.71
N HIS A 41 -8.46 2.10 -0.60
CA HIS A 41 -7.74 1.95 0.66
C HIS A 41 -6.77 3.10 0.85
N PRO A 42 -7.28 4.34 0.96
CA PRO A 42 -6.45 5.55 1.02
C PRO A 42 -5.60 5.61 2.29
N ASP A 43 -6.15 5.05 3.37
CA ASP A 43 -5.47 5.09 4.67
C ASP A 43 -4.17 4.30 4.62
N VAL A 44 -4.19 3.23 3.82
CA VAL A 44 -3.03 2.36 3.70
C VAL A 44 -2.13 2.82 2.56
N ALA A 45 -2.74 3.12 1.42
CA ALA A 45 -2.01 3.50 0.22
C ALA A 45 -1.26 4.80 0.42
N ASN A 46 -1.87 5.75 1.10
CA ASN A 46 -1.25 7.05 1.30
C ASN A 46 -0.50 7.09 2.62
N LYS A 47 -0.57 5.97 3.35
CA LYS A 47 0.07 5.83 4.66
C LYS A 47 -0.37 6.94 5.61
N LEU A 48 -1.65 7.00 5.89
CA LEU A 48 -2.19 8.09 6.70
C LEU A 48 -2.56 7.60 8.10
N ALA A 49 -2.51 8.52 9.05
CA ALA A 49 -2.85 8.24 10.43
C ALA A 49 -3.70 9.38 10.98
N THR A 50 -4.55 9.05 11.94
CA THR A 50 -5.48 10.02 12.49
C THR A 50 -4.96 10.58 13.82
N CYS A 51 -4.96 11.90 13.92
CA CYS A 51 -4.60 12.60 15.16
C CYS A 51 -5.59 12.24 16.25
N PRO A 52 -5.11 11.71 17.39
CA PRO A 52 -5.99 11.28 18.49
C PRO A 52 -6.68 12.44 19.19
N PHE A 53 -6.31 13.66 18.83
CA PHE A 53 -6.90 14.85 19.42
C PHE A 53 -7.80 15.58 18.43
N ASN A 54 -7.71 15.22 17.16
CA ASN A 54 -8.48 15.88 16.11
C ASN A 54 -8.54 15.00 14.88
N ALA A 55 -9.75 14.59 14.53
CA ALA A 55 -9.96 13.65 13.42
C ALA A 55 -9.69 14.30 12.07
N ARG A 56 -9.62 15.63 12.05
CA ARG A 56 -9.37 16.37 10.82
C ARG A 56 -7.88 16.38 10.50
N HIS A 57 -7.07 16.03 11.48
CA HIS A 57 -5.62 16.04 11.29
C HIS A 57 -5.13 14.67 10.83
N GLN A 58 -5.25 14.41 9.54
CA GLN A 58 -4.72 13.18 8.98
C GLN A 58 -3.38 13.47 8.34
N VAL A 59 -2.34 12.83 8.86
CA VAL A 59 -0.98 13.07 8.40
C VAL A 59 -0.29 11.75 8.09
N PRO A 60 0.80 11.79 7.31
CA PRO A 60 1.63 10.60 7.04
C PRO A 60 1.99 9.85 8.33
N ARG A 61 1.95 8.52 8.25
CA ARG A 61 2.19 7.67 9.42
C ARG A 61 3.61 7.85 9.96
N ALA A 62 4.53 8.30 9.12
CA ALA A 62 5.89 8.55 9.55
C ALA A 62 6.00 9.93 10.20
N GLU A 63 4.92 10.71 10.13
CA GLU A 63 4.93 12.07 10.65
C GLU A 63 3.92 12.23 11.79
N ILE A 64 3.19 11.16 12.08
CA ILE A 64 2.10 11.21 13.06
C ILE A 64 2.61 11.50 14.47
N SER A 65 3.70 10.85 14.86
CA SER A 65 4.23 11.00 16.20
C SER A 65 4.77 12.41 16.41
N HIS A 66 5.37 12.96 15.37
CA HIS A 66 5.93 14.29 15.44
C HIS A 66 4.81 15.33 15.47
N HIS A 67 3.66 14.97 14.91
CA HIS A 67 2.49 15.85 14.94
C HIS A 67 1.85 15.84 16.31
N ILE A 68 1.84 14.68 16.97
CA ILE A 68 1.24 14.55 18.28
C ILE A 68 1.97 15.43 19.30
N SER A 69 3.29 15.46 19.19
CA SER A 69 4.11 16.25 20.09
C SER A 69 3.92 17.75 19.86
N SER A 70 3.41 18.11 18.70
CA SER A 70 3.20 19.50 18.35
C SER A 70 1.70 19.82 18.25
N CYS A 71 0.88 18.97 18.83
CA CYS A 71 -0.56 19.13 18.76
C CYS A 71 -1.19 18.87 20.13
N ASP A 72 -0.85 19.71 21.10
CA ASP A 72 -1.39 19.57 22.44
C ASP A 72 -2.34 20.73 22.77
N ASP A 73 -1.80 21.94 22.84
CA ASP A 73 -2.58 23.10 23.23
C ASP A 73 -1.97 24.36 22.63
N LYS A 74 -2.78 25.40 22.49
CA LYS A 74 -2.32 26.68 21.98
C LYS A 74 -1.78 27.54 23.10
N SER A 75 -2.31 27.32 24.31
CA SER A 75 -1.89 28.05 25.48
C SER A 75 -0.81 27.28 26.22
N SER A 76 0.40 27.38 25.73
CA SER A 76 1.55 26.71 26.33
C SER A 76 2.79 27.56 26.17
N ILE A 77 3.47 27.83 27.27
CA ILE A 77 4.60 28.75 27.29
C ILE A 77 5.74 28.31 26.35
N GLU A 78 5.82 27.01 26.09
CA GLU A 78 6.83 26.49 25.17
C GLU A 78 6.48 26.85 23.72
N GLN A 79 5.23 27.22 23.51
CA GLN A 79 4.76 27.64 22.20
C GLN A 79 4.64 29.16 22.17
N ASP A 80 4.60 29.75 23.35
CA ASP A 80 4.46 31.19 23.51
C ASP A 80 5.73 31.92 23.10
ZN ZN B . -7.07 -5.06 -3.98
ZN ZN C . -3.42 17.19 15.45
N MET A 1 -13.28 -30.71 -31.43
CA MET A 1 -12.22 -30.46 -30.43
C MET A 1 -11.23 -31.61 -30.38
N GLU A 2 -10.88 -32.12 -31.55
CA GLU A 2 -9.94 -33.23 -31.65
C GLU A 2 -8.57 -32.75 -32.12
N ASP A 3 -8.57 -31.72 -32.95
CA ASP A 3 -7.33 -31.14 -33.43
C ASP A 3 -6.91 -30.00 -32.51
N THR A 4 -7.80 -29.03 -32.38
CA THR A 4 -7.58 -27.93 -31.46
C THR A 4 -8.20 -28.26 -30.11
N TYR A 5 -7.47 -27.98 -29.05
CA TYR A 5 -7.92 -28.30 -27.70
C TYR A 5 -8.29 -27.04 -26.94
N ILE A 6 -7.68 -25.92 -27.31
CA ILE A 6 -7.93 -24.65 -26.63
C ILE A 6 -7.75 -24.83 -25.13
N ASP A 7 -6.51 -25.10 -24.75
CA ASP A 7 -6.17 -25.36 -23.35
C ASP A 7 -5.40 -24.18 -22.78
N SER A 8 -5.61 -23.90 -21.51
CA SER A 8 -4.91 -22.82 -20.84
C SER A 8 -3.48 -23.22 -20.52
N LEU A 9 -2.67 -23.39 -21.58
CA LEU A 9 -1.29 -23.82 -21.43
C LEU A 9 -0.48 -22.85 -20.57
N ASP A 10 -0.71 -21.55 -20.76
CA ASP A 10 -0.06 -20.54 -19.95
C ASP A 10 -1.08 -19.55 -19.38
N PRO A 11 -1.63 -19.86 -18.20
CA PRO A 11 -2.56 -18.98 -17.51
C PRO A 11 -1.84 -17.80 -16.87
N GLU A 12 -2.55 -16.70 -16.70
CA GLU A 12 -2.00 -15.52 -16.07
C GLU A 12 -1.80 -15.77 -14.58
N LYS A 13 -0.65 -15.36 -14.07
CA LYS A 13 -0.30 -15.60 -12.67
C LYS A 13 -1.12 -14.71 -11.74
N LEU A 14 -1.54 -15.27 -10.62
CA LEU A 14 -2.32 -14.54 -9.64
C LEU A 14 -1.39 -13.85 -8.65
N LEU A 15 -1.48 -12.53 -8.60
CA LEU A 15 -0.62 -11.75 -7.71
C LEU A 15 -1.40 -11.28 -6.50
N GLN A 16 -0.73 -11.28 -5.35
CA GLN A 16 -1.31 -10.84 -4.10
C GLN A 16 -1.45 -9.32 -4.10
N CYS A 17 -2.56 -8.83 -3.58
CA CYS A 17 -2.79 -7.40 -3.51
C CYS A 17 -2.22 -6.84 -2.22
N PRO A 18 -1.33 -5.83 -2.33
CA PRO A 18 -0.71 -5.17 -1.16
C PRO A 18 -1.72 -4.42 -0.31
N TYR A 19 -2.87 -4.11 -0.90
CA TYR A 19 -3.93 -3.41 -0.19
C TYR A 19 -4.67 -4.39 0.71
N ASP A 20 -4.89 -5.60 0.20
CA ASP A 20 -5.61 -6.62 0.94
C ASP A 20 -5.46 -7.97 0.26
N LYS A 21 -5.20 -9.01 1.05
CA LYS A 21 -4.86 -10.32 0.52
C LYS A 21 -6.08 -11.08 -0.01
N ASN A 22 -7.27 -10.55 0.24
CA ASN A 22 -8.49 -11.19 -0.27
C ASN A 22 -8.65 -10.90 -1.76
N HIS A 23 -7.71 -10.15 -2.32
CA HIS A 23 -7.75 -9.85 -3.74
C HIS A 23 -6.72 -10.66 -4.49
N GLN A 24 -7.20 -11.50 -5.40
CA GLN A 24 -6.34 -12.29 -6.26
C GLN A 24 -6.55 -11.86 -7.71
N ILE A 25 -5.67 -11.01 -8.20
CA ILE A 25 -5.80 -10.47 -9.55
C ILE A 25 -4.67 -10.97 -10.43
N ARG A 26 -5.03 -11.41 -11.63
CA ARG A 26 -4.07 -11.90 -12.59
C ARG A 26 -3.16 -10.78 -13.08
N ALA A 27 -1.89 -11.14 -13.28
CA ALA A 27 -0.83 -10.18 -13.64
C ALA A 27 -1.20 -9.29 -14.82
N SER A 28 -2.09 -9.78 -15.67
CA SER A 28 -2.55 -9.03 -16.82
C SER A 28 -3.29 -7.76 -16.41
N ARG A 29 -4.03 -7.83 -15.31
CA ARG A 29 -4.84 -6.72 -14.86
C ARG A 29 -4.38 -6.20 -13.50
N PHE A 30 -3.26 -6.70 -13.02
CA PHE A 30 -2.73 -6.31 -11.72
C PHE A 30 -2.39 -4.81 -11.68
N PRO A 31 -1.68 -4.25 -12.70
CA PRO A 31 -1.40 -2.81 -12.77
C PRO A 31 -2.68 -1.98 -12.64
N TYR A 32 -3.75 -2.49 -13.24
CA TYR A 32 -5.04 -1.80 -13.20
C TYR A 32 -5.65 -1.89 -11.81
N HIS A 33 -5.55 -3.06 -11.19
CA HIS A 33 -6.08 -3.26 -9.84
C HIS A 33 -5.29 -2.42 -8.85
N LEU A 34 -4.01 -2.22 -9.12
CA LEU A 34 -3.15 -1.42 -8.25
C LEU A 34 -3.70 0.00 -8.15
N ILE A 35 -4.16 0.51 -9.29
CA ILE A 35 -4.73 1.85 -9.36
C ILE A 35 -6.15 1.87 -8.75
N LYS A 36 -6.98 0.95 -9.21
CA LYS A 36 -8.39 0.90 -8.81
C LYS A 36 -8.55 0.61 -7.32
N CYS A 37 -7.72 -0.29 -6.80
CA CYS A 37 -7.82 -0.68 -5.40
C CYS A 37 -7.40 0.48 -4.51
N ARG A 38 -6.49 1.32 -5.00
CA ARG A 38 -6.07 2.50 -4.27
C ARG A 38 -7.24 3.45 -4.10
N LYS A 39 -8.17 3.39 -5.03
CA LYS A 39 -9.37 4.21 -4.99
C LYS A 39 -10.40 3.59 -4.07
N ASN A 40 -10.45 2.26 -4.06
CA ASN A 40 -11.42 1.54 -3.27
C ASN A 40 -10.73 0.64 -2.25
N HIS A 41 -10.03 1.26 -1.30
CA HIS A 41 -9.35 0.51 -0.25
C HIS A 41 -9.89 0.85 1.14
N PRO A 42 -11.10 0.35 1.47
CA PRO A 42 -11.76 0.68 2.75
C PRO A 42 -10.96 0.23 3.96
N ASP A 43 -10.36 -0.96 3.88
CA ASP A 43 -9.56 -1.48 4.98
C ASP A 43 -8.31 -0.64 5.18
N VAL A 44 -7.70 -0.23 4.08
CA VAL A 44 -6.44 0.49 4.13
C VAL A 44 -6.66 1.94 4.53
N ALA A 45 -7.86 2.44 4.26
CA ALA A 45 -8.22 3.81 4.61
C ALA A 45 -8.20 4.00 6.13
N ASN A 46 -8.52 2.93 6.86
CA ASN A 46 -8.51 2.96 8.31
C ASN A 46 -7.24 2.30 8.86
N LYS A 47 -6.41 1.80 7.96
CA LYS A 47 -5.15 1.19 8.37
C LYS A 47 -4.01 2.16 8.07
N LEU A 48 -3.83 3.12 8.96
CA LEU A 48 -2.85 4.17 8.77
C LEU A 48 -1.44 3.69 9.06
N ALA A 49 -0.48 4.33 8.42
CA ALA A 49 0.92 4.05 8.66
C ALA A 49 1.61 5.32 9.12
N THR A 50 2.34 5.21 10.22
CA THR A 50 3.03 6.37 10.79
C THR A 50 4.32 6.67 10.03
N CYS A 51 4.45 7.91 9.59
CA CYS A 51 5.65 8.36 8.92
C CYS A 51 6.82 8.36 9.90
N PRO A 52 7.90 7.62 9.58
CA PRO A 52 9.08 7.52 10.45
C PRO A 52 9.91 8.80 10.46
N PHE A 53 9.53 9.74 9.61
CA PHE A 53 10.21 11.01 9.55
C PHE A 53 9.47 12.06 10.36
N ASN A 54 8.14 12.02 10.27
CA ASN A 54 7.30 12.94 11.03
C ASN A 54 6.01 12.25 11.42
N ALA A 55 5.77 12.15 12.72
CA ALA A 55 4.61 11.42 13.24
C ALA A 55 3.30 12.13 12.93
N ARG A 56 3.38 13.37 12.46
CA ARG A 56 2.20 14.13 12.09
C ARG A 56 1.65 13.68 10.74
N HIS A 57 2.35 12.74 10.12
CA HIS A 57 1.92 12.23 8.82
C HIS A 57 1.37 10.82 8.96
N GLN A 58 0.07 10.68 8.77
CA GLN A 58 -0.57 9.37 8.77
C GLN A 58 -1.28 9.15 7.44
N VAL A 59 -0.85 8.14 6.71
CA VAL A 59 -1.44 7.83 5.42
C VAL A 59 -1.73 6.33 5.34
N PRO A 60 -2.64 5.92 4.45
CA PRO A 60 -2.93 4.49 4.22
C PRO A 60 -1.65 3.70 3.95
N ARG A 61 -1.52 2.56 4.62
CA ARG A 61 -0.31 1.74 4.57
C ARG A 61 0.11 1.37 3.15
N ALA A 62 -0.86 1.22 2.26
CA ALA A 62 -0.55 0.85 0.88
C ALA A 62 -0.12 2.06 0.06
N GLU A 63 -0.06 3.22 0.71
CA GLU A 63 0.34 4.45 0.05
C GLU A 63 1.49 5.11 0.81
N ILE A 64 1.96 4.45 1.88
CA ILE A 64 3.04 4.99 2.70
C ILE A 64 4.33 5.05 1.90
N SER A 65 4.49 4.13 0.97
CA SER A 65 5.68 4.04 0.14
C SER A 65 5.86 5.31 -0.68
N HIS A 66 4.78 5.74 -1.32
CA HIS A 66 4.80 6.97 -2.11
C HIS A 66 5.04 8.18 -1.22
N HIS A 67 4.76 8.05 0.07
CA HIS A 67 5.01 9.11 1.02
C HIS A 67 6.46 9.10 1.46
N ILE A 68 7.06 7.92 1.52
CA ILE A 68 8.47 7.79 1.90
C ILE A 68 9.36 8.43 0.84
N SER A 69 8.99 8.23 -0.41
CA SER A 69 9.75 8.75 -1.54
C SER A 69 9.59 10.27 -1.64
N SER A 70 8.61 10.82 -0.95
CA SER A 70 8.34 12.25 -0.99
C SER A 70 8.49 12.89 0.38
N CYS A 71 9.11 12.20 1.32
CA CYS A 71 9.20 12.69 2.69
C CYS A 71 10.47 12.17 3.37
N ASP A 72 11.54 12.05 2.61
CA ASP A 72 12.80 11.55 3.16
C ASP A 72 13.70 12.70 3.59
N ASP A 73 13.34 13.91 3.16
CA ASP A 73 14.10 15.10 3.51
C ASP A 73 13.38 15.89 4.59
N LYS A 74 12.18 16.36 4.28
CA LYS A 74 11.41 17.14 5.24
C LYS A 74 9.99 17.42 4.72
N SER A 75 9.92 18.06 3.57
CA SER A 75 8.63 18.48 3.02
C SER A 75 8.32 17.77 1.71
N SER A 76 7.04 17.65 1.39
CA SER A 76 6.61 17.01 0.16
C SER A 76 6.21 18.04 -0.89
N ILE A 77 6.99 19.10 -1.00
CA ILE A 77 6.75 20.13 -2.00
C ILE A 77 7.38 19.71 -3.31
N GLU A 78 8.60 19.21 -3.22
CA GLU A 78 9.33 18.70 -4.37
C GLU A 78 9.10 17.20 -4.49
N GLN A 79 8.53 16.77 -5.62
CA GLN A 79 8.24 15.36 -5.88
C GLN A 79 7.29 14.81 -4.83
N ASP A 80 6.11 15.40 -4.76
CA ASP A 80 5.08 15.00 -3.79
C ASP A 80 4.62 13.57 -4.03
ZN ZN B . -6.91 -5.04 -4.06
ZN ZN C . 5.94 12.23 6.15
N MET A 1 11.51 -32.17 -26.60
CA MET A 1 10.11 -31.72 -26.71
C MET A 1 9.29 -32.71 -27.52
N GLU A 2 8.79 -33.74 -26.85
CA GLU A 2 8.02 -34.78 -27.51
C GLU A 2 6.55 -34.38 -27.60
N ASP A 3 5.91 -34.25 -26.45
CA ASP A 3 4.51 -33.90 -26.37
C ASP A 3 4.33 -32.38 -26.47
N THR A 4 4.32 -31.88 -27.68
CA THR A 4 4.15 -30.46 -27.90
C THR A 4 2.77 -30.17 -28.49
N TYR A 5 1.83 -29.80 -27.63
CA TYR A 5 0.48 -29.52 -28.06
C TYR A 5 0.09 -28.10 -27.67
N ILE A 6 1.11 -27.27 -27.48
CA ILE A 6 0.93 -25.86 -27.09
C ILE A 6 0.20 -25.79 -25.75
N ASP A 7 0.88 -26.23 -24.70
CA ASP A 7 0.30 -26.22 -23.36
C ASP A 7 0.20 -24.80 -22.83
N SER A 8 -1.02 -24.35 -22.61
CA SER A 8 -1.26 -23.01 -22.11
C SER A 8 -1.00 -22.92 -20.61
N LEU A 9 0.26 -23.15 -20.24
CA LEU A 9 0.69 -23.02 -18.85
C LEU A 9 0.55 -21.57 -18.41
N ASP A 10 0.76 -20.66 -19.37
CA ASP A 10 0.61 -19.21 -19.16
C ASP A 10 1.29 -18.72 -17.90
N PRO A 11 2.48 -18.11 -18.04
CA PRO A 11 3.21 -17.50 -16.92
C PRO A 11 2.53 -16.23 -16.40
N GLU A 12 1.21 -16.30 -16.33
CA GLU A 12 0.39 -15.20 -15.85
C GLU A 12 0.55 -15.05 -14.34
N LYS A 13 0.09 -16.07 -13.61
CA LYS A 13 0.24 -16.14 -12.17
C LYS A 13 -0.70 -15.15 -11.46
N LEU A 14 -1.36 -15.64 -10.42
CA LEU A 14 -2.23 -14.80 -9.61
C LEU A 14 -1.40 -14.02 -8.61
N LEU A 15 -1.46 -12.71 -8.71
CA LEU A 15 -0.73 -11.84 -7.80
C LEU A 15 -1.64 -11.39 -6.67
N GLN A 16 -1.12 -11.41 -5.46
CA GLN A 16 -1.87 -10.96 -4.31
C GLN A 16 -1.81 -9.44 -4.22
N CYS A 17 -2.85 -8.85 -3.65
CA CYS A 17 -2.96 -7.41 -3.56
C CYS A 17 -2.28 -6.89 -2.30
N PRO A 18 -1.39 -5.90 -2.45
CA PRO A 18 -0.68 -5.29 -1.32
C PRO A 18 -1.60 -4.54 -0.38
N TYR A 19 -2.77 -4.17 -0.88
CA TYR A 19 -3.74 -3.42 -0.09
C TYR A 19 -4.67 -4.36 0.67
N ASP A 20 -4.95 -5.52 0.09
CA ASP A 20 -5.85 -6.48 0.72
C ASP A 20 -5.54 -7.88 0.20
N LYS A 21 -5.29 -8.81 1.11
CA LYS A 21 -4.86 -10.16 0.74
C LYS A 21 -6.01 -10.98 0.15
N ASN A 22 -7.23 -10.46 0.24
CA ASN A 22 -8.39 -11.16 -0.30
C ASN A 22 -8.58 -10.85 -1.77
N HIS A 23 -7.67 -10.05 -2.32
CA HIS A 23 -7.73 -9.71 -3.73
C HIS A 23 -6.65 -10.47 -4.50
N GLN A 24 -7.07 -11.33 -5.41
CA GLN A 24 -6.15 -12.08 -6.24
C GLN A 24 -6.41 -11.79 -7.71
N ILE A 25 -5.49 -11.07 -8.35
CA ILE A 25 -5.66 -10.64 -9.72
C ILE A 25 -4.49 -11.10 -10.58
N ARG A 26 -4.81 -11.64 -11.76
CA ARG A 26 -3.78 -12.12 -12.68
C ARG A 26 -2.86 -10.97 -13.11
N ALA A 27 -1.59 -11.29 -13.34
CA ALA A 27 -0.54 -10.28 -13.54
C ALA A 27 -0.93 -9.22 -14.57
N SER A 28 -1.44 -9.65 -15.72
CA SER A 28 -1.78 -8.73 -16.81
C SER A 28 -2.86 -7.72 -16.41
N ARG A 29 -3.69 -8.08 -15.44
CA ARG A 29 -4.79 -7.20 -15.02
C ARG A 29 -4.47 -6.54 -13.69
N PHE A 30 -3.34 -6.89 -13.11
CA PHE A 30 -2.94 -6.40 -11.79
C PHE A 30 -2.77 -4.87 -11.76
N PRO A 31 -2.03 -4.27 -12.73
CA PRO A 31 -1.79 -2.82 -12.75
C PRO A 31 -3.07 -2.00 -12.59
N TYR A 32 -4.15 -2.44 -13.23
CA TYR A 32 -5.42 -1.73 -13.16
C TYR A 32 -6.02 -1.83 -11.77
N HIS A 33 -5.88 -2.98 -11.14
CA HIS A 33 -6.38 -3.17 -9.78
C HIS A 33 -5.55 -2.36 -8.80
N LEU A 34 -4.28 -2.20 -9.10
CA LEU A 34 -3.38 -1.42 -8.26
C LEU A 34 -3.85 0.03 -8.21
N ILE A 35 -4.39 0.49 -9.33
CA ILE A 35 -4.89 1.85 -9.45
C ILE A 35 -6.22 2.02 -8.72
N LYS A 36 -7.16 1.13 -9.02
CA LYS A 36 -8.52 1.23 -8.48
C LYS A 36 -8.53 0.97 -6.97
N CYS A 37 -7.78 -0.01 -6.54
CA CYS A 37 -7.76 -0.41 -5.14
C CYS A 37 -7.15 0.69 -4.29
N ARG A 38 -6.12 1.33 -4.83
CA ARG A 38 -5.46 2.46 -4.17
C ARG A 38 -6.46 3.60 -3.96
N LYS A 39 -7.36 3.75 -4.92
CA LYS A 39 -8.37 4.80 -4.86
C LYS A 39 -9.43 4.47 -3.82
N ASN A 40 -9.73 3.18 -3.69
CA ASN A 40 -10.75 2.73 -2.75
C ASN A 40 -10.21 2.66 -1.33
N HIS A 41 -8.89 2.62 -1.20
CA HIS A 41 -8.25 2.52 0.11
C HIS A 41 -7.16 3.57 0.28
N PRO A 42 -7.55 4.85 0.46
CA PRO A 42 -6.60 5.96 0.61
C PRO A 42 -5.72 5.81 1.85
N ASP A 43 -6.25 5.16 2.88
CA ASP A 43 -5.53 4.98 4.13
C ASP A 43 -4.32 4.08 3.93
N VAL A 44 -4.50 3.04 3.12
CA VAL A 44 -3.43 2.10 2.88
C VAL A 44 -2.41 2.69 1.91
N ALA A 45 -2.92 3.48 0.98
CA ALA A 45 -2.08 4.13 -0.02
C ALA A 45 -1.14 5.14 0.61
N ASN A 46 -1.62 5.88 1.59
CA ASN A 46 -0.80 6.89 2.26
C ASN A 46 0.06 6.26 3.34
N LYS A 47 -0.28 5.02 3.72
CA LYS A 47 0.46 4.24 4.73
C LYS A 47 0.23 4.77 6.15
N LEU A 48 -0.05 6.06 6.26
CA LEU A 48 -0.35 6.67 7.55
C LEU A 48 -1.82 6.54 7.87
N ALA A 49 -2.13 6.40 9.16
CA ALA A 49 -3.50 6.29 9.61
C ALA A 49 -3.77 7.34 10.69
N THR A 50 -5.01 7.77 10.77
CA THR A 50 -5.38 8.79 11.73
C THR A 50 -6.21 8.18 12.86
N CYS A 51 -5.79 8.45 14.08
CA CYS A 51 -6.50 8.00 15.27
C CYS A 51 -7.94 8.49 15.25
N PRO A 52 -8.91 7.58 15.42
CA PRO A 52 -10.33 7.94 15.42
C PRO A 52 -10.74 8.69 16.68
N PHE A 53 -9.79 8.82 17.61
CA PHE A 53 -10.03 9.55 18.85
C PHE A 53 -9.43 10.94 18.78
N ASN A 54 -8.27 11.08 18.14
CA ASN A 54 -7.58 12.35 18.09
C ASN A 54 -6.83 12.51 16.78
N ALA A 55 -6.91 13.69 16.20
CA ALA A 55 -6.34 13.95 14.88
C ALA A 55 -4.83 14.16 14.94
N ARG A 56 -4.31 14.38 16.13
CA ARG A 56 -2.88 14.62 16.31
C ARG A 56 -2.14 13.31 16.60
N HIS A 57 -2.85 12.21 16.46
CA HIS A 57 -2.26 10.89 16.62
C HIS A 57 -2.17 10.19 15.28
N GLN A 58 -1.17 10.54 14.48
CA GLN A 58 -1.00 9.94 13.18
C GLN A 58 0.20 9.00 13.19
N VAL A 59 -0.07 7.72 12.95
CA VAL A 59 0.95 6.68 13.02
C VAL A 59 0.83 5.77 11.79
N PRO A 60 1.87 4.96 11.52
CA PRO A 60 1.79 3.93 10.48
C PRO A 60 0.58 3.02 10.70
N ARG A 61 -0.15 2.73 9.63
CA ARG A 61 -1.40 1.97 9.72
C ARG A 61 -1.18 0.56 10.26
N ALA A 62 0.05 0.09 10.23
CA ALA A 62 0.36 -1.23 10.76
C ALA A 62 0.40 -1.21 12.29
N GLU A 63 0.49 -0.01 12.85
CA GLU A 63 0.58 0.15 14.30
C GLU A 63 -0.67 0.83 14.86
N ILE A 64 -1.58 1.22 13.98
CA ILE A 64 -2.73 2.02 14.38
C ILE A 64 -3.68 1.24 15.30
N SER A 65 -3.85 -0.06 15.03
CA SER A 65 -4.78 -0.88 15.78
C SER A 65 -4.31 -1.04 17.22
N HIS A 66 -3.00 -1.20 17.39
CA HIS A 66 -2.41 -1.25 18.72
C HIS A 66 -2.64 0.07 19.43
N HIS A 67 -2.55 1.16 18.69
CA HIS A 67 -2.75 2.49 19.25
C HIS A 67 -4.19 2.67 19.71
N ILE A 68 -5.14 2.09 18.98
CA ILE A 68 -6.55 2.20 19.33
C ILE A 68 -6.81 1.62 20.72
N SER A 69 -6.22 0.45 20.98
CA SER A 69 -6.39 -0.22 22.25
C SER A 69 -5.59 0.47 23.36
N SER A 70 -4.58 1.24 22.97
CA SER A 70 -3.71 1.91 23.93
C SER A 70 -3.94 3.42 23.95
N CYS A 71 -5.08 3.86 23.41
CA CYS A 71 -5.39 5.27 23.36
C CYS A 71 -6.72 5.54 24.07
N ASP A 72 -6.86 6.74 24.59
CA ASP A 72 -8.08 7.15 25.27
C ASP A 72 -8.20 8.67 25.28
N ASP A 73 -8.49 9.25 24.13
CA ASP A 73 -8.66 10.69 24.02
C ASP A 73 -10.13 11.04 23.85
N LYS A 74 -10.59 12.03 24.58
CA LYS A 74 -12.01 12.39 24.58
C LYS A 74 -12.20 13.88 24.82
N SER A 75 -13.40 14.37 24.54
CA SER A 75 -13.72 15.77 24.72
C SER A 75 -15.00 15.88 25.55
N SER A 76 -15.48 17.11 25.75
CA SER A 76 -16.67 17.35 26.55
C SER A 76 -16.44 16.91 28.00
N ILE A 77 -15.20 17.03 28.45
CA ILE A 77 -14.80 16.60 29.78
C ILE A 77 -15.46 17.47 30.84
N GLU A 78 -15.16 18.76 30.81
CA GLU A 78 -15.76 19.70 31.75
C GLU A 78 -17.05 20.27 31.18
N GLN A 79 -18.04 19.39 31.01
CA GLN A 79 -19.34 19.77 30.49
C GLN A 79 -20.44 19.18 31.35
N ASP A 80 -20.29 19.30 32.65
CA ASP A 80 -21.26 18.76 33.60
C ASP A 80 -22.12 19.85 34.19
ZN ZN B . -6.99 -4.89 -3.96
ZN ZN C . -4.81 8.19 19.70
N MET A 1 -14.75 -19.87 -13.93
CA MET A 1 -15.39 -20.82 -14.87
C MET A 1 -14.34 -21.40 -15.84
N GLU A 2 -13.21 -20.74 -15.92
CA GLU A 2 -12.11 -21.17 -16.76
C GLU A 2 -10.95 -21.65 -15.90
N ASP A 3 -11.30 -22.13 -14.72
CA ASP A 3 -10.33 -22.52 -13.71
C ASP A 3 -9.57 -23.76 -14.15
N THR A 4 -10.25 -24.62 -14.90
CA THR A 4 -9.63 -25.79 -15.47
C THR A 4 -9.91 -25.84 -16.97
N TYR A 5 -9.61 -24.74 -17.64
CA TYR A 5 -9.84 -24.62 -19.07
C TYR A 5 -8.78 -25.43 -19.83
N ILE A 6 -9.12 -26.68 -20.12
CA ILE A 6 -8.21 -27.63 -20.78
C ILE A 6 -7.11 -28.06 -19.81
N ASP A 7 -6.34 -27.10 -19.32
CA ASP A 7 -5.27 -27.36 -18.38
C ASP A 7 -5.48 -26.51 -17.13
N SER A 8 -4.69 -26.78 -16.10
CA SER A 8 -4.82 -26.07 -14.84
C SER A 8 -3.65 -25.12 -14.64
N LEU A 9 -3.08 -24.65 -15.75
CA LEU A 9 -1.98 -23.70 -15.71
C LEU A 9 -2.54 -22.28 -15.74
N ASP A 10 -1.74 -21.33 -15.28
CA ASP A 10 -2.17 -19.94 -15.29
C ASP A 10 -1.31 -19.12 -16.24
N PRO A 11 -1.83 -18.85 -17.46
CA PRO A 11 -1.15 -18.01 -18.44
C PRO A 11 -0.86 -16.63 -17.84
N GLU A 12 -1.81 -16.12 -17.08
CA GLU A 12 -1.61 -14.93 -16.30
C GLU A 12 -1.61 -15.30 -14.82
N LYS A 13 -0.40 -15.45 -14.28
CA LYS A 13 -0.24 -15.85 -12.89
C LYS A 13 -0.86 -14.81 -11.95
N LEU A 14 -1.41 -15.30 -10.84
CA LEU A 14 -2.08 -14.43 -9.88
C LEU A 14 -1.09 -13.73 -8.97
N LEU A 15 -1.32 -12.45 -8.75
CA LEU A 15 -0.54 -11.68 -7.79
C LEU A 15 -1.39 -11.40 -6.57
N GLN A 16 -0.72 -11.17 -5.45
CA GLN A 16 -1.41 -10.85 -4.21
C GLN A 16 -1.51 -9.33 -4.06
N CYS A 17 -2.61 -8.86 -3.51
CA CYS A 17 -2.82 -7.44 -3.34
C CYS A 17 -2.26 -7.00 -1.99
N PRO A 18 -1.31 -6.05 -2.00
CA PRO A 18 -0.70 -5.51 -0.78
C PRO A 18 -1.70 -4.73 0.06
N TYR A 19 -2.70 -4.15 -0.60
CA TYR A 19 -3.70 -3.34 0.07
C TYR A 19 -4.73 -4.21 0.78
N ASP A 20 -5.03 -5.36 0.19
CA ASP A 20 -5.99 -6.28 0.77
C ASP A 20 -5.68 -7.71 0.33
N LYS A 21 -5.48 -8.58 1.29
CA LYS A 21 -4.98 -9.93 1.04
C LYS A 21 -6.04 -10.84 0.42
N ASN A 22 -7.27 -10.36 0.32
CA ASN A 22 -8.35 -11.16 -0.25
C ASN A 22 -8.51 -10.90 -1.74
N HIS A 23 -7.61 -10.12 -2.31
CA HIS A 23 -7.70 -9.79 -3.73
C HIS A 23 -6.67 -10.57 -4.53
N GLN A 24 -7.14 -11.43 -5.42
CA GLN A 24 -6.27 -12.19 -6.31
C GLN A 24 -6.55 -11.81 -7.76
N ILE A 25 -5.64 -11.07 -8.36
CA ILE A 25 -5.83 -10.56 -9.71
C ILE A 25 -4.72 -11.08 -10.63
N ARG A 26 -5.09 -11.41 -11.86
CA ARG A 26 -4.15 -11.96 -12.83
C ARG A 26 -3.17 -10.89 -13.30
N ALA A 27 -1.96 -11.29 -13.64
CA ALA A 27 -0.87 -10.36 -13.96
C ALA A 27 -1.29 -9.27 -14.93
N SER A 28 -2.00 -9.66 -15.98
CA SER A 28 -2.44 -8.75 -17.03
C SER A 28 -3.27 -7.58 -16.48
N ARG A 29 -4.00 -7.82 -15.42
CA ARG A 29 -4.91 -6.83 -14.88
C ARG A 29 -4.46 -6.34 -13.51
N PHE A 30 -3.29 -6.77 -13.07
CA PHE A 30 -2.80 -6.42 -11.74
C PHE A 30 -2.47 -4.93 -11.62
N PRO A 31 -1.74 -4.32 -12.59
CA PRO A 31 -1.48 -2.87 -12.56
C PRO A 31 -2.77 -2.08 -12.50
N TYR A 32 -3.78 -2.59 -13.19
CA TYR A 32 -5.09 -1.97 -13.21
C TYR A 32 -5.73 -2.01 -11.83
N HIS A 33 -5.53 -3.13 -11.14
CA HIS A 33 -6.08 -3.32 -9.80
C HIS A 33 -5.32 -2.48 -8.79
N LEU A 34 -4.03 -2.30 -9.03
CA LEU A 34 -3.19 -1.50 -8.13
C LEU A 34 -3.74 -0.07 -8.08
N ILE A 35 -4.12 0.43 -9.24
CA ILE A 35 -4.69 1.77 -9.35
C ILE A 35 -6.12 1.79 -8.82
N LYS A 36 -6.90 0.80 -9.25
CA LYS A 36 -8.31 0.71 -8.89
C LYS A 36 -8.48 0.56 -7.37
N CYS A 37 -7.67 -0.30 -6.78
CA CYS A 37 -7.77 -0.62 -5.37
C CYS A 37 -7.42 0.58 -4.51
N ARG A 38 -6.45 1.37 -4.96
CA ARG A 38 -6.07 2.60 -4.27
C ARG A 38 -7.25 3.57 -4.22
N LYS A 39 -8.05 3.59 -5.28
CA LYS A 39 -9.20 4.47 -5.34
C LYS A 39 -10.39 3.87 -4.60
N ASN A 40 -10.45 2.54 -4.54
CA ASN A 40 -11.51 1.84 -3.83
C ASN A 40 -11.23 1.81 -2.33
N HIS A 41 -10.01 2.15 -1.96
CA HIS A 41 -9.61 2.20 -0.54
C HIS A 41 -8.97 3.56 -0.23
N PRO A 42 -9.78 4.63 -0.21
CA PRO A 42 -9.30 6.00 0.00
C PRO A 42 -8.54 6.19 1.32
N ASP A 43 -8.86 5.36 2.31
CA ASP A 43 -8.19 5.45 3.62
C ASP A 43 -6.71 5.22 3.48
N VAL A 44 -6.33 4.28 2.64
CA VAL A 44 -4.94 3.97 2.40
C VAL A 44 -4.33 5.01 1.47
N ALA A 45 -5.14 5.49 0.54
CA ALA A 45 -4.70 6.46 -0.45
C ALA A 45 -4.42 7.82 0.19
N ASN A 46 -4.93 8.03 1.40
CA ASN A 46 -4.69 9.27 2.14
C ASN A 46 -3.21 9.39 2.53
N LYS A 47 -2.56 8.26 2.70
CA LYS A 47 -1.15 8.24 3.07
C LYS A 47 -0.27 8.35 1.83
N LEU A 48 -0.90 8.45 0.67
CA LEU A 48 -0.20 8.62 -0.58
C LEU A 48 -0.56 9.97 -1.19
N ALA A 49 0.35 10.51 -1.97
CA ALA A 49 0.14 11.77 -2.64
C ALA A 49 0.69 11.70 -4.05
N THR A 50 -0.06 12.22 -5.00
CA THR A 50 0.34 12.20 -6.39
C THR A 50 1.18 13.43 -6.72
N CYS A 51 2.33 13.19 -7.35
CA CYS A 51 3.19 14.27 -7.80
C CYS A 51 2.43 15.14 -8.81
N PRO A 52 2.35 16.46 -8.55
CA PRO A 52 1.66 17.39 -9.46
C PRO A 52 2.47 17.64 -10.72
N PHE A 53 3.68 17.09 -10.76
CA PHE A 53 4.57 17.25 -11.90
C PHE A 53 4.60 15.98 -12.75
N ASN A 54 4.15 14.86 -12.18
CA ASN A 54 4.19 13.57 -12.87
C ASN A 54 3.41 12.53 -12.09
N ALA A 55 2.33 12.05 -12.70
CA ALA A 55 1.38 11.17 -12.02
C ALA A 55 2.00 9.83 -11.64
N ARG A 56 3.02 9.41 -12.38
CA ARG A 56 3.68 8.14 -12.09
C ARG A 56 4.61 8.25 -10.89
N HIS A 57 4.68 9.43 -10.28
CA HIS A 57 5.46 9.61 -9.05
C HIS A 57 4.53 9.52 -7.85
N GLN A 58 4.31 8.30 -7.36
CA GLN A 58 3.47 8.11 -6.20
C GLN A 58 4.34 8.01 -4.95
N VAL A 59 4.14 8.95 -4.05
CA VAL A 59 4.96 9.04 -2.85
C VAL A 59 4.09 9.13 -1.61
N PRO A 60 4.63 8.78 -0.42
CA PRO A 60 3.93 8.95 0.85
C PRO A 60 3.69 10.42 1.16
N ARG A 61 2.59 10.68 1.86
CA ARG A 61 2.16 12.05 2.19
C ARG A 61 3.22 12.78 3.02
N ALA A 62 4.03 12.03 3.75
CA ALA A 62 5.10 12.60 4.56
C ALA A 62 6.34 12.90 3.72
N GLU A 63 6.33 12.47 2.46
CA GLU A 63 7.47 12.67 1.57
C GLU A 63 7.13 13.61 0.43
N ILE A 64 5.84 13.84 0.22
CA ILE A 64 5.37 14.67 -0.91
C ILE A 64 5.96 16.08 -0.82
N SER A 65 6.12 16.58 0.39
CA SER A 65 6.65 17.92 0.61
C SER A 65 8.06 18.04 0.04
N HIS A 66 8.89 17.06 0.37
CA HIS A 66 10.25 17.01 -0.12
C HIS A 66 10.28 16.76 -1.63
N HIS A 67 9.35 15.94 -2.11
CA HIS A 67 9.33 15.56 -3.52
C HIS A 67 8.93 16.74 -4.39
N ILE A 68 8.19 17.68 -3.83
CA ILE A 68 7.77 18.87 -4.58
C ILE A 68 8.97 19.76 -4.89
N SER A 69 9.91 19.84 -3.97
CA SER A 69 11.09 20.66 -4.16
C SER A 69 12.23 19.87 -4.82
N SER A 70 12.15 18.54 -4.75
CA SER A 70 13.18 17.69 -5.34
C SER A 70 12.73 17.15 -6.70
N CYS A 71 11.63 17.65 -7.21
CA CYS A 71 11.09 17.19 -8.48
C CYS A 71 10.50 18.36 -9.26
N ASP A 72 11.31 18.97 -10.11
CA ASP A 72 10.86 20.06 -10.94
C ASP A 72 10.51 19.57 -12.33
N ASP A 73 9.45 20.13 -12.90
CA ASP A 73 9.01 19.77 -14.24
C ASP A 73 8.39 20.98 -14.92
N LYS A 74 7.23 21.39 -14.43
CA LYS A 74 6.61 22.63 -14.88
C LYS A 74 7.39 23.81 -14.30
N SER A 75 7.41 23.87 -12.98
CA SER A 75 8.23 24.84 -12.28
C SER A 75 9.68 24.35 -12.26
N SER A 76 10.43 24.71 -13.28
CA SER A 76 11.82 24.28 -13.42
C SER A 76 12.72 24.99 -12.41
N ILE A 77 12.19 26.03 -11.77
CA ILE A 77 12.89 26.75 -10.71
C ILE A 77 14.30 27.15 -11.13
N GLU A 78 14.38 28.19 -11.94
CA GLU A 78 15.66 28.70 -12.40
C GLU A 78 16.19 29.72 -11.41
N GLN A 79 16.89 29.23 -10.39
CA GLN A 79 17.50 30.10 -9.40
C GLN A 79 18.93 30.43 -9.83
N ASP A 80 19.50 29.57 -10.68
CA ASP A 80 20.85 29.77 -11.18
C ASP A 80 20.80 30.34 -12.59
ZN ZN B . -6.88 -4.98 -3.96
ZN ZN C . 7.72 13.89 -9.11
N MET A 1 -3.25 -32.53 -15.60
CA MET A 1 -3.59 -32.64 -17.04
C MET A 1 -2.77 -33.73 -17.71
N GLU A 2 -1.51 -33.44 -18.01
CA GLU A 2 -0.64 -34.41 -18.66
C GLU A 2 0.02 -35.30 -17.61
N ASP A 3 1.03 -34.76 -16.95
CA ASP A 3 1.68 -35.43 -15.84
C ASP A 3 1.25 -34.78 -14.53
N THR A 4 1.43 -33.47 -14.48
CA THR A 4 1.02 -32.69 -13.32
C THR A 4 -0.23 -31.89 -13.64
N TYR A 5 -0.73 -31.14 -12.66
CA TYR A 5 -1.93 -30.32 -12.87
C TYR A 5 -1.60 -29.17 -13.81
N ILE A 6 -0.80 -28.22 -13.35
CA ILE A 6 -0.33 -27.13 -14.19
C ILE A 6 0.90 -27.56 -14.97
N ASP A 7 0.70 -28.58 -15.79
CA ASP A 7 1.78 -29.25 -16.51
C ASP A 7 2.44 -28.31 -17.51
N SER A 8 1.61 -27.54 -18.21
CA SER A 8 2.10 -26.60 -19.20
C SER A 8 2.22 -25.20 -18.57
N LEU A 9 2.27 -25.17 -17.24
CA LEU A 9 2.35 -23.93 -16.47
C LEU A 9 1.08 -23.10 -16.59
N ASP A 10 0.69 -22.45 -15.50
CA ASP A 10 -0.50 -21.64 -15.48
C ASP A 10 -0.31 -20.36 -16.29
N PRO A 11 -1.17 -20.11 -17.29
CA PRO A 11 -1.02 -18.98 -18.22
C PRO A 11 -0.66 -17.68 -17.52
N GLU A 12 -1.49 -17.29 -16.55
CA GLU A 12 -1.20 -16.14 -15.73
C GLU A 12 -1.25 -16.52 -14.27
N LYS A 13 -0.30 -16.03 -13.49
CA LYS A 13 -0.26 -16.30 -12.07
C LYS A 13 -1.07 -15.25 -11.33
N LEU A 14 -1.73 -15.68 -10.26
CA LEU A 14 -2.50 -14.76 -9.44
C LEU A 14 -1.58 -14.02 -8.49
N LEU A 15 -1.56 -12.70 -8.62
CA LEU A 15 -0.73 -11.87 -7.77
C LEU A 15 -1.55 -11.33 -6.62
N GLN A 16 -0.99 -11.38 -5.42
CA GLN A 16 -1.69 -10.92 -4.24
C GLN A 16 -1.69 -9.40 -4.19
N CYS A 17 -2.76 -8.82 -3.68
CA CYS A 17 -2.92 -7.39 -3.63
C CYS A 17 -2.32 -6.84 -2.34
N PRO A 18 -1.42 -5.84 -2.45
CA PRO A 18 -0.76 -5.23 -1.29
C PRO A 18 -1.73 -4.44 -0.41
N TYR A 19 -2.86 -4.05 -0.99
CA TYR A 19 -3.85 -3.28 -0.26
C TYR A 19 -4.81 -4.19 0.50
N ASP A 20 -4.90 -5.44 0.06
CA ASP A 20 -5.75 -6.42 0.71
C ASP A 20 -5.46 -7.81 0.16
N LYS A 21 -5.09 -8.73 1.04
CA LYS A 21 -4.66 -10.07 0.65
C LYS A 21 -5.79 -10.92 0.09
N ASN A 22 -7.03 -10.44 0.20
CA ASN A 22 -8.18 -11.19 -0.29
C ASN A 22 -8.39 -10.95 -1.78
N HIS A 23 -7.52 -10.14 -2.38
CA HIS A 23 -7.63 -9.84 -3.80
C HIS A 23 -6.57 -10.61 -4.57
N GLN A 24 -7.02 -11.50 -5.44
CA GLN A 24 -6.14 -12.24 -6.31
C GLN A 24 -6.42 -11.89 -7.76
N ILE A 25 -5.53 -11.11 -8.36
CA ILE A 25 -5.74 -10.63 -9.72
C ILE A 25 -4.60 -11.10 -10.62
N ARG A 26 -4.96 -11.52 -11.83
CA ARG A 26 -3.98 -12.04 -12.79
C ARG A 26 -3.02 -10.96 -13.24
N ALA A 27 -1.80 -11.34 -13.59
CA ALA A 27 -0.70 -10.39 -13.84
C ALA A 27 -1.11 -9.26 -14.79
N SER A 28 -1.83 -9.60 -15.85
CA SER A 28 -2.21 -8.62 -16.87
C SER A 28 -3.05 -7.48 -16.31
N ARG A 29 -3.87 -7.79 -15.31
CA ARG A 29 -4.81 -6.81 -14.77
C ARG A 29 -4.38 -6.30 -13.40
N PHE A 30 -3.27 -6.84 -12.89
CA PHE A 30 -2.80 -6.48 -11.57
C PHE A 30 -2.47 -4.99 -11.44
N PRO A 31 -1.69 -4.39 -12.38
CA PRO A 31 -1.35 -2.96 -12.32
C PRO A 31 -2.60 -2.07 -12.27
N TYR A 32 -3.64 -2.48 -13.00
CA TYR A 32 -4.85 -1.69 -13.08
C TYR A 32 -5.74 -1.91 -11.86
N HIS A 33 -5.66 -3.10 -11.27
CA HIS A 33 -6.34 -3.34 -10.01
C HIS A 33 -5.71 -2.51 -8.91
N LEU A 34 -4.40 -2.29 -9.04
CA LEU A 34 -3.65 -1.51 -8.07
C LEU A 34 -4.21 -0.09 -7.97
N ILE A 35 -4.32 0.55 -9.13
CA ILE A 35 -4.83 1.92 -9.21
C ILE A 35 -6.25 2.03 -8.66
N LYS A 36 -7.11 1.13 -9.12
CA LYS A 36 -8.51 1.13 -8.73
C LYS A 36 -8.68 0.80 -7.24
N CYS A 37 -7.83 -0.08 -6.75
CA CYS A 37 -7.88 -0.50 -5.35
C CYS A 37 -7.33 0.61 -4.46
N ARG A 38 -6.30 1.28 -4.96
CA ARG A 38 -5.70 2.42 -4.28
C ARG A 38 -6.72 3.55 -4.09
N LYS A 39 -7.60 3.69 -5.08
CA LYS A 39 -8.64 4.70 -5.05
C LYS A 39 -9.60 4.47 -3.89
N ASN A 40 -9.84 3.20 -3.57
CA ASN A 40 -10.78 2.85 -2.51
C ASN A 40 -10.07 2.76 -1.15
N HIS A 41 -8.83 3.19 -1.12
CA HIS A 41 -8.06 3.24 0.13
C HIS A 41 -7.46 4.63 0.31
N PRO A 42 -8.32 5.61 0.68
CA PRO A 42 -7.92 7.02 0.72
C PRO A 42 -6.98 7.35 1.88
N ASP A 43 -6.89 6.44 2.85
CA ASP A 43 -6.03 6.64 4.01
C ASP A 43 -4.57 6.69 3.58
N VAL A 44 -4.26 6.03 2.47
CA VAL A 44 -2.90 6.03 1.94
C VAL A 44 -2.61 7.36 1.25
N ALA A 45 -3.58 7.83 0.48
CA ALA A 45 -3.44 9.10 -0.23
C ALA A 45 -3.39 10.26 0.74
N ASN A 46 -4.17 10.16 1.81
CA ASN A 46 -4.27 11.23 2.80
C ASN A 46 -3.32 10.99 3.96
N LYS A 47 -2.32 10.15 3.75
CA LYS A 47 -1.27 9.92 4.73
C LYS A 47 -0.41 11.17 4.85
N LEU A 48 -0.17 11.62 6.07
CA LEU A 48 0.51 12.90 6.28
C LEU A 48 2.01 12.79 6.00
N ALA A 49 2.51 13.78 5.30
CA ALA A 49 3.92 13.90 4.99
C ALA A 49 4.46 15.21 5.53
N THR A 50 5.71 15.23 5.93
CA THR A 50 6.31 16.39 6.52
C THR A 50 7.05 17.22 5.48
N CYS A 51 6.70 18.50 5.40
CA CYS A 51 7.36 19.43 4.50
C CYS A 51 8.84 19.57 4.85
N PRO A 52 9.73 19.38 3.86
CA PRO A 52 11.18 19.51 4.06
C PRO A 52 11.59 20.97 4.21
N PHE A 53 10.64 21.87 4.05
CA PHE A 53 10.88 23.30 4.18
C PHE A 53 10.45 23.79 5.56
N ASN A 54 9.49 23.09 6.16
CA ASN A 54 8.92 23.50 7.44
C ASN A 54 8.09 22.37 8.04
N ALA A 55 8.42 22.01 9.27
CA ALA A 55 7.74 20.93 9.97
C ALA A 55 6.29 21.27 10.29
N ARG A 56 5.99 22.56 10.25
CA ARG A 56 4.65 23.04 10.56
C ARG A 56 3.76 22.97 9.31
N HIS A 57 4.28 22.35 8.25
CA HIS A 57 3.50 22.09 7.05
C HIS A 57 3.28 20.59 6.88
N GLN A 58 2.28 20.06 7.54
CA GLN A 58 1.94 18.66 7.38
C GLN A 58 0.75 18.52 6.46
N VAL A 59 0.97 17.88 5.33
CA VAL A 59 -0.05 17.72 4.30
C VAL A 59 -0.08 16.29 3.81
N PRO A 60 -1.24 15.82 3.34
CA PRO A 60 -1.37 14.48 2.77
C PRO A 60 -0.41 14.27 1.61
N ARG A 61 0.21 13.10 1.55
CA ARG A 61 1.24 12.81 0.56
C ARG A 61 0.72 12.93 -0.87
N ALA A 62 -0.59 12.94 -1.05
CA ALA A 62 -1.18 13.18 -2.35
C ALA A 62 -0.95 14.63 -2.80
N GLU A 63 -0.79 15.53 -1.83
CA GLU A 63 -0.61 16.95 -2.12
C GLU A 63 0.82 17.42 -1.84
N ILE A 64 1.63 16.56 -1.25
CA ILE A 64 2.99 16.95 -0.85
C ILE A 64 3.84 17.33 -2.07
N SER A 65 3.58 16.69 -3.19
CA SER A 65 4.36 16.93 -4.41
C SER A 65 4.15 18.35 -4.94
N HIS A 66 2.90 18.80 -4.92
CA HIS A 66 2.59 20.17 -5.34
C HIS A 66 3.02 21.18 -4.29
N HIS A 67 3.03 20.75 -3.03
CA HIS A 67 3.41 21.65 -1.94
C HIS A 67 4.89 21.99 -2.01
N ILE A 68 5.71 21.03 -2.43
CA ILE A 68 7.14 21.27 -2.56
C ILE A 68 7.41 22.39 -3.56
N SER A 69 6.70 22.33 -4.68
CA SER A 69 6.89 23.30 -5.75
C SER A 69 6.32 24.67 -5.37
N SER A 70 5.45 24.71 -4.37
CA SER A 70 4.80 25.94 -3.97
C SER A 70 5.24 26.40 -2.58
N CYS A 71 6.35 25.87 -2.11
CA CYS A 71 6.82 26.20 -0.76
C CYS A 71 8.23 26.78 -0.80
N ASP A 72 8.33 28.05 -1.16
CA ASP A 72 9.59 28.80 -1.09
C ASP A 72 9.42 29.97 -0.14
N ASP A 73 8.59 29.77 0.87
CA ASP A 73 8.23 30.84 1.79
C ASP A 73 9.39 31.22 2.70
N LYS A 74 9.70 30.35 3.66
CA LYS A 74 10.81 30.62 4.58
C LYS A 74 12.03 29.84 4.15
N SER A 75 11.81 28.66 3.62
CA SER A 75 12.88 27.84 3.10
C SER A 75 12.73 27.69 1.60
N SER A 76 13.83 27.80 0.87
CA SER A 76 13.81 27.69 -0.56
C SER A 76 15.03 26.90 -1.04
N ILE A 77 16.21 27.41 -0.72
CA ILE A 77 17.46 26.78 -1.10
C ILE A 77 18.37 26.67 0.11
N GLU A 78 19.35 25.78 0.04
CA GLU A 78 20.29 25.60 1.12
C GLU A 78 21.38 26.66 1.03
N GLN A 79 21.10 27.83 1.57
CA GLN A 79 22.05 28.93 1.58
C GLN A 79 22.63 29.08 2.98
N ASP A 80 22.65 27.97 3.70
CA ASP A 80 23.15 27.96 5.07
C ASP A 80 24.10 26.79 5.29
ZN ZN B . -7.04 -5.00 -4.19
ZN ZN C . 5.89 23.79 3.21
N MET A 1 -18.15 -30.30 -16.24
CA MET A 1 -17.21 -30.12 -15.11
C MET A 1 -15.89 -29.52 -15.62
N GLU A 2 -15.20 -28.79 -14.77
CA GLU A 2 -13.92 -28.18 -15.13
C GLU A 2 -12.76 -29.00 -14.59
N ASP A 3 -12.54 -30.17 -15.17
CA ASP A 3 -11.43 -31.02 -14.77
C ASP A 3 -10.19 -30.69 -15.57
N THR A 4 -10.40 -29.99 -16.68
CA THR A 4 -9.30 -29.55 -17.52
C THR A 4 -8.44 -28.54 -16.78
N TYR A 5 -7.13 -28.75 -16.80
CA TYR A 5 -6.21 -27.83 -16.18
C TYR A 5 -5.71 -26.82 -17.21
N ILE A 6 -5.95 -25.55 -16.94
CA ILE A 6 -5.50 -24.48 -17.81
C ILE A 6 -3.97 -24.41 -17.85
N ASP A 7 -3.41 -24.87 -18.96
CA ASP A 7 -1.97 -24.89 -19.13
C ASP A 7 -1.45 -23.51 -19.51
N SER A 8 -0.48 -23.02 -18.75
CA SER A 8 0.10 -21.71 -18.99
C SER A 8 1.51 -21.67 -18.40
N LEU A 9 2.47 -21.23 -19.20
CA LEU A 9 3.84 -21.10 -18.74
C LEU A 9 4.14 -19.64 -18.41
N ASP A 10 3.09 -18.84 -18.40
CA ASP A 10 3.20 -17.41 -18.07
C ASP A 10 3.78 -17.22 -16.68
N PRO A 11 4.93 -16.56 -16.57
CA PRO A 11 5.55 -16.26 -15.28
C PRO A 11 4.75 -15.21 -14.52
N GLU A 12 4.50 -15.48 -13.24
CA GLU A 12 3.72 -14.59 -12.39
C GLU A 12 2.27 -14.48 -12.89
N LYS A 13 1.47 -15.47 -12.53
CA LYS A 13 0.08 -15.50 -12.94
C LYS A 13 -0.79 -14.74 -11.95
N LEU A 14 -0.94 -15.29 -10.76
CA LEU A 14 -1.77 -14.68 -9.72
C LEU A 14 -0.90 -13.88 -8.76
N LEU A 15 -1.24 -12.60 -8.62
CA LEU A 15 -0.55 -11.73 -7.68
C LEU A 15 -1.51 -11.35 -6.56
N GLN A 16 -1.03 -11.40 -5.33
CA GLN A 16 -1.85 -11.01 -4.19
C GLN A 16 -1.79 -9.50 -4.01
N CYS A 17 -2.88 -8.94 -3.55
CA CYS A 17 -2.99 -7.50 -3.38
C CYS A 17 -2.47 -7.09 -2.01
N PRO A 18 -1.47 -6.21 -1.96
CA PRO A 18 -0.93 -5.71 -0.70
C PRO A 18 -1.88 -4.72 -0.03
N TYR A 19 -2.86 -4.26 -0.80
CA TYR A 19 -3.88 -3.35 -0.28
C TYR A 19 -5.01 -4.12 0.37
N ASP A 20 -5.11 -5.40 0.02
CA ASP A 20 -6.10 -6.29 0.60
C ASP A 20 -5.80 -7.73 0.20
N LYS A 21 -5.49 -8.56 1.19
CA LYS A 21 -5.01 -9.92 0.95
C LYS A 21 -6.06 -10.81 0.31
N ASN A 22 -7.30 -10.35 0.25
CA ASN A 22 -8.39 -11.13 -0.32
C ASN A 22 -8.47 -10.94 -1.83
N HIS A 23 -7.60 -10.10 -2.38
CA HIS A 23 -7.62 -9.83 -3.81
C HIS A 23 -6.49 -10.56 -4.50
N GLN A 24 -6.84 -11.49 -5.38
CA GLN A 24 -5.86 -12.20 -6.19
C GLN A 24 -6.16 -11.98 -7.66
N ILE A 25 -5.40 -11.09 -8.29
CA ILE A 25 -5.66 -10.74 -9.68
C ILE A 25 -4.45 -11.10 -10.54
N ARG A 26 -4.70 -11.67 -11.72
CA ARG A 26 -3.64 -12.05 -12.63
C ARG A 26 -2.93 -10.82 -13.17
N ALA A 27 -1.64 -11.00 -13.45
CA ALA A 27 -0.73 -9.91 -13.83
C ALA A 27 -1.24 -9.07 -14.99
N SER A 28 -2.09 -9.66 -15.82
CA SER A 28 -2.65 -8.96 -16.97
C SER A 28 -3.54 -7.79 -16.54
N ARG A 29 -4.19 -7.91 -15.39
CA ARG A 29 -5.06 -6.84 -14.89
C ARG A 29 -4.58 -6.32 -13.54
N PHE A 30 -3.44 -6.84 -13.08
CA PHE A 30 -2.93 -6.47 -11.76
C PHE A 30 -2.60 -4.97 -11.67
N PRO A 31 -1.88 -4.38 -12.66
CA PRO A 31 -1.59 -2.94 -12.65
C PRO A 31 -2.87 -2.10 -12.57
N TYR A 32 -3.89 -2.54 -13.31
CA TYR A 32 -5.19 -1.87 -13.31
C TYR A 32 -5.86 -1.95 -11.94
N HIS A 33 -5.77 -3.13 -11.33
CA HIS A 33 -6.34 -3.33 -10.01
C HIS A 33 -5.60 -2.49 -8.98
N LEU A 34 -4.33 -2.28 -9.20
CA LEU A 34 -3.50 -1.50 -8.30
C LEU A 34 -3.98 -0.06 -8.26
N ILE A 35 -4.37 0.44 -9.43
CA ILE A 35 -4.81 1.82 -9.57
C ILE A 35 -6.11 2.07 -8.82
N LYS A 36 -7.11 1.25 -9.07
CA LYS A 36 -8.43 1.44 -8.47
C LYS A 36 -8.42 1.10 -6.99
N CYS A 37 -7.68 0.06 -6.62
CA CYS A 37 -7.67 -0.42 -5.25
C CYS A 37 -6.94 0.56 -4.34
N ARG A 38 -5.95 1.26 -4.89
CA ARG A 38 -5.24 2.30 -4.15
C ARG A 38 -6.16 3.45 -3.78
N LYS A 39 -7.10 3.75 -4.67
CA LYS A 39 -8.00 4.87 -4.48
C LYS A 39 -9.00 4.59 -3.37
N ASN A 40 -9.20 3.32 -3.05
CA ASN A 40 -10.11 2.92 -1.99
C ASN A 40 -9.35 2.68 -0.69
N HIS A 41 -8.10 3.08 -0.66
CA HIS A 41 -7.26 2.92 0.53
C HIS A 41 -6.41 4.17 0.74
N PRO A 42 -7.04 5.28 1.14
CA PRO A 42 -6.35 6.58 1.31
C PRO A 42 -5.23 6.52 2.33
N ASP A 43 -5.42 5.75 3.39
CA ASP A 43 -4.43 5.66 4.46
C ASP A 43 -3.14 5.02 3.97
N VAL A 44 -3.27 4.13 3.00
CA VAL A 44 -2.11 3.46 2.43
C VAL A 44 -1.43 4.38 1.41
N ALA A 45 -2.23 5.18 0.73
CA ALA A 45 -1.71 6.12 -0.25
C ALA A 45 -1.03 7.30 0.44
N ASN A 46 -1.55 7.69 1.59
CA ASN A 46 -0.94 8.74 2.40
C ASN A 46 0.44 8.30 2.89
N LYS A 47 0.65 6.98 2.95
CA LYS A 47 1.96 6.42 3.30
C LYS A 47 2.46 6.91 4.65
N LEU A 48 2.01 6.25 5.71
CA LEU A 48 2.38 6.61 7.06
C LEU A 48 3.55 5.77 7.54
N ALA A 49 4.32 6.33 8.48
CA ALA A 49 5.46 5.66 9.06
C ALA A 49 5.39 5.76 10.57
N THR A 50 5.96 4.79 11.26
CA THR A 50 5.92 4.76 12.70
C THR A 50 7.26 5.17 13.30
N CYS A 51 7.21 6.10 14.25
CA CYS A 51 8.40 6.56 14.96
C CYS A 51 9.01 5.40 15.75
N PRO A 52 10.31 5.13 15.54
CA PRO A 52 11.01 4.04 16.21
C PRO A 52 11.27 4.31 17.69
N PHE A 53 10.76 5.44 18.16
CA PHE A 53 10.92 5.83 19.56
C PHE A 53 9.58 5.83 20.26
N ASN A 54 8.56 6.34 19.59
CA ASN A 54 7.22 6.40 20.17
C ASN A 54 6.18 6.06 19.11
N ALA A 55 5.43 4.99 19.36
CA ALA A 55 4.44 4.49 18.41
C ALA A 55 3.25 5.44 18.29
N ARG A 56 3.18 6.43 19.16
CA ARG A 56 2.12 7.43 19.12
C ARG A 56 2.46 8.51 18.09
N HIS A 57 3.60 8.37 17.44
CA HIS A 57 4.03 9.32 16.43
C HIS A 57 3.96 8.70 15.05
N GLN A 58 2.85 8.91 14.36
CA GLN A 58 2.71 8.43 13.00
C GLN A 58 2.71 9.60 12.03
N VAL A 59 3.71 9.64 11.17
CA VAL A 59 3.88 10.74 10.22
C VAL A 59 4.14 10.19 8.82
N PRO A 60 3.74 10.94 7.78
CA PRO A 60 3.97 10.54 6.38
C PRO A 60 5.43 10.14 6.11
N ARG A 61 5.60 9.24 5.15
CA ARG A 61 6.92 8.73 4.79
C ARG A 61 7.87 9.86 4.37
N ALA A 62 7.31 10.95 3.87
CA ALA A 62 8.12 12.09 3.46
C ALA A 62 8.40 13.03 4.63
N GLU A 63 7.79 12.74 5.78
CA GLU A 63 7.95 13.59 6.95
C GLU A 63 8.63 12.83 8.08
N ILE A 64 8.83 11.53 7.88
CA ILE A 64 9.39 10.66 8.93
C ILE A 64 10.86 11.00 9.21
N SER A 65 11.63 11.29 8.17
CA SER A 65 13.05 11.53 8.32
C SER A 65 13.28 12.78 9.17
N HIS A 66 12.54 13.84 8.87
CA HIS A 66 12.64 15.09 9.59
C HIS A 66 12.14 14.92 11.02
N HIS A 67 11.18 14.02 11.22
CA HIS A 67 10.65 13.76 12.55
C HIS A 67 11.70 13.09 13.42
N ILE A 68 12.50 12.22 12.83
CA ILE A 68 13.56 11.54 13.57
C ILE A 68 14.64 12.54 13.99
N SER A 69 14.89 13.51 13.13
CA SER A 69 15.85 14.55 13.42
C SER A 69 15.34 15.52 14.49
N SER A 70 14.03 15.48 14.73
CA SER A 70 13.42 16.33 15.74
C SER A 70 12.76 15.48 16.84
N CYS A 71 13.11 14.20 16.88
CA CYS A 71 12.52 13.27 17.83
C CYS A 71 13.34 11.99 17.89
N ASP A 72 14.18 11.87 18.92
CA ASP A 72 14.96 10.68 19.13
C ASP A 72 14.67 10.10 20.50
N ASP A 73 13.58 10.56 21.09
CA ASP A 73 13.15 10.08 22.40
C ASP A 73 11.64 9.90 22.39
N LYS A 74 11.11 9.20 23.38
CA LYS A 74 9.67 9.01 23.50
C LYS A 74 8.99 10.32 23.85
N SER A 75 9.72 11.19 24.52
CA SER A 75 9.22 12.52 24.87
C SER A 75 10.32 13.55 24.70
N SER A 76 10.08 14.53 23.83
CA SER A 76 11.07 15.56 23.53
C SER A 76 11.12 16.64 24.62
N ILE A 77 11.11 16.20 25.87
CA ILE A 77 11.18 17.11 27.00
C ILE A 77 12.36 16.74 27.89
N GLU A 78 13.50 17.35 27.63
CA GLU A 78 14.70 17.10 28.40
C GLU A 78 14.74 18.00 29.62
N GLN A 79 13.82 17.77 30.54
CA GLN A 79 13.68 18.58 31.73
C GLN A 79 14.56 18.03 32.85
N ASP A 80 15.81 18.44 32.86
CA ASP A 80 16.77 17.98 33.85
C ASP A 80 16.48 18.59 35.22
ZN ZN B . -7.01 -5.01 -4.17
ZN ZN C . 8.60 10.66 17.35
N MET A 1 5.14 -39.70 -18.38
CA MET A 1 4.58 -38.35 -18.53
C MET A 1 5.26 -37.37 -17.59
N GLU A 2 6.58 -37.33 -17.64
CA GLU A 2 7.36 -36.46 -16.78
C GLU A 2 7.43 -35.06 -17.36
N ASP A 3 6.53 -34.19 -16.90
CA ASP A 3 6.49 -32.81 -17.38
C ASP A 3 7.42 -31.92 -16.58
N THR A 4 8.30 -31.24 -17.29
CA THR A 4 9.21 -30.29 -16.67
C THR A 4 9.52 -29.19 -17.68
N TYR A 5 8.64 -29.05 -18.66
CA TYR A 5 8.86 -28.12 -19.75
C TYR A 5 7.83 -27.00 -19.70
N ILE A 6 8.30 -25.77 -19.83
CA ILE A 6 7.41 -24.62 -19.81
C ILE A 6 6.67 -24.48 -21.15
N ASP A 7 5.63 -25.29 -21.31
CA ASP A 7 4.84 -25.30 -22.53
C ASP A 7 4.05 -24.00 -22.65
N SER A 8 3.68 -23.44 -21.52
CA SER A 8 2.90 -22.21 -21.51
C SER A 8 3.83 -21.00 -21.56
N LEU A 9 4.10 -20.53 -22.78
CA LEU A 9 5.01 -19.40 -22.97
C LEU A 9 4.36 -18.08 -22.56
N ASP A 10 3.04 -18.11 -22.37
CA ASP A 10 2.31 -16.93 -21.94
C ASP A 10 1.11 -17.32 -21.08
N PRO A 11 1.35 -17.72 -19.82
CA PRO A 11 0.30 -18.04 -18.88
C PRO A 11 -0.05 -16.85 -18.00
N GLU A 12 -1.00 -17.04 -17.09
CA GLU A 12 -1.38 -16.00 -16.15
C GLU A 12 -1.56 -16.59 -14.75
N LYS A 13 -0.82 -16.05 -13.80
CA LYS A 13 -0.94 -16.47 -12.41
C LYS A 13 -1.53 -15.35 -11.57
N LEU A 14 -2.04 -15.72 -10.40
CA LEU A 14 -2.69 -14.78 -9.50
C LEU A 14 -1.67 -14.11 -8.59
N LEU A 15 -1.68 -12.78 -8.59
CA LEU A 15 -0.82 -12.00 -7.72
C LEU A 15 -1.61 -11.53 -6.51
N GLN A 16 -0.93 -11.34 -5.39
CA GLN A 16 -1.58 -10.87 -4.18
C GLN A 16 -1.63 -9.35 -4.17
N CYS A 17 -2.72 -8.80 -3.67
CA CYS A 17 -2.90 -7.36 -3.57
C CYS A 17 -2.32 -6.86 -2.25
N PRO A 18 -1.42 -5.87 -2.31
CA PRO A 18 -0.78 -5.31 -1.11
C PRO A 18 -1.77 -4.54 -0.24
N TYR A 19 -2.88 -4.13 -0.84
CA TYR A 19 -3.89 -3.37 -0.12
C TYR A 19 -4.87 -4.31 0.59
N ASP A 20 -4.99 -5.52 0.07
CA ASP A 20 -5.88 -6.52 0.66
C ASP A 20 -5.52 -7.91 0.13
N LYS A 21 -5.15 -8.81 1.03
CA LYS A 21 -4.64 -10.12 0.66
C LYS A 21 -5.74 -11.02 0.08
N ASN A 22 -6.98 -10.57 0.18
CA ASN A 22 -8.10 -11.34 -0.34
C ASN A 22 -8.41 -10.94 -1.78
N HIS A 23 -7.56 -10.08 -2.34
CA HIS A 23 -7.66 -9.75 -3.75
C HIS A 23 -6.57 -10.48 -4.51
N GLN A 24 -6.99 -11.36 -5.40
CA GLN A 24 -6.06 -12.08 -6.25
C GLN A 24 -6.37 -11.81 -7.71
N ILE A 25 -5.46 -11.08 -8.36
CA ILE A 25 -5.65 -10.65 -9.74
C ILE A 25 -4.48 -11.11 -10.59
N ARG A 26 -4.77 -11.63 -11.78
CA ARG A 26 -3.72 -12.08 -12.68
C ARG A 26 -2.87 -10.91 -13.15
N ALA A 27 -1.58 -11.19 -13.37
CA ALA A 27 -0.56 -10.16 -13.62
C ALA A 27 -0.95 -9.18 -14.71
N SER A 28 -1.75 -9.62 -15.67
CA SER A 28 -2.14 -8.80 -16.80
C SER A 28 -3.02 -7.63 -16.40
N ARG A 29 -3.85 -7.82 -15.38
CA ARG A 29 -4.76 -6.76 -14.93
C ARG A 29 -4.38 -6.28 -13.53
N PHE A 30 -3.24 -6.73 -13.05
CA PHE A 30 -2.78 -6.38 -11.71
C PHE A 30 -2.58 -4.87 -11.55
N PRO A 31 -1.84 -4.19 -12.48
CA PRO A 31 -1.66 -2.73 -12.40
C PRO A 31 -2.99 -1.99 -12.44
N TYR A 32 -3.94 -2.53 -13.19
CA TYR A 32 -5.27 -1.94 -13.31
C TYR A 32 -5.98 -2.02 -11.96
N HIS A 33 -5.85 -3.16 -11.30
CA HIS A 33 -6.44 -3.34 -9.98
C HIS A 33 -5.73 -2.48 -8.96
N LEU A 34 -4.42 -2.33 -9.13
CA LEU A 34 -3.61 -1.57 -8.18
C LEU A 34 -4.12 -0.13 -8.10
N ILE A 35 -4.34 0.47 -9.27
CA ILE A 35 -4.73 1.87 -9.35
C ILE A 35 -6.12 2.09 -8.75
N LYS A 36 -7.07 1.23 -9.11
CA LYS A 36 -8.45 1.38 -8.62
C LYS A 36 -8.55 0.99 -7.14
N CYS A 37 -7.75 0.02 -6.72
CA CYS A 37 -7.78 -0.44 -5.35
C CYS A 37 -7.19 0.63 -4.44
N ARG A 38 -6.17 1.32 -4.94
CA ARG A 38 -5.56 2.44 -4.24
C ARG A 38 -6.57 3.59 -4.11
N LYS A 39 -7.42 3.72 -5.12
CA LYS A 39 -8.45 4.75 -5.12
C LYS A 39 -9.54 4.42 -4.12
N ASN A 40 -9.88 3.13 -4.03
CA ASN A 40 -10.91 2.68 -3.11
C ASN A 40 -10.39 2.62 -1.68
N HIS A 41 -9.10 2.86 -1.50
CA HIS A 41 -8.50 2.91 -0.18
C HIS A 41 -7.70 4.20 -0.03
N PRO A 42 -8.40 5.35 0.04
CA PRO A 42 -7.77 6.67 -0.02
C PRO A 42 -6.97 7.00 1.24
N ASP A 43 -7.28 6.33 2.34
CA ASP A 43 -6.59 6.58 3.61
C ASP A 43 -5.13 6.12 3.51
N VAL A 44 -4.91 5.07 2.74
CA VAL A 44 -3.57 4.55 2.55
C VAL A 44 -2.79 5.46 1.60
N ALA A 45 -3.52 6.20 0.79
CA ALA A 45 -2.92 7.09 -0.21
C ALA A 45 -2.29 8.32 0.43
N ASN A 46 -2.54 8.52 1.73
CA ASN A 46 -1.93 9.65 2.44
C ASN A 46 -0.41 9.49 2.49
N LYS A 47 0.04 8.28 2.81
CA LYS A 47 1.46 7.93 2.77
C LYS A 47 2.30 8.93 3.59
N LEU A 48 2.26 8.78 4.91
CA LEU A 48 3.01 9.67 5.79
C LEU A 48 4.50 9.32 5.76
N ALA A 49 5.32 10.33 6.00
CA ALA A 49 6.76 10.16 6.01
C ALA A 49 7.30 10.30 7.43
N THR A 50 8.36 9.57 7.73
CA THR A 50 8.95 9.60 9.05
C THR A 50 10.23 10.42 9.06
N CYS A 51 10.31 11.35 9.98
CA CYS A 51 11.49 12.19 10.15
C CYS A 51 12.66 11.37 10.68
N PRO A 52 13.82 11.46 10.03
CA PRO A 52 15.02 10.73 10.46
C PRO A 52 15.64 11.32 11.72
N PHE A 53 15.11 12.45 12.15
CA PHE A 53 15.60 13.10 13.36
C PHE A 53 14.71 12.78 14.56
N ASN A 54 13.45 12.44 14.28
CA ASN A 54 12.47 12.20 15.32
C ASN A 54 11.27 11.44 14.75
N ALA A 55 10.98 10.29 15.33
CA ALA A 55 9.96 9.40 14.79
C ALA A 55 8.55 9.91 15.05
N ARG A 56 8.42 10.88 15.94
CA ARG A 56 7.12 11.50 16.21
C ARG A 56 6.77 12.54 15.16
N HIS A 57 7.74 12.91 14.34
CA HIS A 57 7.52 13.90 13.29
C HIS A 57 7.01 13.20 12.04
N GLN A 58 5.70 13.04 11.95
CA GLN A 58 5.08 12.46 10.78
C GLN A 58 4.53 13.58 9.89
N VAL A 59 5.06 13.66 8.67
CA VAL A 59 4.66 14.72 7.75
C VAL A 59 4.33 14.13 6.38
N PRO A 60 3.41 14.76 5.63
CA PRO A 60 3.08 14.37 4.27
C PRO A 60 4.29 14.46 3.34
N ARG A 61 4.31 13.59 2.34
CA ARG A 61 5.43 13.50 1.38
C ARG A 61 5.65 14.81 0.65
N ALA A 62 4.62 15.65 0.61
CA ALA A 62 4.70 16.95 -0.04
C ALA A 62 5.43 17.95 0.86
N GLU A 63 5.59 17.62 2.14
CA GLU A 63 6.21 18.53 3.10
C GLU A 63 7.46 17.93 3.73
N ILE A 64 7.76 16.67 3.40
CA ILE A 64 8.88 15.97 4.02
C ILE A 64 10.22 16.66 3.74
N SER A 65 10.43 17.08 2.50
CA SER A 65 11.69 17.69 2.11
C SER A 65 11.85 19.04 2.81
N HIS A 66 10.74 19.76 2.93
CA HIS A 66 10.74 21.05 3.60
C HIS A 66 10.98 20.88 5.10
N HIS A 67 10.40 19.81 5.67
CA HIS A 67 10.53 19.55 7.09
C HIS A 67 11.97 19.20 7.44
N ILE A 68 12.63 18.45 6.57
CA ILE A 68 14.02 18.06 6.80
C ILE A 68 14.91 19.29 6.89
N SER A 69 14.67 20.26 6.01
CA SER A 69 15.44 21.49 6.00
C SER A 69 15.12 22.36 7.22
N SER A 70 13.90 22.22 7.73
CA SER A 70 13.47 23.03 8.86
C SER A 70 13.48 22.25 10.17
N CYS A 71 14.15 21.11 10.18
CA CYS A 71 14.21 20.28 11.37
C CYS A 71 15.67 20.08 11.80
N ASP A 72 16.25 21.13 12.37
CA ASP A 72 17.62 21.07 12.84
C ASP A 72 17.63 20.70 14.33
N ASP A 73 18.71 20.06 14.75
CA ASP A 73 18.84 19.60 16.13
C ASP A 73 19.95 20.38 16.82
N LYS A 74 19.91 20.42 18.15
CA LYS A 74 20.92 21.13 18.94
C LYS A 74 22.28 20.45 18.80
N SER A 75 22.28 19.21 18.33
CA SER A 75 23.51 18.49 18.06
C SER A 75 23.44 17.84 16.68
N SER A 76 23.34 18.68 15.64
CA SER A 76 23.22 18.19 14.28
C SER A 76 24.57 17.73 13.73
N ILE A 77 25.06 16.61 14.25
CA ILE A 77 26.30 16.02 13.75
C ILE A 77 25.99 15.22 12.49
N GLU A 78 26.15 15.87 11.34
CA GLU A 78 25.78 15.28 10.07
C GLU A 78 26.94 14.51 9.46
N GLN A 79 26.97 13.21 9.70
CA GLN A 79 27.97 12.34 9.09
C GLN A 79 27.28 11.15 8.44
N ASP A 80 27.76 10.76 7.27
CA ASP A 80 27.21 9.60 6.57
C ASP A 80 28.35 8.81 5.93
ZN ZN B . -6.98 -4.93 -4.10
ZN ZN C . 11.53 16.45 12.24
N MET A 1 -0.58 -33.90 -13.01
CA MET A 1 -1.26 -33.48 -11.76
C MET A 1 -0.41 -32.43 -11.03
N GLU A 2 -1.04 -31.68 -10.12
CA GLU A 2 -0.33 -30.68 -9.34
C GLU A 2 -1.18 -30.16 -8.19
N ASP A 3 -2.12 -29.27 -8.51
CA ASP A 3 -2.97 -28.67 -7.49
C ASP A 3 -4.37 -29.27 -7.52
N THR A 4 -5.18 -28.80 -8.46
CA THR A 4 -6.54 -29.25 -8.57
C THR A 4 -6.64 -30.37 -9.61
N TYR A 5 -5.87 -31.44 -9.38
CA TYR A 5 -5.82 -32.60 -10.26
C TYR A 5 -5.09 -32.28 -11.57
N ILE A 6 -5.57 -31.27 -12.26
CA ILE A 6 -4.96 -30.84 -13.51
C ILE A 6 -3.81 -29.88 -13.23
N ASP A 7 -2.67 -30.12 -13.87
CA ASP A 7 -1.52 -29.25 -13.74
C ASP A 7 -1.41 -28.34 -14.96
N SER A 8 -0.71 -27.22 -14.80
CA SER A 8 -0.59 -26.22 -15.86
C SER A 8 -1.96 -25.70 -16.24
N LEU A 9 -2.84 -25.59 -15.25
CA LEU A 9 -4.20 -25.15 -15.47
C LEU A 9 -4.28 -23.63 -15.43
N ASP A 10 -3.37 -23.01 -14.70
CA ASP A 10 -3.31 -21.56 -14.63
C ASP A 10 -2.24 -21.02 -15.59
N PRO A 11 -2.69 -20.42 -16.70
CA PRO A 11 -1.78 -19.79 -17.67
C PRO A 11 -1.26 -18.47 -17.13
N GLU A 12 -2.15 -17.70 -16.54
CA GLU A 12 -1.81 -16.41 -15.98
C GLU A 12 -1.68 -16.54 -14.46
N LYS A 13 -0.70 -15.84 -13.90
CA LYS A 13 -0.43 -15.93 -12.48
C LYS A 13 -1.30 -14.96 -11.71
N LEU A 14 -1.97 -15.46 -10.68
CA LEU A 14 -2.73 -14.62 -9.79
C LEU A 14 -1.80 -14.00 -8.75
N LEU A 15 -1.74 -12.68 -8.74
CA LEU A 15 -0.88 -11.97 -7.82
C LEU A 15 -1.66 -11.52 -6.60
N GLN A 16 -0.95 -11.34 -5.50
CA GLN A 16 -1.55 -10.93 -4.25
C GLN A 16 -1.50 -9.42 -4.11
N CYS A 17 -2.56 -8.84 -3.57
CA CYS A 17 -2.67 -7.42 -3.41
C CYS A 17 -2.08 -6.98 -2.06
N PRO A 18 -1.20 -5.97 -2.08
CA PRO A 18 -0.58 -5.43 -0.87
C PRO A 18 -1.57 -4.66 0.00
N TYR A 19 -2.72 -4.35 -0.56
CA TYR A 19 -3.76 -3.63 0.17
C TYR A 19 -4.67 -4.61 0.90
N ASP A 20 -4.86 -5.78 0.32
CA ASP A 20 -5.71 -6.81 0.91
C ASP A 20 -5.41 -8.16 0.28
N LYS A 21 -5.08 -9.14 1.11
CA LYS A 21 -4.72 -10.47 0.64
C LYS A 21 -5.93 -11.21 0.07
N ASN A 22 -7.11 -10.65 0.28
CA ASN A 22 -8.33 -11.22 -0.28
C ASN A 22 -8.54 -10.76 -1.73
N HIS A 23 -7.58 -10.02 -2.26
CA HIS A 23 -7.62 -9.61 -3.66
C HIS A 23 -6.62 -10.45 -4.46
N GLN A 24 -7.14 -11.24 -5.38
CA GLN A 24 -6.29 -12.05 -6.26
C GLN A 24 -6.56 -11.69 -7.72
N ILE A 25 -5.60 -11.06 -8.36
CA ILE A 25 -5.78 -10.56 -9.71
C ILE A 25 -4.64 -11.04 -10.61
N ARG A 26 -4.97 -11.40 -11.86
CA ARG A 26 -3.97 -11.87 -12.81
C ARG A 26 -2.94 -10.78 -13.09
N ALA A 27 -1.69 -11.18 -13.32
CA ALA A 27 -0.58 -10.24 -13.45
C ALA A 27 -0.88 -9.09 -14.41
N SER A 28 -1.44 -9.41 -15.56
CA SER A 28 -1.72 -8.41 -16.59
C SER A 28 -2.78 -7.41 -16.14
N ARG A 29 -3.61 -7.79 -15.18
CA ARG A 29 -4.68 -6.94 -14.70
C ARG A 29 -4.33 -6.35 -13.34
N PHE A 30 -3.20 -6.77 -12.79
CA PHE A 30 -2.77 -6.34 -11.47
C PHE A 30 -2.58 -4.81 -11.42
N PRO A 31 -1.84 -4.19 -12.38
CA PRO A 31 -1.69 -2.74 -12.42
C PRO A 31 -3.03 -2.02 -12.54
N TYR A 32 -3.98 -2.65 -13.23
CA TYR A 32 -5.33 -2.09 -13.37
C TYR A 32 -6.04 -2.13 -12.01
N HIS A 33 -5.86 -3.22 -11.29
CA HIS A 33 -6.40 -3.33 -9.95
C HIS A 33 -5.68 -2.41 -9.00
N LEU A 34 -4.39 -2.19 -9.26
CA LEU A 34 -3.57 -1.31 -8.44
C LEU A 34 -4.16 0.09 -8.46
N ILE A 35 -4.56 0.53 -9.65
CA ILE A 35 -5.16 1.85 -9.82
C ILE A 35 -6.49 1.95 -9.07
N LYS A 36 -7.36 0.96 -9.31
CA LYS A 36 -8.69 0.94 -8.70
C LYS A 36 -8.61 0.79 -7.19
N CYS A 37 -7.71 -0.08 -6.73
CA CYS A 37 -7.57 -0.36 -5.31
C CYS A 37 -6.92 0.85 -4.63
N ARG A 38 -6.10 1.57 -5.38
CA ARG A 38 -5.49 2.81 -4.88
C ARG A 38 -6.56 3.87 -4.65
N LYS A 39 -7.63 3.81 -5.45
CA LYS A 39 -8.75 4.73 -5.28
C LYS A 39 -9.68 4.23 -4.17
N ASN A 40 -9.93 2.93 -4.18
CA ASN A 40 -10.82 2.31 -3.20
C ASN A 40 -10.09 1.25 -2.38
N HIS A 41 -9.41 1.70 -1.34
CA HIS A 41 -8.77 0.77 -0.40
C HIS A 41 -9.32 0.95 1.00
N PRO A 42 -10.57 0.48 1.25
CA PRO A 42 -11.26 0.69 2.53
C PRO A 42 -10.46 0.19 3.71
N ASP A 43 -9.79 -0.94 3.52
CA ASP A 43 -9.01 -1.58 4.58
C ASP A 43 -7.88 -0.70 5.06
N VAL A 44 -7.27 0.02 4.13
CA VAL A 44 -6.15 0.88 4.46
C VAL A 44 -6.62 2.31 4.73
N ALA A 45 -7.77 2.65 4.14
CA ALA A 45 -8.36 3.97 4.30
C ALA A 45 -8.77 4.21 5.75
N ASN A 46 -9.26 3.16 6.40
CA ASN A 46 -9.66 3.25 7.80
C ASN A 46 -8.75 2.39 8.67
N LYS A 47 -7.45 2.47 8.40
CA LYS A 47 -6.46 1.75 9.19
C LYS A 47 -6.27 2.45 10.54
N LEU A 48 -6.33 3.76 10.52
CA LEU A 48 -6.11 4.56 11.72
C LEU A 48 -7.38 5.32 12.10
N ALA A 49 -7.51 5.61 13.37
CA ALA A 49 -8.65 6.35 13.88
C ALA A 49 -8.16 7.56 14.67
N THR A 50 -8.96 8.62 14.67
CA THR A 50 -8.57 9.85 15.33
C THR A 50 -9.13 9.92 16.75
N CYS A 51 -8.26 10.24 17.70
CA CYS A 51 -8.66 10.42 19.09
C CYS A 51 -9.58 11.62 19.23
N PRO A 52 -10.74 11.44 19.89
CA PRO A 52 -11.71 12.52 20.08
C PRO A 52 -11.22 13.58 21.07
N PHE A 53 -10.08 13.33 21.69
CA PHE A 53 -9.52 14.26 22.67
C PHE A 53 -8.33 15.01 22.07
N ASN A 54 -7.73 14.45 21.04
CA ASN A 54 -6.54 15.03 20.43
C ASN A 54 -6.34 14.45 19.03
N ALA A 55 -6.33 15.32 18.04
CA ALA A 55 -6.24 14.90 16.65
C ALA A 55 -4.86 14.32 16.31
N ARG A 56 -3.89 14.59 17.17
CA ARG A 56 -2.54 14.10 16.98
C ARG A 56 -2.41 12.65 17.41
N HIS A 57 -3.39 12.17 18.19
CA HIS A 57 -3.38 10.79 18.64
C HIS A 57 -4.03 9.90 17.59
N GLN A 58 -3.26 9.46 16.62
CA GLN A 58 -3.77 8.56 15.60
C GLN A 58 -3.28 7.14 15.91
N VAL A 59 -4.21 6.25 16.16
CA VAL A 59 -3.88 4.89 16.54
C VAL A 59 -4.60 3.90 15.63
N PRO A 60 -4.17 2.62 15.62
CA PRO A 60 -4.89 1.57 14.90
C PRO A 60 -6.36 1.55 15.25
N ARG A 61 -7.21 1.47 14.22
CA ARG A 61 -8.66 1.53 14.40
C ARG A 61 -9.17 0.42 15.31
N ALA A 62 -8.40 -0.67 15.39
CA ALA A 62 -8.78 -1.79 16.23
C ALA A 62 -8.43 -1.53 17.70
N GLU A 63 -7.68 -0.46 17.96
CA GLU A 63 -7.24 -0.14 19.30
C GLU A 63 -7.71 1.25 19.74
N ILE A 64 -8.56 1.86 18.94
CA ILE A 64 -8.98 3.24 19.20
C ILE A 64 -9.83 3.37 20.47
N SER A 65 -10.73 2.43 20.68
CA SER A 65 -11.68 2.52 21.79
C SER A 65 -10.95 2.36 23.11
N HIS A 66 -9.94 1.49 23.13
CA HIS A 66 -9.14 1.27 24.32
C HIS A 66 -8.28 2.51 24.61
N HIS A 67 -7.97 3.27 23.56
CA HIS A 67 -7.25 4.53 23.74
C HIS A 67 -8.18 5.60 24.27
N ILE A 68 -9.44 5.57 23.84
CA ILE A 68 -10.41 6.57 24.26
C ILE A 68 -10.57 6.59 25.78
N SER A 69 -10.78 5.42 26.35
CA SER A 69 -10.99 5.30 27.79
C SER A 69 -9.73 5.69 28.57
N SER A 70 -8.57 5.24 28.11
CA SER A 70 -7.31 5.53 28.79
C SER A 70 -6.88 6.98 28.59
N CYS A 71 -7.35 7.59 27.51
CA CYS A 71 -7.00 8.96 27.19
C CYS A 71 -7.95 9.92 27.87
N ASP A 72 -9.12 9.41 28.24
CA ASP A 72 -10.14 10.21 28.91
C ASP A 72 -9.77 10.43 30.37
N ASP A 73 -9.10 9.45 30.96
CA ASP A 73 -8.70 9.54 32.36
C ASP A 73 -7.26 10.08 32.44
N LYS A 74 -6.68 10.08 33.63
CA LYS A 74 -5.33 10.55 33.81
C LYS A 74 -4.35 9.40 33.69
N SER A 75 -4.64 8.32 34.40
CA SER A 75 -3.76 7.16 34.41
C SER A 75 -4.52 5.90 34.81
N SER A 76 -5.07 5.90 36.03
CA SER A 76 -5.77 4.73 36.54
C SER A 76 -7.26 5.00 36.62
N ILE A 77 -8.03 4.16 35.93
CA ILE A 77 -9.48 4.33 35.86
C ILE A 77 -10.19 3.74 37.07
N GLU A 78 -9.77 4.19 38.26
CA GLU A 78 -10.33 3.71 39.51
C GLU A 78 -11.76 4.22 39.71
N GLN A 79 -12.38 3.81 40.82
CA GLN A 79 -13.75 4.17 41.15
C GLN A 79 -14.72 3.69 40.07
N ASP A 80 -15.13 2.42 40.19
CA ASP A 80 -16.10 1.83 39.26
C ASP A 80 -15.55 1.78 37.84
ZN ZN B . -6.64 -4.79 -3.97
ZN ZN C . -5.75 10.34 22.83
N MET A 1 -12.65 -31.39 -26.93
CA MET A 1 -12.50 -30.69 -28.22
C MET A 1 -11.09 -30.13 -28.35
N GLU A 2 -10.38 -30.53 -29.39
CA GLU A 2 -9.00 -30.12 -29.59
C GLU A 2 -8.90 -29.02 -30.64
N ASP A 3 -9.95 -28.21 -30.76
CA ASP A 3 -9.94 -27.06 -31.66
C ASP A 3 -8.94 -26.03 -31.15
N THR A 4 -8.03 -25.61 -32.03
CA THR A 4 -6.92 -24.71 -31.67
C THR A 4 -6.14 -25.24 -30.46
N TYR A 5 -5.19 -24.44 -29.96
CA TYR A 5 -4.42 -24.84 -28.79
C TYR A 5 -3.97 -23.62 -28.01
N ILE A 6 -3.75 -23.78 -26.73
CA ILE A 6 -3.31 -22.70 -25.88
C ILE A 6 -1.87 -22.92 -25.42
N ASP A 7 -1.02 -21.94 -25.66
CA ASP A 7 0.35 -21.99 -25.20
C ASP A 7 0.41 -21.52 -23.75
N SER A 8 1.10 -22.29 -22.92
CA SER A 8 1.23 -21.98 -21.50
C SER A 8 -0.15 -21.97 -20.83
N LEU A 9 -0.73 -23.17 -20.72
CA LEU A 9 -2.04 -23.34 -20.09
C LEU A 9 -2.09 -22.68 -18.72
N ASP A 10 -3.24 -22.08 -18.42
CA ASP A 10 -3.41 -21.25 -17.23
C ASP A 10 -2.39 -20.11 -17.24
N PRO A 11 -2.55 -19.16 -18.19
CA PRO A 11 -1.60 -18.08 -18.39
C PRO A 11 -1.83 -16.92 -17.41
N GLU A 12 -0.74 -16.27 -17.05
CA GLU A 12 -0.74 -15.15 -16.11
C GLU A 12 -1.12 -15.63 -14.71
N LYS A 13 -0.16 -15.56 -13.80
CA LYS A 13 -0.34 -16.06 -12.44
C LYS A 13 -1.02 -15.01 -11.57
N LEU A 14 -1.60 -15.47 -10.46
CA LEU A 14 -2.31 -14.60 -9.54
C LEU A 14 -1.34 -13.88 -8.62
N LEU A 15 -1.39 -12.56 -8.65
CA LEU A 15 -0.60 -11.75 -7.73
C LEU A 15 -1.47 -11.35 -6.55
N GLN A 16 -0.84 -11.20 -5.39
CA GLN A 16 -1.58 -10.85 -4.17
C GLN A 16 -1.62 -9.33 -4.04
N CYS A 17 -2.75 -8.81 -3.56
CA CYS A 17 -2.95 -7.39 -3.47
C CYS A 17 -2.41 -6.85 -2.14
N PRO A 18 -1.56 -5.82 -2.20
CA PRO A 18 -0.96 -5.21 -1.00
C PRO A 18 -1.97 -4.41 -0.19
N TYR A 19 -3.11 -4.12 -0.78
CA TYR A 19 -4.15 -3.34 -0.10
C TYR A 19 -5.14 -4.26 0.60
N ASP A 20 -5.23 -5.51 0.13
CA ASP A 20 -6.08 -6.50 0.76
C ASP A 20 -5.72 -7.89 0.24
N LYS A 21 -5.43 -8.80 1.16
CA LYS A 21 -4.93 -10.13 0.80
C LYS A 21 -6.02 -11.01 0.18
N ASN A 22 -7.26 -10.55 0.20
CA ASN A 22 -8.35 -11.34 -0.39
C ASN A 22 -8.49 -11.04 -1.86
N HIS A 23 -7.62 -10.19 -2.38
CA HIS A 23 -7.64 -9.86 -3.80
C HIS A 23 -6.50 -10.57 -4.50
N GLN A 24 -6.84 -11.47 -5.40
CA GLN A 24 -5.86 -12.16 -6.22
C GLN A 24 -6.15 -11.92 -7.69
N ILE A 25 -5.30 -11.14 -8.34
CA ILE A 25 -5.52 -10.74 -9.72
C ILE A 25 -4.33 -11.15 -10.59
N ARG A 26 -4.63 -11.72 -11.75
CA ARG A 26 -3.59 -12.15 -12.67
C ARG A 26 -2.81 -10.93 -13.18
N ALA A 27 -1.51 -11.13 -13.39
CA ALA A 27 -0.55 -10.06 -13.69
C ALA A 27 -0.99 -9.17 -14.86
N SER A 28 -1.78 -9.72 -15.77
CA SER A 28 -2.25 -8.97 -16.93
C SER A 28 -3.32 -7.95 -16.56
N ARG A 29 -3.92 -8.11 -15.39
CA ARG A 29 -5.00 -7.24 -14.96
C ARG A 29 -4.62 -6.50 -13.67
N PHE A 30 -3.48 -6.89 -13.11
CA PHE A 30 -3.01 -6.37 -11.84
C PHE A 30 -2.84 -4.84 -11.85
N PRO A 31 -2.16 -4.26 -12.87
CA PRO A 31 -1.92 -2.81 -12.94
C PRO A 31 -3.17 -1.99 -12.68
N TYR A 32 -4.28 -2.37 -13.30
CA TYR A 32 -5.53 -1.64 -13.19
C TYR A 32 -6.08 -1.75 -11.77
N HIS A 33 -6.00 -2.95 -11.21
CA HIS A 33 -6.47 -3.19 -9.86
C HIS A 33 -5.61 -2.42 -8.86
N LEU A 34 -4.34 -2.28 -9.18
CA LEU A 34 -3.40 -1.60 -8.32
C LEU A 34 -3.75 -0.11 -8.24
N ILE A 35 -4.20 0.45 -9.37
CA ILE A 35 -4.55 1.85 -9.45
C ILE A 35 -5.85 2.12 -8.69
N LYS A 36 -6.88 1.33 -8.99
CA LYS A 36 -8.20 1.54 -8.43
C LYS A 36 -8.25 1.18 -6.95
N CYS A 37 -7.69 0.03 -6.60
CA CYS A 37 -7.69 -0.45 -5.22
C CYS A 37 -6.91 0.51 -4.32
N ARG A 38 -5.91 1.16 -4.91
CA ARG A 38 -5.14 2.19 -4.21
C ARG A 38 -6.06 3.34 -3.79
N LYS A 39 -6.87 3.81 -4.73
CA LYS A 39 -7.77 4.92 -4.49
C LYS A 39 -8.91 4.50 -3.56
N ASN A 40 -9.18 3.19 -3.52
CA ASN A 40 -10.18 2.64 -2.62
C ASN A 40 -9.71 2.71 -1.17
N HIS A 41 -8.40 2.83 -0.99
CA HIS A 41 -7.80 2.86 0.34
C HIS A 41 -6.91 4.09 0.50
N PRO A 42 -7.51 5.30 0.57
CA PRO A 42 -6.77 6.56 0.64
C PRO A 42 -5.95 6.67 1.93
N ASP A 43 -6.37 5.94 2.95
CA ASP A 43 -5.70 5.97 4.25
C ASP A 43 -4.31 5.36 4.16
N VAL A 44 -4.10 4.51 3.17
CA VAL A 44 -2.81 3.88 2.97
C VAL A 44 -2.12 4.46 1.74
N ALA A 45 -2.91 4.78 0.73
CA ALA A 45 -2.40 5.30 -0.54
C ALA A 45 -1.66 6.63 -0.36
N ASN A 46 -2.16 7.47 0.53
CA ASN A 46 -1.55 8.78 0.76
C ASN A 46 -0.31 8.67 1.64
N LYS A 47 -0.10 7.47 2.20
CA LYS A 47 1.05 7.18 3.05
C LYS A 47 1.10 8.13 4.25
N LEU A 48 0.24 7.88 5.23
CA LEU A 48 0.15 8.73 6.40
C LEU A 48 1.19 8.34 7.44
N ALA A 49 1.84 9.34 8.00
CA ALA A 49 2.81 9.13 9.06
C ALA A 49 2.29 9.76 10.35
N THR A 50 2.72 9.24 11.47
CA THR A 50 2.22 9.68 12.75
C THR A 50 3.21 10.59 13.46
N CYS A 51 2.70 11.72 13.94
CA CYS A 51 3.48 12.70 14.67
C CYS A 51 4.03 12.10 15.96
N PRO A 52 5.35 12.26 16.21
CA PRO A 52 5.99 11.76 17.42
C PRO A 52 5.60 12.56 18.66
N PHE A 53 4.87 13.65 18.44
CA PHE A 53 4.42 14.49 19.54
C PHE A 53 2.99 14.17 19.92
N ASN A 54 2.20 13.74 18.94
CA ASN A 54 0.78 13.50 19.16
C ASN A 54 0.22 12.59 18.06
N ALA A 55 -0.53 11.59 18.47
CA ALA A 55 -1.01 10.55 17.56
C ALA A 55 -2.15 11.04 16.68
N ARG A 56 -2.77 12.15 17.04
CA ARG A 56 -3.89 12.69 16.27
C ARG A 56 -3.38 13.41 15.03
N HIS A 57 -2.09 13.70 15.01
CA HIS A 57 -1.49 14.39 13.87
C HIS A 57 -0.94 13.39 12.87
N GLN A 58 -1.74 13.02 11.88
CA GLN A 58 -1.26 12.16 10.83
C GLN A 58 -1.22 12.91 9.51
N VAL A 59 -0.02 13.04 8.97
CA VAL A 59 0.20 13.78 7.73
C VAL A 59 0.94 12.91 6.73
N PRO A 60 0.89 13.24 5.43
CA PRO A 60 1.66 12.52 4.40
C PRO A 60 3.13 12.41 4.78
N ARG A 61 3.73 11.24 4.51
CA ARG A 61 5.11 10.97 4.91
C ARG A 61 6.09 11.91 4.24
N ALA A 62 5.66 12.57 3.17
CA ALA A 62 6.50 13.55 2.49
C ALA A 62 6.47 14.89 3.22
N GLU A 63 5.53 15.03 4.16
CA GLU A 63 5.38 16.26 4.91
C GLU A 63 5.50 16.00 6.42
N ILE A 64 5.95 14.82 6.79
CA ILE A 64 6.06 14.47 8.20
C ILE A 64 7.19 15.24 8.87
N SER A 65 8.32 15.36 8.17
CA SER A 65 9.45 16.11 8.68
C SER A 65 9.08 17.59 8.77
N HIS A 66 8.32 18.04 7.78
CA HIS A 66 7.85 19.42 7.74
C HIS A 66 6.91 19.70 8.90
N HIS A 67 6.23 18.65 9.38
CA HIS A 67 5.33 18.79 10.51
C HIS A 67 6.08 18.74 11.83
N ILE A 68 7.17 17.99 11.88
CA ILE A 68 7.98 17.89 13.09
C ILE A 68 8.54 19.25 13.47
N SER A 69 9.06 19.96 12.48
CA SER A 69 9.67 21.26 12.70
C SER A 69 8.63 22.35 12.95
N SER A 70 7.36 22.03 12.71
CA SER A 70 6.28 22.98 12.92
C SER A 70 5.29 22.51 13.97
N CYS A 71 5.71 21.55 14.79
CA CYS A 71 4.85 21.04 15.84
C CYS A 71 5.51 21.22 17.21
N ASP A 72 6.37 22.22 17.30
CA ASP A 72 7.04 22.54 18.56
C ASP A 72 6.15 23.44 19.40
N ASP A 73 5.37 24.27 18.72
CA ASP A 73 4.50 25.23 19.38
C ASP A 73 3.40 24.53 20.15
N LYS A 74 3.27 24.90 21.42
CA LYS A 74 2.30 24.29 22.31
C LYS A 74 2.04 25.21 23.50
N SER A 75 0.79 25.35 23.87
CA SER A 75 0.42 26.19 25.00
C SER A 75 0.62 25.45 26.33
N SER A 76 1.85 24.99 26.55
CA SER A 76 2.22 24.32 27.78
C SER A 76 3.67 24.64 28.13
N ILE A 77 3.87 25.22 29.30
CA ILE A 77 5.19 25.68 29.69
C ILE A 77 5.82 24.77 30.74
N GLU A 78 7.13 24.87 30.88
CA GLU A 78 7.85 24.11 31.88
C GLU A 78 8.08 24.98 33.10
N GLN A 79 7.21 24.85 34.09
CA GLN A 79 7.26 25.68 35.28
C GLN A 79 7.38 24.82 36.53
N ASP A 80 7.90 25.42 37.60
CA ASP A 80 8.08 24.72 38.87
C ASP A 80 7.77 25.64 40.03
ZN ZN B . -7.09 -5.03 -4.12
ZN ZN C . 2.14 17.17 15.45
N MET A 1 12.12 -32.69 -34.79
CA MET A 1 13.02 -31.59 -34.36
C MET A 1 12.65 -31.12 -32.96
N GLU A 2 11.43 -30.64 -32.80
CA GLU A 2 10.97 -30.13 -31.51
C GLU A 2 10.54 -31.26 -30.60
N ASP A 3 11.36 -31.54 -29.61
CA ASP A 3 11.05 -32.60 -28.64
C ASP A 3 10.30 -32.03 -27.46
N THR A 4 10.49 -30.74 -27.23
CA THR A 4 9.83 -30.06 -26.13
C THR A 4 8.72 -29.14 -26.63
N TYR A 5 7.50 -29.68 -26.70
CA TYR A 5 6.35 -28.90 -27.11
C TYR A 5 5.78 -28.11 -25.93
N ILE A 6 6.61 -27.24 -25.39
CA ILE A 6 6.20 -26.41 -24.26
C ILE A 6 5.45 -25.18 -24.77
N ASP A 7 4.14 -25.27 -24.78
CA ASP A 7 3.28 -24.20 -25.29
C ASP A 7 3.35 -22.98 -24.40
N SER A 8 2.78 -23.09 -23.22
CA SER A 8 2.77 -22.01 -22.24
C SER A 8 2.28 -22.51 -20.90
N LEU A 9 3.21 -22.94 -20.06
CA LEU A 9 2.89 -23.51 -18.76
C LEU A 9 2.20 -22.48 -17.86
N ASP A 10 2.66 -21.25 -17.94
CA ASP A 10 2.08 -20.17 -17.15
C ASP A 10 1.80 -18.96 -18.01
N PRO A 11 0.60 -18.90 -18.61
CA PRO A 11 0.16 -17.74 -19.39
C PRO A 11 0.00 -16.51 -18.49
N GLU A 12 -0.57 -16.75 -17.32
CA GLU A 12 -0.78 -15.69 -16.34
C GLU A 12 -0.30 -16.13 -14.97
N LYS A 13 -0.51 -15.28 -13.98
CA LYS A 13 -0.12 -15.56 -12.61
C LYS A 13 -0.96 -14.72 -11.68
N LEU A 14 -1.46 -15.32 -10.60
CA LEU A 14 -2.24 -14.58 -9.63
C LEU A 14 -1.33 -13.83 -8.69
N LEU A 15 -1.50 -12.51 -8.65
CA LEU A 15 -0.72 -11.66 -7.78
C LEU A 15 -1.56 -11.21 -6.60
N GLN A 16 -0.96 -11.24 -5.41
CA GLN A 16 -1.65 -10.81 -4.21
C GLN A 16 -1.69 -9.30 -4.13
N CYS A 17 -2.76 -8.76 -3.57
CA CYS A 17 -2.94 -7.33 -3.46
C CYS A 17 -2.30 -6.81 -2.18
N PRO A 18 -1.41 -5.81 -2.29
CA PRO A 18 -0.73 -5.22 -1.13
C PRO A 18 -1.67 -4.47 -0.21
N TYR A 19 -2.85 -4.15 -0.72
CA TYR A 19 -3.84 -3.43 0.07
C TYR A 19 -4.67 -4.42 0.90
N ASP A 20 -5.08 -5.51 0.26
CA ASP A 20 -5.87 -6.53 0.94
C ASP A 20 -5.59 -7.90 0.34
N LYS A 21 -5.32 -8.87 1.21
CA LYS A 21 -4.87 -10.19 0.80
C LYS A 21 -5.98 -10.99 0.11
N ASN A 22 -7.22 -10.55 0.25
CA ASN A 22 -8.36 -11.27 -0.32
C ASN A 22 -8.55 -10.93 -1.79
N HIS A 23 -7.67 -10.09 -2.32
CA HIS A 23 -7.74 -9.71 -3.72
C HIS A 23 -6.66 -10.45 -4.52
N GLN A 24 -7.09 -11.30 -5.44
CA GLN A 24 -6.16 -12.01 -6.31
C GLN A 24 -6.46 -11.68 -7.77
N ILE A 25 -5.48 -11.09 -8.45
CA ILE A 25 -5.67 -10.66 -9.82
C ILE A 25 -4.50 -11.13 -10.67
N ARG A 26 -4.81 -11.66 -11.85
CA ARG A 26 -3.78 -12.13 -12.78
C ARG A 26 -2.88 -10.98 -13.23
N ALA A 27 -1.61 -11.30 -13.47
CA ALA A 27 -0.56 -10.32 -13.69
C ALA A 27 -0.94 -9.24 -14.71
N SER A 28 -1.50 -9.64 -15.84
CA SER A 28 -1.81 -8.70 -16.91
C SER A 28 -2.90 -7.71 -16.51
N ARG A 29 -3.72 -8.08 -15.53
CA ARG A 29 -4.84 -7.24 -15.11
C ARG A 29 -4.57 -6.62 -13.74
N PHE A 30 -3.45 -6.99 -13.14
CA PHE A 30 -3.09 -6.53 -11.80
C PHE A 30 -2.90 -5.01 -11.73
N PRO A 31 -2.11 -4.40 -12.66
CA PRO A 31 -1.84 -2.95 -12.64
C PRO A 31 -3.11 -2.11 -12.55
N TYR A 32 -4.19 -2.57 -13.18
CA TYR A 32 -5.45 -1.84 -13.17
C TYR A 32 -6.08 -1.89 -11.79
N HIS A 33 -5.94 -3.03 -11.13
CA HIS A 33 -6.44 -3.21 -9.77
C HIS A 33 -5.57 -2.43 -8.80
N LEU A 34 -4.29 -2.32 -9.12
CA LEU A 34 -3.33 -1.59 -8.30
C LEU A 34 -3.75 -0.13 -8.20
N ILE A 35 -4.23 0.42 -9.30
CA ILE A 35 -4.66 1.80 -9.37
C ILE A 35 -6.01 2.00 -8.67
N LYS A 36 -6.99 1.18 -9.07
CA LYS A 36 -8.36 1.31 -8.58
C LYS A 36 -8.43 1.03 -7.08
N CYS A 37 -7.76 -0.02 -6.65
CA CYS A 37 -7.79 -0.42 -5.25
C CYS A 37 -7.13 0.64 -4.37
N ARG A 38 -6.15 1.33 -4.93
CA ARG A 38 -5.46 2.40 -4.22
C ARG A 38 -6.41 3.56 -3.96
N LYS A 39 -7.15 3.95 -4.99
CA LYS A 39 -8.09 5.06 -4.89
C LYS A 39 -9.27 4.70 -3.99
N ASN A 40 -9.72 3.46 -4.08
CA ASN A 40 -10.87 2.99 -3.32
C ASN A 40 -10.51 2.71 -1.87
N HIS A 41 -9.23 2.75 -1.54
CA HIS A 41 -8.79 2.53 -0.17
C HIS A 41 -7.86 3.64 0.28
N PRO A 42 -8.38 4.87 0.44
CA PRO A 42 -7.57 6.03 0.80
C PRO A 42 -7.09 5.97 2.24
N ASP A 43 -7.74 5.16 3.04
CA ASP A 43 -7.42 5.06 4.46
C ASP A 43 -6.15 4.25 4.66
N VAL A 44 -5.81 3.45 3.67
CA VAL A 44 -4.61 2.63 3.74
C VAL A 44 -3.60 3.06 2.68
N ALA A 45 -4.06 3.11 1.43
CA ALA A 45 -3.17 3.36 0.30
C ALA A 45 -2.76 4.81 0.19
N ASN A 46 -3.65 5.71 0.55
CA ASN A 46 -3.36 7.15 0.46
C ASN A 46 -3.10 7.75 1.84
N LYS A 47 -2.75 6.89 2.79
CA LYS A 47 -2.43 7.34 4.13
C LYS A 47 -1.04 6.88 4.51
N LEU A 48 -0.04 7.52 3.94
CA LEU A 48 1.34 7.19 4.23
C LEU A 48 1.77 7.86 5.54
N ALA A 49 2.42 7.09 6.39
CA ALA A 49 2.92 7.60 7.64
C ALA A 49 4.44 7.67 7.59
N THR A 50 4.99 8.69 8.23
CA THR A 50 6.42 8.94 8.17
C THR A 50 7.14 8.23 9.31
N CYS A 51 8.16 7.46 8.96
CA CYS A 51 8.99 6.75 9.91
C CYS A 51 9.73 7.73 10.83
N PRO A 52 9.64 7.54 12.15
CA PRO A 52 10.34 8.39 13.12
C PRO A 52 11.85 8.17 13.13
N PHE A 53 12.30 7.19 12.36
CA PHE A 53 13.72 6.89 12.26
C PHE A 53 14.31 7.52 11.00
N ASN A 54 13.49 7.72 9.99
CA ASN A 54 13.94 8.27 8.72
C ASN A 54 12.75 8.70 7.87
N ALA A 55 12.81 9.92 7.36
CA ALA A 55 11.67 10.52 6.67
C ALA A 55 11.44 9.92 5.28
N ARG A 56 12.41 9.17 4.78
CA ARG A 56 12.28 8.56 3.47
C ARG A 56 11.57 7.20 3.54
N HIS A 57 11.25 6.77 4.74
CA HIS A 57 10.49 5.54 4.91
C HIS A 57 9.01 5.86 5.05
N GLN A 58 8.28 5.74 3.96
CA GLN A 58 6.85 6.02 3.98
C GLN A 58 6.06 4.73 3.77
N VAL A 59 5.28 4.37 4.78
CA VAL A 59 4.47 3.17 4.71
C VAL A 59 3.04 3.49 5.16
N PRO A 60 2.05 2.77 4.62
CA PRO A 60 0.65 2.93 5.03
C PRO A 60 0.50 2.76 6.54
N ARG A 61 -0.43 3.52 7.12
CA ARG A 61 -0.68 3.49 8.56
C ARG A 61 -0.95 2.08 9.07
N ALA A 62 -1.43 1.22 8.18
CA ALA A 62 -1.71 -0.17 8.52
C ALA A 62 -0.41 -0.96 8.77
N GLU A 63 0.71 -0.43 8.27
CA GLU A 63 1.99 -1.10 8.41
C GLU A 63 3.03 -0.23 9.11
N ILE A 64 2.61 0.94 9.59
CA ILE A 64 3.55 1.87 10.21
C ILE A 64 4.09 1.32 11.53
N SER A 65 3.23 0.74 12.34
CA SER A 65 3.63 0.20 13.63
C SER A 65 4.56 -0.99 13.41
N HIS A 66 4.24 -1.78 12.39
CA HIS A 66 5.06 -2.93 12.03
C HIS A 66 6.44 -2.47 11.57
N HIS A 67 6.48 -1.35 10.85
CA HIS A 67 7.75 -0.81 10.35
C HIS A 67 8.55 -0.20 11.49
N ILE A 68 7.87 0.44 12.43
CA ILE A 68 8.55 1.08 13.56
C ILE A 68 9.31 0.05 14.39
N SER A 69 8.65 -1.06 14.68
CA SER A 69 9.25 -2.12 15.48
C SER A 69 10.27 -2.91 14.66
N SER A 70 10.25 -2.71 13.34
CA SER A 70 11.13 -3.46 12.45
C SER A 70 12.13 -2.52 11.77
N CYS A 71 12.31 -1.33 12.32
CA CYS A 71 13.22 -0.36 11.73
C CYS A 71 14.24 0.11 12.76
N ASP A 72 15.51 -0.10 12.45
CA ASP A 72 16.58 0.33 13.33
C ASP A 72 17.49 1.29 12.59
N ASP A 73 17.77 2.43 13.20
CA ASP A 73 18.59 3.45 12.56
C ASP A 73 19.81 3.77 13.40
N LYS A 74 19.61 4.48 14.49
CA LYS A 74 20.69 4.83 15.40
C LYS A 74 20.21 4.63 16.84
N SER A 75 19.20 3.79 16.98
CA SER A 75 18.55 3.56 18.25
C SER A 75 19.36 2.60 19.13
N SER A 76 20.38 3.15 19.79
CA SER A 76 21.16 2.39 20.74
C SER A 76 20.37 2.23 22.05
N ILE A 77 19.50 1.22 22.08
CA ILE A 77 18.54 1.07 23.16
C ILE A 77 19.09 0.27 24.33
N GLU A 78 20.17 -0.47 24.10
CA GLU A 78 20.68 -1.35 25.14
C GLU A 78 21.76 -0.64 25.96
N GLN A 79 22.40 0.35 25.38
CA GLN A 79 23.47 1.07 26.07
C GLN A 79 22.99 2.47 26.49
N ASP A 80 21.68 2.65 26.54
CA ASP A 80 21.10 3.93 26.95
C ASP A 80 19.68 3.75 27.45
ZN ZN B . -7.02 -4.91 -3.94
ZN ZN C . 12.00 3.24 8.88
N MET A 1 -8.40 -30.57 0.41
CA MET A 1 -7.88 -29.42 -0.36
C MET A 1 -8.92 -28.94 -1.36
N GLU A 2 -9.52 -27.78 -1.09
CA GLU A 2 -10.58 -27.24 -1.94
C GLU A 2 -9.99 -26.38 -3.06
N ASP A 3 -8.97 -26.90 -3.73
CA ASP A 3 -8.30 -26.16 -4.79
C ASP A 3 -9.25 -25.92 -5.96
N THR A 4 -9.36 -24.66 -6.35
CA THR A 4 -10.15 -24.29 -7.51
C THR A 4 -9.44 -24.69 -8.79
N TYR A 5 -8.12 -24.76 -8.73
CA TYR A 5 -7.32 -25.21 -9.85
C TYR A 5 -6.99 -26.68 -9.71
N ILE A 6 -7.98 -27.53 -9.92
CA ILE A 6 -7.77 -28.97 -9.88
C ILE A 6 -6.80 -29.37 -10.98
N ASP A 7 -6.97 -28.75 -12.13
CA ASP A 7 -6.03 -28.87 -13.23
C ASP A 7 -5.36 -27.53 -13.44
N SER A 8 -4.05 -27.52 -13.38
CA SER A 8 -3.28 -26.29 -13.42
C SER A 8 -3.13 -25.78 -14.85
N LEU A 9 -4.24 -25.33 -15.42
CA LEU A 9 -4.23 -24.72 -16.74
C LEU A 9 -4.25 -23.20 -16.61
N ASP A 10 -3.65 -22.70 -15.55
CA ASP A 10 -3.55 -21.27 -15.31
C ASP A 10 -2.61 -20.61 -16.32
N PRO A 11 -3.15 -19.73 -17.17
CA PRO A 11 -2.34 -19.02 -18.17
C PRO A 11 -1.48 -17.93 -17.54
N GLU A 12 -2.13 -16.96 -16.93
CA GLU A 12 -1.42 -15.91 -16.21
C GLU A 12 -1.26 -16.30 -14.75
N LYS A 13 -0.25 -15.77 -14.09
CA LYS A 13 -0.03 -16.06 -12.68
C LYS A 13 -0.81 -15.08 -11.82
N LEU A 14 -1.28 -15.57 -10.68
CA LEU A 14 -2.09 -14.76 -9.79
C LEU A 14 -1.21 -13.99 -8.82
N LEU A 15 -1.52 -12.72 -8.64
CA LEU A 15 -0.78 -11.87 -7.73
C LEU A 15 -1.66 -11.47 -6.57
N GLN A 16 -1.05 -11.31 -5.39
CA GLN A 16 -1.78 -10.87 -4.21
C GLN A 16 -1.75 -9.36 -4.15
N CYS A 17 -2.79 -8.77 -3.58
CA CYS A 17 -2.94 -7.33 -3.54
C CYS A 17 -2.27 -6.75 -2.28
N PRO A 18 -1.46 -5.70 -2.45
CA PRO A 18 -0.79 -5.02 -1.33
C PRO A 18 -1.75 -4.28 -0.43
N TYR A 19 -2.96 -4.04 -0.93
CA TYR A 19 -3.97 -3.34 -0.15
C TYR A 19 -4.78 -4.32 0.68
N ASP A 20 -4.95 -5.52 0.15
CA ASP A 20 -5.71 -6.56 0.85
C ASP A 20 -5.38 -7.94 0.30
N LYS A 21 -5.19 -8.87 1.22
CA LYS A 21 -4.75 -10.22 0.88
C LYS A 21 -5.84 -11.05 0.20
N ASN A 22 -7.09 -10.56 0.25
CA ASN A 22 -8.22 -11.32 -0.30
C ASN A 22 -8.47 -10.98 -1.76
N HIS A 23 -7.59 -10.18 -2.35
CA HIS A 23 -7.73 -9.82 -3.75
C HIS A 23 -6.73 -10.62 -4.59
N GLN A 24 -7.26 -11.47 -5.46
CA GLN A 24 -6.43 -12.30 -6.34
C GLN A 24 -6.64 -11.90 -7.79
N ILE A 25 -5.66 -11.24 -8.37
CA ILE A 25 -5.77 -10.74 -9.73
C ILE A 25 -4.60 -11.23 -10.58
N ARG A 26 -4.89 -11.63 -11.82
CA ARG A 26 -3.86 -12.09 -12.74
C ARG A 26 -2.88 -10.96 -13.06
N ALA A 27 -1.62 -11.30 -13.29
CA ALA A 27 -0.57 -10.29 -13.52
C ALA A 27 -0.99 -9.26 -14.56
N SER A 28 -1.55 -9.73 -15.67
CA SER A 28 -1.92 -8.87 -16.78
C SER A 28 -3.01 -7.87 -16.40
N ARG A 29 -3.77 -8.18 -15.36
CA ARG A 29 -4.87 -7.30 -14.94
C ARG A 29 -4.53 -6.60 -13.63
N PHE A 30 -3.35 -6.88 -13.11
CA PHE A 30 -2.92 -6.36 -11.82
C PHE A 30 -2.77 -4.83 -11.81
N PRO A 31 -2.06 -4.23 -12.80
CA PRO A 31 -1.83 -2.78 -12.87
C PRO A 31 -3.09 -1.95 -12.61
N TYR A 32 -4.19 -2.33 -13.24
CA TYR A 32 -5.44 -1.58 -13.12
C TYR A 32 -6.01 -1.72 -11.71
N HIS A 33 -5.84 -2.89 -11.12
CA HIS A 33 -6.31 -3.13 -9.77
C HIS A 33 -5.43 -2.38 -8.76
N LEU A 34 -4.17 -2.24 -9.12
CA LEU A 34 -3.22 -1.52 -8.27
C LEU A 34 -3.65 -0.07 -8.12
N ILE A 35 -4.05 0.54 -9.23
CA ILE A 35 -4.47 1.92 -9.23
C ILE A 35 -5.87 2.06 -8.62
N LYS A 36 -6.80 1.24 -9.09
CA LYS A 36 -8.19 1.32 -8.68
C LYS A 36 -8.36 1.03 -7.19
N CYS A 37 -7.68 -0.01 -6.72
CA CYS A 37 -7.83 -0.46 -5.33
C CYS A 37 -7.36 0.64 -4.37
N ARG A 38 -6.39 1.44 -4.79
CA ARG A 38 -5.89 2.54 -3.97
C ARG A 38 -6.92 3.66 -3.91
N LYS A 39 -7.71 3.80 -4.96
CA LYS A 39 -8.75 4.82 -5.01
C LYS A 39 -9.99 4.36 -4.25
N ASN A 40 -10.26 3.06 -4.32
CA ASN A 40 -11.41 2.47 -3.65
C ASN A 40 -11.13 2.27 -2.17
N HIS A 41 -9.87 2.44 -1.78
CA HIS A 41 -9.49 2.37 -0.38
C HIS A 41 -8.95 3.72 0.09
N PRO A 42 -9.85 4.66 0.41
CA PRO A 42 -9.47 6.03 0.81
C PRO A 42 -8.58 6.04 2.04
N ASP A 43 -8.74 5.03 2.88
CA ASP A 43 -7.97 4.92 4.11
C ASP A 43 -6.49 4.71 3.81
N VAL A 44 -6.21 4.02 2.71
CA VAL A 44 -4.83 3.74 2.32
C VAL A 44 -4.24 4.99 1.65
N ALA A 45 -5.10 5.83 1.12
CA ALA A 45 -4.68 7.10 0.55
C ALA A 45 -4.20 8.05 1.65
N ASN A 46 -4.74 7.85 2.85
CA ASN A 46 -4.30 8.62 4.01
C ASN A 46 -3.19 7.89 4.75
N LYS A 47 -2.97 6.64 4.33
CA LYS A 47 -1.95 5.75 4.89
C LYS A 47 -2.37 5.24 6.27
N LEU A 48 -2.37 3.91 6.42
CA LEU A 48 -2.64 3.29 7.70
C LEU A 48 -1.35 3.25 8.52
N ALA A 49 -1.50 3.30 9.83
CA ALA A 49 -0.37 3.19 10.72
C ALA A 49 -0.47 1.91 11.53
N THR A 50 0.65 1.25 11.72
CA THR A 50 0.68 -0.04 12.37
C THR A 50 1.00 0.09 13.86
N CYS A 51 0.17 -0.53 14.68
CA CYS A 51 0.37 -0.55 16.13
C CYS A 51 1.53 -1.48 16.49
N PRO A 52 2.50 -0.97 17.27
CA PRO A 52 3.65 -1.77 17.71
C PRO A 52 3.26 -2.79 18.79
N PHE A 53 2.02 -2.71 19.26
CA PHE A 53 1.52 -3.62 20.26
C PHE A 53 0.76 -4.76 19.59
N ASN A 54 0.28 -4.52 18.39
CA ASN A 54 -0.49 -5.50 17.63
C ASN A 54 -0.70 -5.02 16.20
N ALA A 55 -0.24 -5.83 15.25
CA ALA A 55 -0.22 -5.43 13.85
C ALA A 55 -1.60 -5.43 13.22
N ARG A 56 -2.57 -6.02 13.91
CA ARG A 56 -3.95 -6.02 13.44
C ARG A 56 -4.62 -4.69 13.75
N HIS A 57 -3.99 -3.90 14.61
CA HIS A 57 -4.49 -2.58 14.94
C HIS A 57 -4.05 -1.58 13.89
N GLN A 58 -4.68 -1.63 12.73
CA GLN A 58 -4.44 -0.65 11.70
C GLN A 58 -5.35 0.55 11.91
N VAL A 59 -4.77 1.69 12.18
CA VAL A 59 -5.54 2.89 12.48
C VAL A 59 -5.12 4.02 11.57
N PRO A 60 -5.98 5.05 11.40
CA PRO A 60 -5.62 6.27 10.69
C PRO A 60 -4.33 6.87 11.25
N ARG A 61 -3.49 7.37 10.37
CA ARG A 61 -2.19 7.92 10.76
C ARG A 61 -2.37 9.12 11.70
N ALA A 62 -3.52 9.75 11.64
CA ALA A 62 -3.82 10.87 12.52
C ALA A 62 -4.34 10.38 13.87
N GLU A 63 -4.58 9.08 13.98
CA GLU A 63 -5.09 8.50 15.21
C GLU A 63 -4.04 7.61 15.88
N ILE A 64 -2.92 7.38 15.21
CA ILE A 64 -1.91 6.46 15.70
C ILE A 64 -1.30 6.92 17.03
N SER A 65 -1.07 8.22 17.16
CA SER A 65 -0.44 8.76 18.37
C SER A 65 -1.33 8.53 19.58
N HIS A 66 -2.61 8.85 19.43
CA HIS A 66 -3.56 8.64 20.52
C HIS A 66 -3.78 7.15 20.78
N HIS A 67 -3.70 6.34 19.72
CA HIS A 67 -3.87 4.90 19.87
C HIS A 67 -2.73 4.31 20.69
N ILE A 68 -1.53 4.83 20.49
CA ILE A 68 -0.37 4.33 21.22
C ILE A 68 -0.52 4.56 22.72
N SER A 69 -1.01 5.74 23.08
CA SER A 69 -1.18 6.08 24.49
C SER A 69 -2.45 5.45 25.06
N SER A 70 -3.32 4.94 24.19
CA SER A 70 -4.57 4.33 24.62
C SER A 70 -4.58 2.83 24.35
N CYS A 71 -3.42 2.29 24.03
CA CYS A 71 -3.30 0.87 23.71
C CYS A 71 -2.04 0.30 24.33
N ASP A 72 -2.21 -0.52 25.34
CA ASP A 72 -1.08 -1.17 25.99
C ASP A 72 -1.25 -2.68 25.94
N ASP A 73 -0.20 -3.35 25.52
CA ASP A 73 -0.21 -4.81 25.43
C ASP A 73 0.68 -5.39 26.51
N LYS A 74 0.06 -5.95 27.54
CA LYS A 74 0.80 -6.58 28.62
C LYS A 74 0.72 -8.10 28.49
N SER A 75 1.70 -8.78 29.06
CA SER A 75 1.76 -10.24 29.02
C SER A 75 1.79 -10.73 27.56
N SER A 76 2.69 -10.14 26.79
CA SER A 76 2.82 -10.45 25.37
C SER A 76 3.15 -11.92 25.17
N ILE A 77 2.60 -12.50 24.11
CA ILE A 77 2.84 -13.89 23.78
C ILE A 77 4.02 -14.02 22.83
N GLU A 78 4.55 -12.88 22.43
CA GLU A 78 5.72 -12.81 21.58
C GLU A 78 6.89 -12.22 22.35
N GLN A 79 8.11 -12.58 21.95
CA GLN A 79 9.34 -12.09 22.60
C GLN A 79 9.34 -12.46 24.08
N ASP A 80 8.66 -13.56 24.40
CA ASP A 80 8.53 -14.01 25.78
C ASP A 80 7.95 -15.42 25.81
ZN ZN B . -7.04 -4.96 -4.05
ZN ZN C . -3.08 -1.09 19.34
N MET A 1 17.56 -26.02 -1.93
CA MET A 1 19.02 -25.93 -2.13
C MET A 1 19.40 -26.38 -3.53
N GLU A 2 18.80 -27.48 -3.97
CA GLU A 2 19.07 -28.02 -5.31
C GLU A 2 18.19 -27.37 -6.35
N ASP A 3 17.64 -26.21 -6.02
CA ASP A 3 16.72 -25.50 -6.90
C ASP A 3 17.40 -24.28 -7.51
N THR A 4 18.68 -24.40 -7.81
CA THR A 4 19.45 -23.31 -8.38
C THR A 4 19.18 -23.20 -9.88
N TYR A 5 19.37 -24.30 -10.59
CA TYR A 5 19.17 -24.32 -12.03
C TYR A 5 18.29 -25.49 -12.45
N ILE A 6 17.02 -25.42 -12.07
CA ILE A 6 16.04 -26.42 -12.48
C ILE A 6 14.73 -25.74 -12.83
N ASP A 7 13.94 -26.36 -13.68
CA ASP A 7 12.70 -25.76 -14.14
C ASP A 7 11.56 -26.05 -13.18
N SER A 8 11.77 -25.71 -11.92
CA SER A 8 10.76 -25.88 -10.90
C SER A 8 9.97 -24.60 -10.70
N LEU A 9 10.31 -23.59 -11.51
CA LEU A 9 9.67 -22.28 -11.41
C LEU A 9 8.22 -22.36 -11.85
N ASP A 10 7.36 -21.68 -11.11
CA ASP A 10 5.94 -21.62 -11.44
C ASP A 10 5.62 -20.30 -12.13
N PRO A 11 5.07 -20.38 -13.36
CA PRO A 11 4.64 -19.20 -14.10
C PRO A 11 3.64 -18.36 -13.30
N GLU A 12 3.92 -17.08 -13.17
CA GLU A 12 3.07 -16.18 -12.41
C GLU A 12 1.71 -15.99 -13.09
N LYS A 13 0.66 -16.09 -12.30
CA LYS A 13 -0.69 -15.89 -12.79
C LYS A 13 -1.44 -14.95 -11.88
N LEU A 14 -1.85 -15.44 -10.71
CA LEU A 14 -2.56 -14.63 -9.74
C LEU A 14 -1.59 -13.97 -8.78
N LEU A 15 -1.58 -12.66 -8.76
CA LEU A 15 -0.75 -11.89 -7.83
C LEU A 15 -1.61 -11.42 -6.66
N GLN A 16 -0.99 -11.26 -5.51
CA GLN A 16 -1.73 -10.86 -4.32
C GLN A 16 -1.73 -9.34 -4.19
N CYS A 17 -2.79 -8.80 -3.63
CA CYS A 17 -2.96 -7.37 -3.49
C CYS A 17 -2.36 -6.87 -2.17
N PRO A 18 -1.49 -5.85 -2.24
CA PRO A 18 -0.86 -5.27 -1.03
C PRO A 18 -1.87 -4.54 -0.14
N TYR A 19 -2.96 -4.10 -0.75
CA TYR A 19 -3.98 -3.34 -0.03
C TYR A 19 -4.98 -4.26 0.65
N ASP A 20 -5.09 -5.48 0.14
CA ASP A 20 -6.00 -6.47 0.69
C ASP A 20 -5.60 -7.86 0.22
N LYS A 21 -5.26 -8.73 1.16
CA LYS A 21 -4.73 -10.06 0.82
C LYS A 21 -5.78 -10.99 0.24
N ASN A 22 -7.04 -10.55 0.28
CA ASN A 22 -8.13 -11.36 -0.24
C ASN A 22 -8.39 -11.02 -1.71
N HIS A 23 -7.55 -10.16 -2.28
CA HIS A 23 -7.64 -9.83 -3.70
C HIS A 23 -6.53 -10.56 -4.45
N GLN A 24 -6.91 -11.45 -5.34
CA GLN A 24 -5.95 -12.12 -6.21
C GLN A 24 -6.29 -11.84 -7.67
N ILE A 25 -5.41 -11.13 -8.34
CA ILE A 25 -5.66 -10.68 -9.70
C ILE A 25 -4.53 -11.11 -10.61
N ARG A 26 -4.86 -11.53 -11.82
CA ARG A 26 -3.87 -11.96 -12.80
C ARG A 26 -2.96 -10.80 -13.16
N ALA A 27 -1.69 -11.13 -13.38
CA ALA A 27 -0.62 -10.15 -13.60
C ALA A 27 -0.95 -9.16 -14.72
N SER A 28 -1.80 -9.57 -15.66
CA SER A 28 -2.19 -8.72 -16.76
C SER A 28 -3.07 -7.56 -16.30
N ARG A 29 -3.86 -7.79 -15.25
CA ARG A 29 -4.78 -6.78 -14.76
C ARG A 29 -4.38 -6.28 -13.38
N PHE A 30 -3.23 -6.74 -12.89
CA PHE A 30 -2.77 -6.37 -11.57
C PHE A 30 -2.51 -4.87 -11.45
N PRO A 31 -1.76 -4.24 -12.40
CA PRO A 31 -1.58 -2.78 -12.41
C PRO A 31 -2.91 -2.04 -12.44
N TYR A 32 -3.86 -2.57 -13.22
CA TYR A 32 -5.19 -2.01 -13.32
C TYR A 32 -5.91 -2.07 -11.97
N HIS A 33 -5.82 -3.22 -11.31
CA HIS A 33 -6.41 -3.39 -9.99
C HIS A 33 -5.72 -2.49 -8.99
N LEU A 34 -4.42 -2.31 -9.19
CA LEU A 34 -3.62 -1.48 -8.29
C LEU A 34 -4.10 -0.04 -8.33
N ILE A 35 -4.42 0.44 -9.52
CA ILE A 35 -4.92 1.80 -9.71
C ILE A 35 -6.26 1.99 -8.99
N LYS A 36 -7.17 1.06 -9.23
CA LYS A 36 -8.52 1.13 -8.65
C LYS A 36 -8.49 0.95 -7.14
N CYS A 37 -7.72 -0.04 -6.70
CA CYS A 37 -7.70 -0.46 -5.31
C CYS A 37 -6.96 0.56 -4.45
N ARG A 38 -5.95 1.21 -5.03
CA ARG A 38 -5.20 2.23 -4.32
C ARG A 38 -6.10 3.38 -3.88
N LYS A 39 -7.07 3.72 -4.72
CA LYS A 39 -8.04 4.75 -4.38
C LYS A 39 -9.13 4.18 -3.50
N ASN A 40 -9.61 3.00 -3.86
CA ASN A 40 -10.72 2.36 -3.16
C ASN A 40 -10.20 1.39 -2.11
N HIS A 41 -9.56 1.93 -1.08
CA HIS A 41 -9.07 1.12 0.03
C HIS A 41 -9.63 1.61 1.37
N PRO A 42 -10.93 1.40 1.60
CA PRO A 42 -11.61 1.86 2.82
C PRO A 42 -11.04 1.23 4.07
N ASP A 43 -10.51 0.02 3.93
CA ASP A 43 -9.91 -0.71 5.04
C ASP A 43 -8.78 0.10 5.67
N VAL A 44 -8.02 0.78 4.83
CA VAL A 44 -6.88 1.56 5.30
C VAL A 44 -7.31 3.00 5.61
N ALA A 45 -8.27 3.50 4.83
CA ALA A 45 -8.78 4.86 5.04
C ALA A 45 -9.58 4.95 6.34
N ASN A 46 -10.15 3.83 6.74
CA ASN A 46 -10.94 3.76 7.97
C ASN A 46 -10.25 2.87 9.00
N LYS A 47 -8.93 2.97 9.09
CA LYS A 47 -8.19 2.21 10.06
C LYS A 47 -7.96 3.05 11.32
N LEU A 48 -7.61 2.39 12.41
CA LEU A 48 -7.37 3.08 13.66
C LEU A 48 -5.90 3.42 13.81
N ALA A 49 -5.64 4.47 14.57
CA ALA A 49 -4.29 4.90 14.87
C ALA A 49 -4.08 4.91 16.37
N THR A 50 -2.85 4.65 16.80
CA THR A 50 -2.56 4.57 18.23
C THR A 50 -2.09 5.93 18.75
N CYS A 51 -2.73 6.39 19.81
CA CYS A 51 -2.37 7.63 20.47
C CYS A 51 -0.97 7.54 21.07
N PRO A 52 -0.08 8.46 20.71
CA PRO A 52 1.28 8.50 21.25
C PRO A 52 1.32 8.96 22.70
N PHE A 53 0.16 9.37 23.21
CA PHE A 53 0.05 9.81 24.60
C PHE A 53 -0.34 8.63 25.48
N ASN A 54 -1.25 7.81 24.98
CA ASN A 54 -1.72 6.64 25.71
C ASN A 54 -2.26 5.60 24.75
N ALA A 55 -1.86 4.35 24.97
CA ALA A 55 -2.16 3.27 24.02
C ALA A 55 -3.62 2.83 24.05
N ARG A 56 -4.38 3.32 25.03
CA ARG A 56 -5.78 2.94 25.16
C ARG A 56 -6.67 3.82 24.28
N HIS A 57 -6.04 4.76 23.57
CA HIS A 57 -6.79 5.66 22.70
C HIS A 57 -6.59 5.28 21.25
N GLN A 58 -7.51 4.51 20.70
CA GLN A 58 -7.48 4.20 19.27
C GLN A 58 -8.54 5.00 18.56
N VAL A 59 -8.11 5.85 17.64
CA VAL A 59 -9.03 6.71 16.90
C VAL A 59 -8.77 6.58 15.41
N PRO A 60 -9.80 6.85 14.58
CA PRO A 60 -9.65 6.86 13.12
C PRO A 60 -8.52 7.78 12.67
N ARG A 61 -7.82 7.38 11.62
CA ARG A 61 -6.65 8.11 11.14
C ARG A 61 -7.01 9.53 10.68
N ALA A 62 -8.27 9.77 10.39
CA ALA A 62 -8.73 11.11 10.02
C ALA A 62 -9.02 11.95 11.27
N GLU A 63 -9.02 11.29 12.41
CA GLU A 63 -9.32 11.96 13.67
C GLU A 63 -8.11 11.98 14.60
N ILE A 64 -7.05 11.25 14.24
CA ILE A 64 -5.86 11.17 15.06
C ILE A 64 -5.23 12.54 15.29
N SER A 65 -5.27 13.37 14.25
CA SER A 65 -4.71 14.72 14.31
C SER A 65 -5.51 15.59 15.28
N HIS A 66 -6.82 15.45 15.25
CA HIS A 66 -7.68 16.17 16.18
C HIS A 66 -7.44 15.67 17.60
N HIS A 67 -7.24 14.37 17.73
CA HIS A 67 -7.03 13.75 19.04
C HIS A 67 -5.73 14.24 19.66
N ILE A 68 -4.78 14.66 18.83
CA ILE A 68 -3.52 15.21 19.34
C ILE A 68 -3.79 16.43 20.23
N SER A 69 -4.66 17.31 19.76
CA SER A 69 -4.98 18.52 20.49
C SER A 69 -6.01 18.25 21.59
N SER A 70 -6.84 17.23 21.37
CA SER A 70 -7.87 16.87 22.33
C SER A 70 -7.37 15.87 23.37
N CYS A 71 -6.07 15.62 23.36
CA CYS A 71 -5.48 14.70 24.31
C CYS A 71 -4.31 15.36 25.01
N ASP A 72 -4.60 16.38 25.78
CA ASP A 72 -3.58 17.11 26.51
C ASP A 72 -3.55 16.63 27.96
N ASP A 73 -2.39 16.66 28.58
CA ASP A 73 -2.23 16.11 29.93
C ASP A 73 -1.12 16.85 30.67
N LYS A 74 -0.53 16.20 31.68
CA LYS A 74 0.53 16.81 32.48
C LYS A 74 1.81 16.96 31.66
N SER A 75 2.10 15.96 30.86
CA SER A 75 3.27 15.98 30.00
C SER A 75 3.02 16.87 28.78
N SER A 76 2.85 18.16 29.04
CA SER A 76 2.55 19.12 27.99
C SER A 76 3.35 20.39 28.22
N ILE A 77 4.25 20.70 27.30
CA ILE A 77 5.04 21.91 27.37
C ILE A 77 4.26 23.06 26.74
N GLU A 78 3.15 23.40 27.36
CA GLU A 78 2.26 24.44 26.84
C GLU A 78 2.30 25.67 27.74
N GLN A 79 2.71 25.46 28.98
CA GLN A 79 2.80 26.54 29.95
C GLN A 79 4.26 26.78 30.32
N ASP A 80 5.15 26.34 29.45
CA ASP A 80 6.58 26.48 29.68
C ASP A 80 7.32 26.63 28.35
ZN ZN B . -7.07 -5.01 -4.09
ZN ZN C . -5.06 10.07 23.50
N MET A 1 14.18 -8.41 2.33
CA MET A 1 15.64 -8.14 2.39
C MET A 1 16.13 -7.57 1.08
N GLU A 2 17.19 -6.76 1.16
CA GLU A 2 17.83 -6.18 -0.02
C GLU A 2 16.84 -5.37 -0.85
N ASP A 3 16.17 -4.43 -0.18
CA ASP A 3 15.19 -3.55 -0.82
C ASP A 3 14.01 -4.34 -1.38
N THR A 4 12.93 -4.35 -0.62
CA THR A 4 11.73 -5.09 -1.01
C THR A 4 11.02 -4.41 -2.19
N TYR A 5 11.49 -3.22 -2.54
CA TYR A 5 10.88 -2.42 -3.60
C TYR A 5 11.41 -2.86 -4.95
N ILE A 6 11.02 -4.05 -5.39
CA ILE A 6 11.45 -4.57 -6.67
C ILE A 6 10.30 -4.59 -7.67
N ASP A 7 10.63 -4.32 -8.93
CA ASP A 7 9.62 -4.29 -9.99
C ASP A 7 9.71 -5.53 -10.86
N SER A 8 10.65 -6.40 -10.54
CA SER A 8 10.79 -7.65 -11.26
C SER A 8 9.65 -8.60 -10.89
N LEU A 9 8.90 -9.02 -11.89
CA LEU A 9 7.77 -9.91 -11.67
C LEU A 9 7.65 -10.91 -12.82
N ASP A 10 7.18 -12.10 -12.51
CA ASP A 10 6.95 -13.12 -13.52
C ASP A 10 5.56 -12.96 -14.13
N PRO A 11 5.42 -13.25 -15.43
CA PRO A 11 4.18 -13.01 -16.18
C PRO A 11 3.01 -13.84 -15.70
N GLU A 12 1.80 -13.41 -16.07
CA GLU A 12 0.53 -14.05 -15.68
C GLU A 12 0.53 -14.40 -14.18
N LYS A 13 -0.22 -15.44 -13.81
CA LYS A 13 -0.31 -15.89 -12.42
C LYS A 13 -1.13 -14.91 -11.58
N LEU A 14 -1.69 -15.40 -10.49
CA LEU A 14 -2.46 -14.57 -9.59
C LEU A 14 -1.52 -13.81 -8.67
N LEU A 15 -1.59 -12.49 -8.71
CA LEU A 15 -0.76 -11.65 -7.86
C LEU A 15 -1.54 -11.25 -6.62
N GLN A 16 -0.82 -10.97 -5.55
CA GLN A 16 -1.43 -10.62 -4.29
C GLN A 16 -1.57 -9.11 -4.15
N CYS A 17 -2.67 -8.66 -3.58
CA CYS A 17 -2.89 -7.24 -3.38
C CYS A 17 -2.31 -6.82 -2.03
N PRO A 18 -1.43 -5.81 -2.04
CA PRO A 18 -0.76 -5.33 -0.83
C PRO A 18 -1.73 -4.64 0.13
N TYR A 19 -2.90 -4.30 -0.38
CA TYR A 19 -3.91 -3.62 0.43
C TYR A 19 -4.82 -4.65 1.09
N ASP A 20 -5.05 -5.76 0.42
CA ASP A 20 -5.94 -6.80 0.92
C ASP A 20 -5.58 -8.16 0.35
N LYS A 21 -5.42 -9.13 1.24
CA LYS A 21 -5.00 -10.47 0.85
C LYS A 21 -6.15 -11.25 0.21
N ASN A 22 -7.36 -10.70 0.31
CA ASN A 22 -8.52 -11.33 -0.30
C ASN A 22 -8.63 -10.96 -1.79
N HIS A 23 -7.70 -10.13 -2.26
CA HIS A 23 -7.70 -9.75 -3.67
C HIS A 23 -6.58 -10.50 -4.39
N GLN A 24 -6.97 -11.36 -5.33
CA GLN A 24 -6.02 -12.06 -6.17
C GLN A 24 -6.31 -11.77 -7.64
N ILE A 25 -5.43 -11.01 -8.27
CA ILE A 25 -5.63 -10.58 -9.65
C ILE A 25 -4.41 -10.97 -10.50
N ARG A 26 -4.67 -11.53 -11.68
CA ARG A 26 -3.61 -11.96 -12.58
C ARG A 26 -2.79 -10.78 -13.07
N ALA A 27 -1.50 -11.03 -13.31
CA ALA A 27 -0.52 -10.00 -13.68
C ALA A 27 -0.96 -9.14 -14.87
N SER A 28 -1.78 -9.72 -15.72
CA SER A 28 -2.24 -9.02 -16.91
C SER A 28 -3.34 -7.99 -16.59
N ARG A 29 -3.89 -8.07 -15.38
CA ARG A 29 -4.94 -7.14 -14.98
C ARG A 29 -4.54 -6.44 -13.68
N PHE A 30 -3.38 -6.80 -13.15
CA PHE A 30 -2.91 -6.26 -11.88
C PHE A 30 -2.71 -4.75 -11.92
N PRO A 31 -2.05 -4.18 -12.97
CA PRO A 31 -1.87 -2.73 -13.09
C PRO A 31 -3.15 -1.95 -12.84
N TYR A 32 -4.26 -2.46 -13.38
CA TYR A 32 -5.55 -1.82 -13.21
C TYR A 32 -6.03 -1.91 -11.78
N HIS A 33 -5.87 -3.09 -11.18
CA HIS A 33 -6.29 -3.29 -9.79
C HIS A 33 -5.44 -2.45 -8.86
N LEU A 34 -4.18 -2.27 -9.21
CA LEU A 34 -3.25 -1.46 -8.42
C LEU A 34 -3.75 -0.02 -8.37
N ILE A 35 -4.19 0.49 -9.51
CA ILE A 35 -4.65 1.86 -9.61
C ILE A 35 -6.02 2.03 -8.96
N LYS A 36 -6.94 1.12 -9.28
CA LYS A 36 -8.31 1.21 -8.79
C LYS A 36 -8.38 0.96 -7.29
N CYS A 37 -7.69 -0.07 -6.81
CA CYS A 37 -7.76 -0.45 -5.40
C CYS A 37 -7.15 0.63 -4.53
N ARG A 38 -6.05 1.22 -5.00
CA ARG A 38 -5.37 2.28 -4.27
C ARG A 38 -6.25 3.53 -4.18
N LYS A 39 -7.05 3.75 -5.21
CA LYS A 39 -7.93 4.91 -5.26
C LYS A 39 -9.20 4.66 -4.45
N ASN A 40 -9.72 3.45 -4.53
CA ASN A 40 -10.95 3.08 -3.83
C ASN A 40 -10.68 2.84 -2.34
N HIS A 41 -9.43 2.56 -2.00
CA HIS A 41 -9.08 2.30 -0.61
C HIS A 41 -7.87 3.15 -0.18
N PRO A 42 -8.03 4.48 -0.12
CA PRO A 42 -6.93 5.38 0.26
C PRO A 42 -6.51 5.16 1.70
N ASP A 43 -7.48 4.78 2.53
CA ASP A 43 -7.25 4.49 3.94
C ASP A 43 -6.28 3.34 4.11
N VAL A 44 -6.40 2.35 3.22
CA VAL A 44 -5.58 1.17 3.31
C VAL A 44 -4.29 1.36 2.52
N ALA A 45 -4.39 2.08 1.41
CA ALA A 45 -3.23 2.35 0.57
C ALA A 45 -2.14 3.07 1.34
N ASN A 46 -2.54 4.02 2.17
CA ASN A 46 -1.57 4.79 2.95
C ASN A 46 -1.41 4.22 4.35
N LYS A 47 -2.48 3.65 4.90
CA LYS A 47 -2.49 3.10 6.26
C LYS A 47 -2.32 4.21 7.30
N LEU A 48 -1.10 4.70 7.42
CA LEU A 48 -0.79 5.74 8.38
C LEU A 48 -0.48 7.06 7.68
N ALA A 49 -0.71 8.15 8.39
CA ALA A 49 -0.44 9.47 7.88
C ALA A 49 0.72 10.09 8.64
N THR A 50 1.54 10.86 7.93
CA THR A 50 2.71 11.47 8.53
C THR A 50 2.41 12.89 9.00
N CYS A 51 2.73 13.17 10.25
CA CYS A 51 2.55 14.49 10.83
C CYS A 51 3.44 15.50 10.12
N PRO A 52 2.85 16.63 9.68
CA PRO A 52 3.60 17.68 8.96
C PRO A 52 4.52 18.46 9.89
N PHE A 53 4.45 18.19 11.18
CA PHE A 53 5.26 18.88 12.15
C PHE A 53 6.42 17.99 12.62
N ASN A 54 6.17 16.69 12.70
CA ASN A 54 7.16 15.77 13.22
C ASN A 54 6.97 14.38 12.61
N ALA A 55 8.04 13.80 12.12
CA ALA A 55 7.98 12.54 11.39
C ALA A 55 7.76 11.34 12.30
N ARG A 56 7.98 11.53 13.60
CA ARG A 56 7.80 10.46 14.57
C ARG A 56 6.32 10.29 14.91
N HIS A 57 5.48 11.14 14.33
CA HIS A 57 4.05 11.07 14.57
C HIS A 57 3.33 10.47 13.36
N GLN A 58 3.15 9.16 13.37
CA GLN A 58 2.35 8.51 12.35
C GLN A 58 1.01 8.12 12.94
N VAL A 59 -0.05 8.67 12.40
CA VAL A 59 -1.39 8.48 12.95
C VAL A 59 -2.34 7.91 11.89
N PRO A 60 -3.44 7.28 12.31
CA PRO A 60 -4.47 6.78 11.40
C PRO A 60 -4.98 7.88 10.46
N ARG A 61 -5.40 7.48 9.27
CA ARG A 61 -5.82 8.40 8.21
C ARG A 61 -6.97 9.30 8.65
N ALA A 62 -7.83 8.78 9.50
CA ALA A 62 -9.00 9.52 9.96
C ALA A 62 -8.67 10.36 11.19
N GLU A 63 -7.45 10.19 11.71
CA GLU A 63 -7.04 10.90 12.90
C GLU A 63 -6.08 12.04 12.57
N ILE A 64 -5.54 12.03 11.35
CA ILE A 64 -4.56 13.03 10.94
C ILE A 64 -5.13 14.44 11.04
N SER A 65 -6.40 14.59 10.69
CA SER A 65 -7.06 15.88 10.74
C SER A 65 -7.03 16.43 12.16
N HIS A 66 -7.44 15.60 13.11
CA HIS A 66 -7.47 16.00 14.52
C HIS A 66 -6.06 16.21 15.06
N HIS A 67 -5.11 15.43 14.56
CA HIS A 67 -3.74 15.49 15.07
C HIS A 67 -3.06 16.78 14.63
N ILE A 68 -3.41 17.29 13.45
CA ILE A 68 -2.82 18.53 12.95
C ILE A 68 -3.07 19.68 13.92
N SER A 69 -4.33 19.87 14.29
CA SER A 69 -4.72 20.98 15.16
C SER A 69 -4.27 20.75 16.61
N SER A 70 -4.17 19.50 17.03
CA SER A 70 -3.77 19.19 18.40
C SER A 70 -2.26 19.06 18.52
N CYS A 71 -1.56 19.20 17.40
CA CYS A 71 -0.11 19.13 17.38
C CYS A 71 0.45 20.49 16.97
N ASP A 72 -0.37 21.51 17.15
CA ASP A 72 0.01 22.86 16.78
C ASP A 72 0.67 23.57 17.95
N ASP A 73 1.86 24.09 17.71
CA ASP A 73 2.60 24.84 18.71
C ASP A 73 3.00 26.20 18.17
N LYS A 74 2.23 27.23 18.50
CA LYS A 74 2.57 28.59 18.11
C LYS A 74 3.53 29.19 19.11
N SER A 75 4.00 30.40 18.83
CA SER A 75 4.93 31.10 19.70
C SER A 75 6.18 30.27 19.93
N SER A 76 6.82 29.88 18.84
CA SER A 76 8.02 29.06 18.88
C SER A 76 9.21 29.86 19.39
N ILE A 77 9.32 29.96 20.70
CA ILE A 77 10.43 30.65 21.33
C ILE A 77 11.62 29.72 21.44
N GLU A 78 11.34 28.46 21.75
CA GLU A 78 12.37 27.46 21.93
C GLU A 78 11.82 26.09 21.57
N GLN A 79 12.50 25.41 20.66
CA GLN A 79 12.08 24.08 20.22
C GLN A 79 13.15 23.06 20.55
N ASP A 80 12.74 21.94 21.12
CA ASP A 80 13.66 20.88 21.50
C ASP A 80 13.28 19.57 20.81
ZN ZN B . -7.01 -4.92 -3.99
ZN ZN C . 2.31 15.50 15.44
N MET A 1 19.27 -29.75 -9.24
CA MET A 1 18.39 -29.11 -10.24
C MET A 1 19.21 -28.45 -11.35
N GLU A 2 19.18 -29.05 -12.52
CA GLU A 2 19.89 -28.51 -13.68
C GLU A 2 19.04 -28.64 -14.93
N ASP A 3 18.32 -29.75 -15.02
CA ASP A 3 17.43 -30.00 -16.15
C ASP A 3 16.04 -29.48 -15.87
N THR A 4 15.51 -28.69 -16.77
CA THR A 4 14.18 -28.13 -16.61
C THR A 4 13.15 -29.08 -17.22
N TYR A 5 12.00 -29.19 -16.57
CA TYR A 5 10.93 -30.05 -17.06
C TYR A 5 9.73 -29.22 -17.47
N ILE A 6 8.66 -29.88 -17.90
CA ILE A 6 7.47 -29.19 -18.38
C ILE A 6 6.94 -28.20 -17.34
N ASP A 7 6.86 -28.64 -16.07
CA ASP A 7 6.41 -27.80 -14.97
C ASP A 7 5.05 -27.16 -15.29
N SER A 8 3.99 -27.92 -15.06
CA SER A 8 2.64 -27.46 -15.33
C SER A 8 2.28 -26.25 -14.46
N LEU A 9 1.30 -25.47 -14.91
CA LEU A 9 0.88 -24.23 -14.25
C LEU A 9 1.94 -23.13 -14.46
N ASP A 10 1.49 -21.99 -14.94
CA ASP A 10 2.37 -20.85 -15.14
C ASP A 10 2.48 -20.03 -13.86
N PRO A 11 3.71 -19.77 -13.40
CA PRO A 11 3.97 -19.10 -12.13
C PRO A 11 3.69 -17.60 -12.17
N GLU A 12 3.36 -17.05 -11.01
CA GLU A 12 3.14 -15.61 -10.83
C GLU A 12 1.97 -15.10 -11.67
N LYS A 13 1.04 -15.99 -12.00
CA LYS A 13 -0.13 -15.59 -12.76
C LYS A 13 -1.06 -14.77 -11.89
N LEU A 14 -1.22 -15.21 -10.64
CA LEU A 14 -2.03 -14.48 -9.69
C LEU A 14 -1.15 -13.70 -8.73
N LEU A 15 -1.31 -12.38 -8.72
CA LEU A 15 -0.57 -11.54 -7.82
C LEU A 15 -1.43 -11.16 -6.63
N GLN A 16 -0.86 -11.26 -5.43
CA GLN A 16 -1.55 -10.88 -4.21
C GLN A 16 -1.66 -9.37 -4.13
N CYS A 17 -2.75 -8.87 -3.61
CA CYS A 17 -2.96 -7.45 -3.47
C CYS A 17 -2.40 -6.96 -2.14
N PRO A 18 -1.44 -6.03 -2.17
CA PRO A 18 -0.83 -5.49 -0.96
C PRO A 18 -1.79 -4.60 -0.18
N TYR A 19 -2.90 -4.26 -0.82
CA TYR A 19 -3.92 -3.44 -0.19
C TYR A 19 -4.96 -4.31 0.50
N ASP A 20 -5.03 -5.58 0.11
CA ASP A 20 -5.95 -6.53 0.70
C ASP A 20 -5.66 -7.94 0.22
N LYS A 21 -5.37 -8.85 1.17
CA LYS A 21 -4.95 -10.21 0.82
C LYS A 21 -6.07 -11.01 0.17
N ASN A 22 -7.29 -10.54 0.30
CA ASN A 22 -8.45 -11.25 -0.25
C ASN A 22 -8.63 -10.92 -1.73
N HIS A 23 -7.69 -10.16 -2.29
CA HIS A 23 -7.71 -9.85 -3.71
C HIS A 23 -6.60 -10.62 -4.43
N GLN A 24 -6.98 -11.51 -5.32
CA GLN A 24 -6.02 -12.22 -6.16
C GLN A 24 -6.33 -11.95 -7.63
N ILE A 25 -5.55 -11.09 -8.25
CA ILE A 25 -5.80 -10.67 -9.62
C ILE A 25 -4.65 -11.12 -10.51
N ARG A 26 -4.97 -11.53 -11.74
CA ARG A 26 -3.97 -11.97 -12.69
C ARG A 26 -3.03 -10.82 -13.03
N ALA A 27 -1.76 -11.15 -13.18
CA ALA A 27 -0.69 -10.17 -13.35
C ALA A 27 -0.92 -9.23 -14.52
N SER A 28 -1.68 -9.68 -15.51
CA SER A 28 -1.99 -8.88 -16.68
C SER A 28 -2.97 -7.76 -16.34
N ARG A 29 -3.88 -8.00 -15.40
CA ARG A 29 -4.88 -7.01 -15.04
C ARG A 29 -4.56 -6.37 -13.69
N PHE A 30 -3.51 -6.86 -13.05
CA PHE A 30 -3.07 -6.35 -11.75
C PHE A 30 -2.79 -4.85 -11.80
N PRO A 31 -2.07 -4.33 -12.83
CA PRO A 31 -1.83 -2.89 -13.00
C PRO A 31 -3.09 -2.06 -12.79
N TYR A 32 -4.20 -2.48 -13.39
CA TYR A 32 -5.45 -1.75 -13.30
C TYR A 32 -6.00 -1.84 -11.89
N HIS A 33 -5.90 -3.02 -11.29
CA HIS A 33 -6.39 -3.23 -9.93
C HIS A 33 -5.57 -2.42 -8.95
N LEU A 34 -4.30 -2.22 -9.26
CA LEU A 34 -3.41 -1.44 -8.40
C LEU A 34 -3.90 0.01 -8.30
N ILE A 35 -4.24 0.59 -9.45
CA ILE A 35 -4.70 1.97 -9.51
C ILE A 35 -6.07 2.11 -8.84
N LYS A 36 -6.96 1.17 -9.14
CA LYS A 36 -8.32 1.20 -8.64
C LYS A 36 -8.37 0.91 -7.14
N CYS A 37 -7.58 -0.05 -6.70
CA CYS A 37 -7.61 -0.49 -5.32
C CYS A 37 -6.93 0.51 -4.39
N ARG A 38 -5.93 1.23 -4.93
CA ARG A 38 -5.21 2.24 -4.15
C ARG A 38 -6.17 3.31 -3.62
N LYS A 39 -7.12 3.72 -4.45
CA LYS A 39 -8.11 4.72 -4.04
C LYS A 39 -9.24 4.08 -3.24
N ASN A 40 -9.32 2.76 -3.30
CA ASN A 40 -10.34 2.02 -2.54
C ASN A 40 -9.82 1.69 -1.15
N HIS A 41 -8.50 1.67 -1.01
CA HIS A 41 -7.86 1.42 0.28
C HIS A 41 -6.84 2.51 0.58
N PRO A 42 -7.30 3.76 0.81
CA PRO A 42 -6.40 4.88 1.07
C PRO A 42 -5.67 4.73 2.40
N ASP A 43 -6.25 3.92 3.27
CA ASP A 43 -5.66 3.66 4.58
C ASP A 43 -4.33 2.94 4.45
N VAL A 44 -4.23 2.12 3.42
CA VAL A 44 -3.00 1.38 3.15
C VAL A 44 -2.04 2.25 2.34
N ALA A 45 -2.61 3.07 1.47
CA ALA A 45 -1.82 3.98 0.64
C ALA A 45 -1.14 5.05 1.49
N ASN A 46 -1.75 5.37 2.63
CA ASN A 46 -1.24 6.41 3.52
C ASN A 46 -0.29 5.83 4.57
N LYS A 47 0.29 4.68 4.28
CA LYS A 47 1.31 4.11 5.15
C LYS A 47 2.65 4.79 4.90
N LEU A 48 2.70 6.08 5.20
CA LEU A 48 3.90 6.88 4.95
C LEU A 48 4.56 7.29 6.25
N ALA A 49 5.86 7.11 6.33
CA ALA A 49 6.64 7.54 7.48
C ALA A 49 7.58 8.65 7.07
N THR A 50 8.02 9.45 8.03
CA THR A 50 8.81 10.62 7.74
C THR A 50 10.28 10.41 8.11
N CYS A 51 11.16 10.77 7.18
CA CYS A 51 12.61 10.70 7.38
C CYS A 51 13.03 11.62 8.53
N PRO A 52 13.81 11.09 9.49
CA PRO A 52 14.25 11.86 10.66
C PRO A 52 15.33 12.89 10.31
N PHE A 53 15.80 12.85 9.07
CA PHE A 53 16.83 13.77 8.63
C PHE A 53 16.27 14.82 7.68
N ASN A 54 15.06 14.59 7.18
CA ASN A 54 14.45 15.48 6.21
C ASN A 54 12.97 15.15 6.00
N ALA A 55 12.11 16.10 6.33
CA ALA A 55 10.67 15.90 6.27
C ALA A 55 10.19 15.79 4.83
N ARG A 56 11.05 16.14 3.89
CA ARG A 56 10.71 16.05 2.47
C ARG A 56 10.88 14.63 1.95
N HIS A 57 11.29 13.72 2.84
CA HIS A 57 11.43 12.32 2.50
C HIS A 57 10.33 11.52 3.15
N GLN A 58 9.22 11.33 2.45
CA GLN A 58 8.14 10.51 2.94
C GLN A 58 8.07 9.21 2.15
N VAL A 59 8.27 8.10 2.84
CA VAL A 59 8.34 6.80 2.18
C VAL A 59 7.38 5.83 2.86
N PRO A 60 7.00 4.75 2.16
CA PRO A 60 6.20 3.67 2.74
C PRO A 60 6.83 3.13 4.02
N ARG A 61 6.01 2.90 5.03
CA ARG A 61 6.48 2.44 6.33
C ARG A 61 7.17 1.09 6.23
N ALA A 62 6.82 0.33 5.19
CA ALA A 62 7.44 -0.96 4.94
C ALA A 62 8.88 -0.78 4.44
N GLU A 63 9.23 0.44 4.07
CA GLU A 63 10.57 0.72 3.57
C GLU A 63 11.21 1.89 4.30
N ILE A 64 10.64 2.30 5.43
CA ILE A 64 11.18 3.45 6.16
C ILE A 64 12.56 3.15 6.71
N SER A 65 12.76 1.94 7.23
CA SER A 65 14.06 1.55 7.76
C SER A 65 15.05 1.42 6.61
N HIS A 66 14.58 0.89 5.49
CA HIS A 66 15.37 0.76 4.27
C HIS A 66 15.83 2.13 3.79
N HIS A 67 15.03 3.16 4.07
CA HIS A 67 15.37 4.52 3.69
C HIS A 67 16.35 5.12 4.69
N ILE A 68 16.09 4.93 5.98
CA ILE A 68 16.92 5.51 7.02
C ILE A 68 18.35 5.00 6.93
N SER A 69 18.51 3.73 6.64
CA SER A 69 19.83 3.12 6.53
C SER A 69 20.62 3.70 5.36
N SER A 70 19.91 3.99 4.26
CA SER A 70 20.55 4.52 3.07
C SER A 70 20.54 6.05 3.05
N CYS A 71 19.94 6.64 4.07
CA CYS A 71 19.80 8.08 4.16
C CYS A 71 20.39 8.56 5.48
N ASP A 72 21.48 7.91 5.87
CA ASP A 72 22.14 8.20 7.13
C ASP A 72 23.13 9.36 6.96
N ASP A 73 22.70 10.55 7.33
CA ASP A 73 23.57 11.70 7.32
C ASP A 73 23.74 12.26 8.73
N LYS A 74 24.39 11.47 9.57
CA LYS A 74 24.63 11.88 10.95
C LYS A 74 25.79 12.86 11.04
N SER A 75 26.06 13.34 12.25
CA SER A 75 27.13 14.30 12.49
C SER A 75 26.92 15.58 11.68
N SER A 76 25.65 15.96 11.52
CA SER A 76 25.30 17.14 10.75
C SER A 76 25.33 18.38 11.65
N ILE A 77 25.61 18.16 12.91
CA ILE A 77 25.65 19.24 13.89
C ILE A 77 27.08 19.67 14.19
N GLU A 78 28.04 18.93 13.66
CA GLU A 78 29.46 19.16 13.90
C GLU A 78 29.79 19.11 15.40
N GLN A 79 29.72 20.27 16.04
CA GLN A 79 29.95 20.38 17.49
C GLN A 79 31.32 19.81 17.85
N ASP A 80 32.37 20.45 17.36
CA ASP A 80 33.73 19.99 17.60
C ASP A 80 34.50 20.99 18.45
ZN ZN B . -7.05 -5.05 -4.15
ZN ZN C . 15.73 10.58 3.83
N MET A 1 14.94 -25.43 -21.13
CA MET A 1 14.32 -25.29 -19.79
C MET A 1 13.67 -23.92 -19.63
N GLU A 2 14.11 -22.95 -20.41
CA GLU A 2 13.48 -21.64 -20.44
C GLU A 2 12.92 -21.44 -21.85
N ASP A 3 11.89 -22.20 -22.18
CA ASP A 3 11.37 -22.23 -23.54
C ASP A 3 9.90 -21.85 -23.59
N THR A 4 9.29 -21.68 -22.42
CA THR A 4 7.89 -21.31 -22.36
C THR A 4 7.70 -19.86 -22.73
N TYR A 5 7.01 -19.61 -23.82
CA TYR A 5 6.80 -18.25 -24.31
C TYR A 5 5.79 -17.52 -23.43
N ILE A 6 6.12 -16.27 -23.10
CA ILE A 6 5.29 -15.44 -22.23
C ILE A 6 5.24 -16.06 -20.82
N ASP A 7 6.40 -16.50 -20.36
CA ASP A 7 6.53 -17.07 -19.02
C ASP A 7 7.27 -16.09 -18.11
N SER A 8 8.18 -15.34 -18.73
CA SER A 8 8.92 -14.26 -18.06
C SER A 8 9.90 -14.80 -17.03
N LEU A 9 10.28 -16.07 -17.17
CA LEU A 9 11.20 -16.76 -16.24
C LEU A 9 10.55 -17.01 -14.88
N ASP A 10 9.95 -15.99 -14.31
CA ASP A 10 9.24 -16.12 -13.05
C ASP A 10 7.75 -16.26 -13.31
N PRO A 11 7.16 -17.37 -12.86
CA PRO A 11 5.75 -17.70 -13.14
C PRO A 11 4.77 -16.64 -12.63
N GLU A 12 4.37 -15.75 -13.52
CA GLU A 12 3.42 -14.71 -13.18
C GLU A 12 2.00 -15.15 -13.54
N LYS A 13 1.23 -15.51 -12.54
CA LYS A 13 -0.14 -15.96 -12.76
C LYS A 13 -1.10 -15.12 -11.93
N LEU A 14 -1.28 -15.49 -10.67
CA LEU A 14 -2.09 -14.71 -9.75
C LEU A 14 -1.19 -13.88 -8.83
N LEU A 15 -1.42 -12.59 -8.81
CA LEU A 15 -0.67 -11.70 -7.94
C LEU A 15 -1.54 -11.23 -6.79
N GLN A 16 -0.98 -11.23 -5.59
CA GLN A 16 -1.71 -10.84 -4.40
C GLN A 16 -1.71 -9.31 -4.28
N CYS A 17 -2.78 -8.77 -3.72
CA CYS A 17 -2.94 -7.33 -3.58
C CYS A 17 -2.30 -6.85 -2.29
N PRO A 18 -1.40 -5.86 -2.39
CA PRO A 18 -0.68 -5.31 -1.22
C PRO A 18 -1.62 -4.59 -0.25
N TYR A 19 -2.75 -4.12 -0.76
CA TYR A 19 -3.71 -3.41 0.08
C TYR A 19 -4.63 -4.38 0.80
N ASP A 20 -5.03 -5.44 0.13
CA ASP A 20 -5.91 -6.43 0.73
C ASP A 20 -5.61 -7.82 0.19
N LYS A 21 -5.28 -8.73 1.10
CA LYS A 21 -4.83 -10.06 0.73
C LYS A 21 -5.95 -10.90 0.10
N ASN A 22 -7.19 -10.44 0.21
CA ASN A 22 -8.32 -11.19 -0.33
C ASN A 22 -8.50 -10.88 -1.81
N HIS A 23 -7.63 -10.06 -2.37
CA HIS A 23 -7.70 -9.72 -3.78
C HIS A 23 -6.62 -10.49 -4.53
N GLN A 24 -7.05 -11.38 -5.40
CA GLN A 24 -6.12 -12.15 -6.23
C GLN A 24 -6.42 -11.88 -7.70
N ILE A 25 -5.53 -11.16 -8.36
CA ILE A 25 -5.76 -10.75 -9.74
C ILE A 25 -4.62 -11.23 -10.63
N ARG A 26 -4.97 -11.71 -11.82
CA ARG A 26 -3.98 -12.18 -12.78
C ARG A 26 -3.07 -11.03 -13.21
N ALA A 27 -1.81 -11.37 -13.44
CA ALA A 27 -0.73 -10.39 -13.64
C ALA A 27 -1.06 -9.32 -14.68
N SER A 28 -1.84 -9.67 -15.68
CA SER A 28 -2.18 -8.74 -16.75
C SER A 28 -3.13 -7.64 -16.27
N ARG A 29 -3.96 -7.96 -15.29
CA ARG A 29 -4.97 -7.02 -14.80
C ARG A 29 -4.55 -6.41 -13.47
N PHE A 30 -3.44 -6.90 -12.92
CA PHE A 30 -2.97 -6.49 -11.60
C PHE A 30 -2.66 -4.99 -11.52
N PRO A 31 -1.83 -4.44 -12.45
CA PRO A 31 -1.45 -3.02 -12.41
C PRO A 31 -2.67 -2.09 -12.38
N TYR A 32 -3.74 -2.50 -13.05
CA TYR A 32 -4.95 -1.70 -13.12
C TYR A 32 -5.75 -1.84 -11.83
N HIS A 33 -5.64 -3.00 -11.18
CA HIS A 33 -6.29 -3.21 -9.89
C HIS A 33 -5.57 -2.41 -8.83
N LEU A 34 -4.26 -2.26 -8.98
CA LEU A 34 -3.47 -1.49 -8.04
C LEU A 34 -3.96 -0.04 -8.00
N ILE A 35 -4.25 0.50 -9.17
CA ILE A 35 -4.75 1.85 -9.29
C ILE A 35 -6.18 1.95 -8.74
N LYS A 36 -7.02 1.02 -9.17
CA LYS A 36 -8.42 0.99 -8.78
C LYS A 36 -8.57 0.79 -7.27
N CYS A 37 -7.74 -0.08 -6.73
CA CYS A 37 -7.82 -0.45 -5.32
C CYS A 37 -7.34 0.71 -4.45
N ARG A 38 -6.36 1.45 -4.96
CA ARG A 38 -5.79 2.59 -4.24
C ARG A 38 -6.82 3.72 -4.12
N LYS A 39 -7.48 4.04 -5.24
CA LYS A 39 -8.43 5.13 -5.26
C LYS A 39 -9.73 4.77 -4.52
N ASN A 40 -9.91 3.48 -4.28
CA ASN A 40 -11.08 3.01 -3.53
C ASN A 40 -10.76 2.83 -2.06
N HIS A 41 -9.48 2.96 -1.71
CA HIS A 41 -9.06 2.84 -0.32
C HIS A 41 -7.99 3.86 0.01
N PRO A 42 -8.31 5.16 -0.07
CA PRO A 42 -7.36 6.24 0.20
C PRO A 42 -6.93 6.28 1.66
N ASP A 43 -7.75 5.70 2.52
CA ASP A 43 -7.47 5.66 3.95
C ASP A 43 -6.20 4.89 4.24
N VAL A 44 -5.94 3.86 3.45
CA VAL A 44 -4.74 3.05 3.63
C VAL A 44 -3.55 3.76 2.98
N ALA A 45 -3.81 4.42 1.87
CA ALA A 45 -2.76 5.16 1.17
C ALA A 45 -2.29 6.37 1.98
N ASN A 46 -3.24 7.00 2.66
CA ASN A 46 -2.94 8.18 3.46
C ASN A 46 -2.79 7.83 4.93
N LYS A 47 -2.02 6.78 5.20
CA LYS A 47 -1.73 6.37 6.57
C LYS A 47 -0.57 7.18 7.15
N LEU A 48 -0.26 8.29 6.51
CA LEU A 48 0.79 9.18 6.96
C LEU A 48 0.20 10.44 7.58
N ALA A 49 0.95 11.03 8.49
CA ALA A 49 0.52 12.24 9.17
C ALA A 49 1.60 13.30 9.08
N THR A 50 1.20 14.56 9.19
CA THR A 50 2.12 15.67 9.07
C THR A 50 2.48 16.24 10.45
N CYS A 51 3.77 16.42 10.67
CA CYS A 51 4.27 17.02 11.90
C CYS A 51 3.83 18.47 12.01
N PRO A 52 3.16 18.84 13.11
CA PRO A 52 2.68 20.21 13.32
C PRO A 52 3.82 21.20 13.55
N PHE A 53 5.04 20.67 13.63
CA PHE A 53 6.21 21.52 13.84
C PHE A 53 7.10 21.56 12.61
N ASN A 54 6.79 20.77 11.59
CA ASN A 54 7.59 20.72 10.36
C ASN A 54 6.91 19.84 9.32
N ALA A 55 6.66 20.42 8.15
CA ALA A 55 5.97 19.72 7.06
C ALA A 55 6.86 18.64 6.45
N ARG A 56 8.16 18.75 6.69
CA ARG A 56 9.12 17.79 6.16
C ARG A 56 9.09 16.47 6.93
N HIS A 57 8.35 16.46 8.03
CA HIS A 57 8.26 15.27 8.86
C HIS A 57 6.93 14.56 8.64
N GLN A 58 6.95 13.49 7.87
CA GLN A 58 5.77 12.65 7.70
C GLN A 58 6.03 11.27 8.27
N VAL A 59 5.17 10.86 9.19
CA VAL A 59 5.28 9.55 9.81
C VAL A 59 3.92 8.86 9.78
N PRO A 60 3.88 7.53 9.83
CA PRO A 60 2.63 6.78 9.92
C PRO A 60 1.78 7.25 11.09
N ARG A 61 0.47 7.32 10.87
CA ARG A 61 -0.47 7.84 11.86
C ARG A 61 -0.44 7.02 13.14
N ALA A 62 0.05 5.79 13.03
CA ALA A 62 0.16 4.91 14.18
C ALA A 62 1.33 5.32 15.07
N GLU A 63 2.23 6.15 14.54
CA GLU A 63 3.41 6.57 15.27
C GLU A 63 3.54 8.10 15.28
N ILE A 64 2.44 8.80 15.03
CA ILE A 64 2.47 10.25 14.97
C ILE A 64 2.63 10.86 16.35
N SER A 65 1.95 10.29 17.34
CA SER A 65 2.03 10.79 18.71
C SER A 65 3.45 10.60 19.24
N HIS A 66 4.05 9.48 18.88
CA HIS A 66 5.42 9.19 19.28
C HIS A 66 6.37 10.23 18.69
N HIS A 67 6.06 10.70 17.48
CA HIS A 67 6.90 11.70 16.82
C HIS A 67 6.78 13.05 17.52
N ILE A 68 5.56 13.45 17.86
CA ILE A 68 5.36 14.73 18.57
C ILE A 68 6.03 14.69 19.94
N SER A 69 5.98 13.53 20.59
CA SER A 69 6.61 13.37 21.89
C SER A 69 8.12 13.62 21.80
N SER A 70 8.69 13.38 20.63
CA SER A 70 10.12 13.56 20.44
C SER A 70 10.42 14.72 19.47
N CYS A 71 9.40 15.51 19.15
CA CYS A 71 9.56 16.58 18.19
C CYS A 71 8.73 17.79 18.57
N ASP A 72 8.42 17.91 19.86
CA ASP A 72 7.75 19.10 20.37
C ASP A 72 8.72 20.28 20.30
N ASP A 73 9.98 19.97 20.56
CA ASP A 73 11.06 20.93 20.43
C ASP A 73 12.35 20.21 20.11
N LYS A 74 12.48 19.78 18.87
CA LYS A 74 13.69 19.12 18.42
C LYS A 74 14.84 20.13 18.38
N SER A 75 14.59 21.25 17.73
CA SER A 75 15.57 22.32 17.62
C SER A 75 14.91 23.59 17.09
N SER A 76 13.94 24.10 17.85
CA SER A 76 13.14 25.24 17.42
C SER A 76 13.89 26.55 17.64
N ILE A 77 15.13 26.61 17.18
CA ILE A 77 15.94 27.80 17.34
C ILE A 77 15.94 28.62 16.04
N GLU A 78 14.97 28.35 15.20
CA GLU A 78 14.81 29.06 13.93
C GLU A 78 13.35 29.42 13.69
N GLN A 79 12.56 29.38 14.76
CA GLN A 79 11.12 29.55 14.64
C GLN A 79 10.73 31.02 14.72
N ASP A 80 11.64 31.84 15.19
CA ASP A 80 11.37 33.28 15.32
C ASP A 80 12.59 34.07 14.87
ZN ZN B . -7.03 -4.90 -4.06
ZN ZN C . 8.67 16.47 13.51
#